data_8AAV
#
_entry.id   8AAV
#
_cell.length_a   181.440
_cell.length_b   181.440
_cell.length_c   181.440
_cell.angle_alpha   90.000
_cell.angle_beta   90.000
_cell.angle_gamma   90.000
#
_symmetry.space_group_name_H-M   'P 2 3'
#
loop_
_entity.id
_entity.type
_entity.pdbx_description
1 polymer 'Ferritin heavy chain, N-terminally processed'
2 non-polymer 2-bromanyl-N-decyl-ethanamide
3 non-polymer 'FE (III) ION'
4 non-polymer 'MAGNESIUM ION'
5 water water
#
_entity_poly.entity_id   1
_entity_poly.type   'polypeptide(L)'
_entity_poly.pdbx_seq_one_letter_code
;TTASTSQVRQNYHQDSEEAINRQINLELYASYVYLSMSYYFDRDDVALKNFACYFLHQSHEERCHAEKLMKLQNQRGGRI
FLQDIQKPDEDDWESGLNAMEEALELEKNVNQSLLELHKLATDKNDPHLADFIETHYLNEQVCAIKELGDHVTNLRKMGA
PESGLAEYLFDKHTLGDSDNES
;
_entity_poly.pdbx_strand_id   A,B,C,D,E,F,G,H
#
# COMPACT_ATOMS: atom_id res chain seq x y z
N SER A 4 27.85 32.36 10.70
CA SER A 4 27.24 31.19 11.36
C SER A 4 25.96 30.77 10.61
N THR A 5 25.23 31.69 9.97
CA THR A 5 23.93 31.40 9.31
C THR A 5 24.15 30.64 8.00
N SER A 6 23.48 29.50 7.82
CA SER A 6 23.53 28.71 6.58
C SER A 6 23.11 29.62 5.43
N GLN A 7 23.76 29.47 4.29
CA GLN A 7 23.36 30.15 3.03
C GLN A 7 21.95 29.72 2.61
N VAL A 8 21.42 28.56 3.02
CA VAL A 8 20.05 28.15 2.60
C VAL A 8 18.97 28.67 3.57
N ARG A 9 19.34 29.10 4.77
CA ARG A 9 18.33 29.33 5.85
C ARG A 9 17.39 30.48 5.48
N GLN A 10 16.09 30.25 5.62
CA GLN A 10 15.09 31.30 5.34
C GLN A 10 13.81 30.97 6.13
N ASN A 11 13.35 31.92 6.93
CA ASN A 11 12.08 31.82 7.69
C ASN A 11 12.12 30.58 8.61
N TYR A 12 13.28 30.20 9.12
CA TYR A 12 13.46 29.00 9.99
C TYR A 12 13.88 29.46 11.40
N HIS A 13 12.94 29.49 12.35
CA HIS A 13 13.18 29.99 13.71
C HIS A 13 14.14 29.07 14.48
N GLN A 14 15.05 29.63 15.28
CA GLN A 14 15.91 28.79 16.18
C GLN A 14 15.05 27.84 17.03
N ASP A 15 13.85 28.25 17.47
CA ASP A 15 13.00 27.38 18.32
C ASP A 15 12.55 26.15 17.50
N SER A 16 12.19 26.33 16.24
CA SER A 16 11.77 25.24 15.32
C SER A 16 12.96 24.27 15.14
N GLU A 17 14.16 24.79 14.87
CA GLU A 17 15.41 23.99 14.72
C GLU A 17 15.62 23.14 15.97
N GLU A 18 15.47 23.73 17.15
CA GLU A 18 15.65 22.98 18.42
C GLU A 18 14.53 21.92 18.54
N ALA A 19 13.27 22.27 18.23
CA ALA A 19 12.13 21.35 18.36
C ALA A 19 12.33 20.17 17.40
N ILE A 20 12.90 20.43 16.22
CA ILE A 20 13.21 19.34 15.25
C ILE A 20 14.27 18.38 15.85
N ASN A 21 15.33 18.88 16.48
CA ASN A 21 16.34 18.01 17.15
C ASN A 21 15.67 17.17 18.24
N ARG A 22 14.70 17.71 18.99
CA ARG A 22 14.01 16.92 20.05
C ARG A 22 13.14 15.83 19.41
N GLN A 23 12.51 16.16 18.28
CA GLN A 23 11.64 15.19 17.59
C GLN A 23 12.51 14.05 17.00
N ILE A 24 13.68 14.33 16.47
CA ILE A 24 14.58 13.29 15.91
C ILE A 24 14.86 12.29 17.03
N ASN A 25 15.20 12.81 18.22
CA ASN A 25 15.46 11.96 19.40
C ASN A 25 14.25 11.06 19.71
N LEU A 26 13.06 11.63 19.79
CA LEU A 26 11.82 10.88 20.12
C LEU A 26 11.54 9.80 19.06
N GLU A 27 11.81 10.06 17.79
CA GLU A 27 11.54 9.05 16.74
C GLU A 27 12.56 7.92 16.91
N LEU A 28 13.83 8.23 17.22
CA LEU A 28 14.83 7.18 17.46
C LEU A 28 14.44 6.37 18.71
N TYR A 29 13.99 7.03 19.73
CA TYR A 29 13.45 6.40 20.95
C TYR A 29 12.33 5.40 20.61
N ALA A 30 11.32 5.83 19.84
CA ALA A 30 10.20 4.96 19.43
C ALA A 30 10.75 3.76 18.65
N SER A 31 11.71 3.95 17.74
CA SER A 31 12.36 2.82 17.02
C SER A 31 12.91 1.80 18.03
N TYR A 32 13.60 2.28 19.07
CA TYR A 32 14.23 1.42 20.09
C TYR A 32 13.17 0.70 20.93
N VAL A 33 12.05 1.36 21.25
CA VAL A 33 10.95 0.69 21.99
C VAL A 33 10.46 -0.52 21.16
N TYR A 34 10.16 -0.30 19.90
CA TYR A 34 9.61 -1.34 19.01
C TYR A 34 10.64 -2.44 18.79
N LEU A 35 11.94 -2.11 18.74
CA LEU A 35 12.99 -3.15 18.61
C LEU A 35 12.90 -4.05 19.86
N SER A 36 12.82 -3.44 21.04
CA SER A 36 12.77 -4.18 22.32
C SER A 36 11.52 -5.10 22.28
N MET A 37 10.38 -4.53 21.89
CA MET A 37 9.14 -5.34 21.87
C MET A 37 9.32 -6.52 20.93
N SER A 38 9.92 -6.26 19.77
CA SER A 38 10.06 -7.28 18.71
C SER A 38 10.78 -8.51 19.32
N TYR A 39 11.93 -8.29 19.97
CA TYR A 39 12.78 -9.41 20.48
C TYR A 39 12.19 -10.04 21.77
N TYR A 40 11.28 -9.35 22.44
CA TYR A 40 10.51 -9.99 23.53
C TYR A 40 9.69 -11.15 22.93
N PHE A 41 9.03 -10.93 21.79
CA PHE A 41 8.09 -11.94 21.24
C PHE A 41 8.89 -13.07 20.56
N ASP A 42 10.19 -12.86 20.29
CA ASP A 42 11.10 -13.90 19.77
C ASP A 42 11.65 -14.79 20.89
N ARG A 43 11.45 -14.46 22.16
CA ARG A 43 11.92 -15.34 23.26
C ARG A 43 11.26 -16.72 23.10
N ASP A 44 11.99 -17.77 23.48
CA ASP A 44 11.49 -19.16 23.47
C ASP A 44 10.27 -19.31 24.41
N ASP A 45 10.14 -18.49 25.46
CA ASP A 45 9.06 -18.58 26.48
C ASP A 45 7.92 -17.61 26.10
N VAL A 46 7.94 -16.99 24.91
CA VAL A 46 6.83 -16.08 24.45
C VAL A 46 6.43 -16.59 23.09
N ALA A 47 7.37 -16.57 22.13
CA ALA A 47 7.31 -17.34 20.87
C ALA A 47 6.07 -16.96 20.05
N LEU A 48 5.85 -15.66 19.84
CA LEU A 48 4.75 -15.20 18.94
C LEU A 48 5.40 -14.46 17.75
N LYS A 49 5.69 -15.17 16.67
CA LYS A 49 6.63 -14.69 15.59
C LYS A 49 6.03 -13.52 14.83
N ASN A 50 4.71 -13.51 14.67
CA ASN A 50 4.06 -12.43 13.89
C ASN A 50 3.97 -11.16 14.74
N PHE A 51 3.81 -11.27 16.06
CA PHE A 51 4.02 -10.09 16.93
C PHE A 51 5.45 -9.58 16.76
N ALA A 52 6.44 -10.50 16.76
CA ALA A 52 7.85 -10.10 16.61
C ALA A 52 8.04 -9.38 15.28
N CYS A 53 7.52 -9.94 14.17
CA CYS A 53 7.66 -9.30 12.84
C CYS A 53 6.96 -7.95 12.83
N TYR A 54 5.76 -7.86 13.36
CA TYR A 54 4.94 -6.62 13.37
C TYR A 54 5.76 -5.49 14.04
N PHE A 55 6.31 -5.74 15.23
CA PHE A 55 7.06 -4.72 15.99
C PHE A 55 8.43 -4.43 15.35
N LEU A 56 9.08 -5.37 14.66
CA LEU A 56 10.37 -5.08 13.96
C LEU A 56 10.11 -4.14 12.77
N HIS A 57 9.01 -4.37 12.03
CA HIS A 57 8.55 -3.48 10.95
C HIS A 57 8.31 -2.08 11.52
N GLN A 58 7.62 -1.97 12.66
CA GLN A 58 7.36 -0.66 13.29
C GLN A 58 8.70 0.02 13.63
N SER A 59 9.64 -0.73 14.19
CA SER A 59 11.00 -0.23 14.55
C SER A 59 11.65 0.40 13.32
N HIS A 60 11.65 -0.29 12.19
CA HIS A 60 12.31 0.23 10.94
C HIS A 60 11.57 1.48 10.44
N GLU A 61 10.25 1.53 10.57
CA GLU A 61 9.49 2.71 10.10
C GLU A 61 9.87 3.93 10.96
N GLU A 62 10.02 3.78 12.28
CA GLU A 62 10.38 4.87 13.20
C GLU A 62 11.78 5.39 12.88
N ARG A 63 12.68 4.50 12.47
CA ARG A 63 14.01 4.92 12.01
C ARG A 63 13.87 5.78 10.74
N CYS A 64 13.04 5.39 9.79
CA CYS A 64 12.68 6.25 8.61
C CYS A 64 12.14 7.61 9.05
N HIS A 65 11.27 7.68 10.05
CA HIS A 65 10.68 8.95 10.56
C HIS A 65 11.80 9.86 11.04
N ALA A 66 12.77 9.30 11.76
CA ALA A 66 13.95 10.04 12.28
C ALA A 66 14.79 10.58 11.13
N GLU A 67 15.13 9.72 10.15
CA GLU A 67 16.02 10.08 9.03
C GLU A 67 15.36 11.20 8.22
N LYS A 68 14.05 11.17 8.03
CA LYS A 68 13.37 12.21 7.21
C LYS A 68 13.43 13.56 7.95
N LEU A 69 13.36 13.56 9.29
CA LEU A 69 13.51 14.82 10.05
C LEU A 69 14.94 15.34 9.99
N MET A 70 15.93 14.46 9.97
CA MET A 70 17.34 14.86 9.85
C MET A 70 17.52 15.51 8.47
N LYS A 71 16.93 14.92 7.42
CA LYS A 71 16.98 15.48 6.05
C LYS A 71 16.35 16.87 6.09
N LEU A 72 15.17 17.02 6.72
CA LEU A 72 14.45 18.33 6.85
C LEU A 72 15.35 19.35 7.53
N GLN A 73 15.98 18.98 8.65
CA GLN A 73 16.87 19.89 9.39
C GLN A 73 17.89 20.49 8.40
N ASN A 74 18.60 19.65 7.69
CA ASN A 74 19.63 20.09 6.72
C ASN A 74 18.98 20.86 5.55
N GLN A 75 17.82 20.44 5.05
CA GLN A 75 17.11 21.19 3.95
C GLN A 75 16.87 22.64 4.33
N ARG A 76 16.52 22.90 5.59
CA ARG A 76 16.13 24.25 6.08
C ARG A 76 17.37 24.98 6.63
N GLY A 77 18.52 24.32 6.64
CA GLY A 77 19.78 24.96 7.06
C GLY A 77 19.94 24.97 8.57
N GLY A 78 19.16 24.20 9.31
CA GLY A 78 19.44 23.94 10.74
C GLY A 78 20.51 22.89 10.91
N ARG A 79 20.96 22.69 12.14
CA ARG A 79 22.14 21.86 12.43
C ARG A 79 21.66 20.75 13.35
N ILE A 80 21.92 19.50 12.95
CA ILE A 80 21.55 18.30 13.75
C ILE A 80 22.44 18.22 14.99
N PHE A 81 21.81 18.07 16.15
CA PHE A 81 22.49 17.75 17.45
C PHE A 81 21.77 16.54 18.00
N LEU A 82 22.42 15.40 17.89
CA LEU A 82 21.88 14.12 18.42
C LEU A 82 22.09 14.07 19.94
N GLN A 83 21.25 13.31 20.63
CA GLN A 83 21.33 13.07 22.08
C GLN A 83 21.28 11.54 22.29
N ASP A 84 21.64 11.08 23.49
CA ASP A 84 21.52 9.65 23.85
C ASP A 84 20.10 9.17 23.49
N ILE A 85 19.99 7.95 23.03
CA ILE A 85 18.66 7.29 22.82
C ILE A 85 18.40 6.47 24.09
N GLN A 86 17.45 6.89 24.91
CA GLN A 86 17.15 6.22 26.22
C GLN A 86 16.59 4.83 25.97
N LYS A 87 16.96 3.87 26.80
CA LYS A 87 16.39 2.52 26.68
C LYS A 87 14.90 2.57 27.03
N PRO A 88 14.11 1.60 26.55
CA PRO A 88 12.68 1.60 26.87
C PRO A 88 12.38 1.40 28.37
N ASP A 89 11.14 1.71 28.75
CA ASP A 89 10.69 1.64 30.18
C ASP A 89 10.63 0.21 30.66
N GLU A 90 10.51 -0.77 29.77
CA GLU A 90 10.41 -2.18 30.19
C GLU A 90 11.48 -3.00 29.45
N ASP A 91 11.89 -4.09 30.10
CA ASP A 91 12.66 -5.19 29.45
C ASP A 91 11.74 -6.34 29.02
N ASP A 92 10.70 -6.58 29.81
CA ASP A 92 9.71 -7.67 29.69
C ASP A 92 8.37 -6.99 29.42
N TRP A 93 7.76 -7.27 28.28
CA TRP A 93 6.53 -6.58 27.85
C TRP A 93 5.27 -7.37 28.25
N GLU A 94 5.40 -8.49 28.97
CA GLU A 94 4.30 -9.24 29.68
C GLU A 94 3.41 -10.03 28.73
N SER A 95 2.89 -9.43 27.66
CA SER A 95 1.94 -10.11 26.75
C SER A 95 1.76 -9.33 25.45
N GLY A 96 1.22 -9.98 24.42
CA GLY A 96 0.78 -9.33 23.18
C GLY A 96 -0.14 -8.14 23.46
N LEU A 97 -1.14 -8.32 24.33
CA LEU A 97 -2.06 -7.20 24.67
C LEU A 97 -1.30 -6.06 25.33
N ASN A 98 -0.48 -6.35 26.34
CA ASN A 98 0.25 -5.28 27.08
C ASN A 98 1.18 -4.52 26.12
N ALA A 99 1.87 -5.21 25.22
CA ALA A 99 2.76 -4.57 24.21
C ALA A 99 1.96 -3.66 23.29
N MET A 100 0.78 -4.09 22.84
CA MET A 100 -0.07 -3.25 21.97
C MET A 100 -0.56 -2.03 22.76
N GLU A 101 -0.91 -2.16 24.03
CA GLU A 101 -1.37 -1.00 24.84
C GLU A 101 -0.21 -0.02 25.04
N GLU A 102 0.99 -0.53 25.28
CA GLU A 102 2.18 0.33 25.46
C GLU A 102 2.49 1.05 24.14
N ALA A 103 2.35 0.38 22.99
CA ALA A 103 2.61 1.00 21.67
C ALA A 103 1.56 2.09 21.41
N LEU A 104 0.31 1.84 21.74
CA LEU A 104 -0.77 2.86 21.60
C LEU A 104 -0.41 4.10 22.41
N GLU A 105 0.03 3.94 23.67
CA GLU A 105 0.38 5.09 24.53
C GLU A 105 1.58 5.81 23.90
N LEU A 106 2.60 5.06 23.47
CA LEU A 106 3.81 5.64 22.81
C LEU A 106 3.36 6.50 21.61
N GLU A 107 2.50 5.96 20.75
CA GLU A 107 2.10 6.65 19.50
C GLU A 107 1.30 7.91 19.86
N LYS A 108 0.47 7.91 20.89
CA LYS A 108 -0.26 9.12 21.31
C LYS A 108 0.74 10.14 21.90
N ASN A 109 1.78 9.69 22.59
CA ASN A 109 2.83 10.59 23.15
C ASN A 109 3.61 11.22 21.99
N VAL A 110 3.95 10.42 20.97
CA VAL A 110 4.66 10.97 19.78
C VAL A 110 3.74 11.97 19.05
N ASN A 111 2.46 11.66 18.93
CA ASN A 111 1.48 12.52 18.24
C ASN A 111 1.40 13.84 19.00
N GLN A 112 1.35 13.81 20.34
CA GLN A 112 1.27 15.04 21.15
C GLN A 112 2.50 15.90 20.82
N SER A 113 3.68 15.30 20.80
CA SER A 113 4.94 16.06 20.48
C SER A 113 4.82 16.70 19.07
N LEU A 114 4.35 15.95 18.06
CA LEU A 114 4.16 16.46 16.68
C LEU A 114 3.14 17.60 16.65
N LEU A 115 2.04 17.49 17.41
CA LEU A 115 1.02 18.59 17.50
C LEU A 115 1.65 19.83 18.13
N GLU A 116 2.47 19.68 19.16
CA GLU A 116 3.20 20.83 19.75
C GLU A 116 4.17 21.43 18.75
N LEU A 117 4.83 20.61 17.93
CA LEU A 117 5.79 21.08 16.89
C LEU A 117 4.99 21.83 15.82
N HIS A 118 3.82 21.35 15.44
CA HIS A 118 2.96 22.02 14.44
C HIS A 118 2.53 23.39 15.00
N LYS A 119 2.16 23.45 16.28
CA LYS A 119 1.73 24.70 16.94
C LYS A 119 2.89 25.70 16.90
N LEU A 120 4.12 25.23 17.15
CA LEU A 120 5.33 26.08 17.10
C LEU A 120 5.54 26.59 15.67
N ALA A 121 5.49 25.72 14.66
CA ALA A 121 5.58 26.13 13.23
C ALA A 121 4.50 27.19 12.91
N THR A 122 3.26 27.01 13.37
CA THR A 122 2.16 27.97 13.17
C THR A 122 2.47 29.30 13.87
N ASP A 123 2.88 29.28 15.13
CA ASP A 123 3.19 30.51 15.92
C ASP A 123 4.39 31.24 15.29
N LYS A 124 5.36 30.53 14.68
CA LYS A 124 6.49 31.21 14.03
C LYS A 124 6.20 31.47 12.54
N ASN A 125 5.00 31.25 12.05
CA ASN A 125 4.58 31.57 10.64
C ASN A 125 5.56 30.88 9.68
N ASP A 126 5.76 29.58 9.88
CA ASP A 126 6.63 28.73 9.05
C ASP A 126 5.73 27.73 8.34
N PRO A 127 5.13 28.10 7.20
CA PRO A 127 4.15 27.23 6.53
C PRO A 127 4.80 26.00 5.88
N HIS A 128 6.06 26.11 5.47
CA HIS A 128 6.79 24.93 4.91
C HIS A 128 6.84 23.84 6.00
N LEU A 129 7.22 24.23 7.20
CA LEU A 129 7.40 23.26 8.31
C LEU A 129 6.04 22.71 8.75
N ALA A 130 5.02 23.56 8.83
CA ALA A 130 3.61 23.18 9.14
C ALA A 130 3.17 22.13 8.15
N ASP A 131 3.40 22.39 6.85
CA ASP A 131 2.99 21.49 5.75
C ASP A 131 3.76 20.16 5.88
N PHE A 132 5.06 20.22 6.16
CA PHE A 132 5.92 19.01 6.27
C PHE A 132 5.36 18.06 7.35
N ILE A 133 5.02 18.63 8.51
CA ILE A 133 4.51 17.88 9.68
C ILE A 133 3.14 17.28 9.34
N GLU A 134 2.24 18.05 8.73
CA GLU A 134 0.92 17.56 8.27
C GLU A 134 1.09 16.46 7.24
N THR A 135 1.95 16.67 6.25
CA THR A 135 2.03 15.78 5.05
C THR A 135 2.71 14.47 5.43
N HIS A 136 3.76 14.51 6.23
CA HIS A 136 4.56 13.29 6.46
C HIS A 136 4.31 12.65 7.85
N TYR A 137 3.72 13.34 8.82
CA TYR A 137 3.70 12.79 10.21
C TYR A 137 2.26 12.70 10.75
N LEU A 138 1.46 13.76 10.65
CA LEU A 138 0.18 13.79 11.41
C LEU A 138 -0.81 12.72 10.90
N ASN A 139 -0.96 12.46 9.59
CA ASN A 139 -1.96 11.43 9.16
C ASN A 139 -1.35 10.05 9.44
N GLU A 140 -0.03 9.90 9.28
CA GLU A 140 0.64 8.63 9.66
C GLU A 140 0.31 8.33 11.13
N GLN A 141 0.38 9.30 12.03
CA GLN A 141 0.12 9.05 13.45
C GLN A 141 -1.34 8.63 13.66
N VAL A 142 -2.29 9.33 13.07
CA VAL A 142 -3.73 9.00 13.22
C VAL A 142 -3.99 7.59 12.71
N CYS A 143 -3.41 7.19 11.58
CA CYS A 143 -3.50 5.79 11.07
C CYS A 143 -2.88 4.78 12.05
N ALA A 144 -1.69 5.07 12.59
CA ALA A 144 -0.99 4.17 13.54
C ALA A 144 -1.85 3.97 14.79
N ILE A 145 -2.40 5.06 15.36
CA ILE A 145 -3.18 5.06 16.61
C ILE A 145 -4.49 4.27 16.37
N LYS A 146 -5.14 4.45 15.25
CA LYS A 146 -6.39 3.69 14.93
C LYS A 146 -6.08 2.18 14.79
N GLU A 147 -5.02 1.82 14.11
CA GLU A 147 -4.64 0.38 13.98
C GLU A 147 -4.36 -0.20 15.36
N LEU A 148 -3.54 0.45 16.19
CA LEU A 148 -3.22 -0.09 17.54
C LEU A 148 -4.49 -0.19 18.40
N GLY A 149 -5.40 0.79 18.33
CA GLY A 149 -6.70 0.69 19.02
C GLY A 149 -7.48 -0.53 18.54
N ASP A 150 -7.54 -0.74 17.23
CA ASP A 150 -8.25 -1.90 16.65
C ASP A 150 -7.61 -3.18 17.21
N HIS A 151 -6.28 -3.27 17.24
CA HIS A 151 -5.58 -4.47 17.74
C HIS A 151 -5.89 -4.69 19.23
N VAL A 152 -5.81 -3.64 20.06
CA VAL A 152 -6.13 -3.73 21.51
C VAL A 152 -7.55 -4.27 21.66
N THR A 153 -8.51 -3.73 20.90
CA THR A 153 -9.93 -4.07 21.06
C THR A 153 -10.10 -5.58 20.78
N ASN A 154 -9.58 -6.04 19.66
CA ASN A 154 -9.71 -7.47 19.27
C ASN A 154 -9.06 -8.40 20.32
N LEU A 155 -7.88 -8.07 20.79
CA LEU A 155 -7.19 -8.91 21.80
C LEU A 155 -8.03 -8.98 23.08
N ARG A 156 -8.53 -7.85 23.55
CA ARG A 156 -9.41 -7.78 24.75
C ARG A 156 -10.65 -8.63 24.49
N LYS A 157 -11.32 -8.43 23.37
CA LYS A 157 -12.58 -9.17 23.08
C LYS A 157 -12.29 -10.67 22.97
N MET A 158 -11.15 -11.06 22.43
CA MET A 158 -10.80 -12.50 22.34
C MET A 158 -10.51 -13.12 23.71
N GLY A 159 -10.21 -12.35 24.74
CA GLY A 159 -9.90 -12.84 26.09
C GLY A 159 -8.44 -12.68 26.48
N ALA A 160 -7.62 -11.95 25.73
CA ALA A 160 -6.23 -11.74 26.16
C ALA A 160 -6.24 -10.84 27.39
N PRO A 161 -5.18 -10.85 28.25
CA PRO A 161 -3.97 -11.65 28.03
C PRO A 161 -4.04 -13.03 28.67
N GLU A 162 -5.10 -13.29 29.45
CA GLU A 162 -5.26 -14.55 30.19
C GLU A 162 -5.37 -15.73 29.23
N SER A 163 -6.10 -15.59 28.12
CA SER A 163 -6.24 -16.65 27.10
C SER A 163 -5.00 -16.63 26.22
N GLY A 164 -4.08 -17.57 26.45
CA GLY A 164 -2.91 -17.71 25.58
C GLY A 164 -3.38 -18.17 24.20
N LEU A 165 -4.54 -18.87 24.14
CA LEU A 165 -5.19 -19.24 22.84
C LEU A 165 -5.52 -17.97 22.05
N ALA A 166 -6.05 -16.95 22.71
CA ALA A 166 -6.37 -15.68 22.04
C ALA A 166 -5.12 -15.06 21.39
N GLU A 167 -4.02 -14.91 22.13
CA GLU A 167 -2.83 -14.24 21.54
C GLU A 167 -2.28 -15.08 20.39
N TYR A 168 -2.32 -16.41 20.53
CA TYR A 168 -1.83 -17.33 19.48
C TYR A 168 -2.64 -17.10 18.20
N LEU A 169 -3.98 -17.08 18.32
CA LEU A 169 -4.87 -16.97 17.15
C LEU A 169 -4.81 -15.56 16.54
N PHE A 170 -4.61 -14.52 17.37
CA PHE A 170 -4.45 -13.13 16.90
C PHE A 170 -3.14 -13.02 16.12
N ASP A 171 -2.08 -13.63 16.66
CA ASP A 171 -0.76 -13.69 16.01
C ASP A 171 -0.90 -14.30 14.62
N LYS A 172 -1.65 -15.40 14.50
CA LYS A 172 -1.84 -16.09 13.19
C LYS A 172 -2.74 -15.29 12.26
N HIS A 173 -3.92 -14.89 12.70
CA HIS A 173 -5.03 -14.46 11.79
C HIS A 173 -5.02 -12.95 11.55
N THR A 174 -4.55 -12.12 12.48
CA THR A 174 -4.44 -10.65 12.26
C THR A 174 -3.01 -10.30 11.83
N LEU A 175 -1.99 -10.68 12.56
CA LEU A 175 -0.64 -10.18 12.25
C LEU A 175 0.03 -11.10 11.23
N GLY A 176 -0.46 -12.30 10.92
CA GLY A 176 0.27 -13.28 10.07
C GLY A 176 -0.13 -13.26 8.60
N THR B 5 -27.79 -68.49 -21.85
CA THR B 5 -26.36 -68.16 -21.48
C THR B 5 -25.75 -67.10 -22.42
N SER B 6 -25.18 -66.04 -21.87
CA SER B 6 -24.43 -65.02 -22.66
C SER B 6 -23.28 -65.68 -23.42
N GLN B 7 -23.07 -65.27 -24.68
CA GLN B 7 -21.89 -65.71 -25.47
C GLN B 7 -20.58 -65.29 -24.75
N VAL B 8 -20.59 -64.33 -23.82
CA VAL B 8 -19.29 -63.95 -23.17
C VAL B 8 -19.05 -64.73 -21.87
N ARG B 9 -20.06 -65.40 -21.34
CA ARG B 9 -20.03 -65.90 -19.95
C ARG B 9 -19.01 -67.02 -19.81
N GLN B 10 -18.12 -66.94 -18.82
CA GLN B 10 -17.13 -68.00 -18.60
C GLN B 10 -16.69 -67.93 -17.14
N ASN B 11 -16.81 -69.04 -16.44
CA ASN B 11 -16.37 -69.18 -15.03
C ASN B 11 -17.09 -68.17 -14.12
N TYR B 12 -18.34 -67.82 -14.42
CA TYR B 12 -19.10 -66.79 -13.64
C TYR B 12 -20.30 -67.45 -12.98
N HIS B 13 -20.21 -67.74 -11.70
CA HIS B 13 -21.25 -68.55 -11.01
C HIS B 13 -22.53 -67.71 -10.91
N GLN B 14 -23.70 -68.33 -11.00
CA GLN B 14 -25.01 -67.69 -10.69
C GLN B 14 -25.01 -66.99 -9.31
N ASP B 15 -24.39 -67.56 -8.29
CA ASP B 15 -24.38 -66.95 -6.93
C ASP B 15 -23.62 -65.61 -6.99
N SER B 16 -22.54 -65.58 -7.75
CA SER B 16 -21.67 -64.40 -7.96
C SER B 16 -22.50 -63.32 -8.64
N GLU B 17 -23.19 -63.67 -9.72
CA GLU B 17 -24.06 -62.73 -10.48
C GLU B 17 -25.07 -62.09 -9.50
N GLU B 18 -25.71 -62.93 -8.68
CA GLU B 18 -26.75 -62.46 -7.74
C GLU B 18 -26.09 -61.56 -6.70
N ALA B 19 -24.91 -61.94 -6.21
CA ALA B 19 -24.21 -61.15 -5.16
C ALA B 19 -23.82 -59.77 -5.74
N ILE B 20 -23.42 -59.71 -7.02
CA ILE B 20 -23.08 -58.42 -7.67
C ILE B 20 -24.34 -57.54 -7.76
N ASN B 21 -25.52 -58.09 -8.08
CA ASN B 21 -26.76 -57.27 -8.10
C ASN B 21 -27.05 -56.70 -6.68
N ARG B 22 -26.84 -57.49 -5.63
CA ARG B 22 -27.05 -57.01 -4.23
C ARG B 22 -26.05 -55.89 -3.96
N GLN B 23 -24.80 -56.05 -4.39
CA GLN B 23 -23.78 -55.04 -4.11
C GLN B 23 -24.14 -53.75 -4.86
N ILE B 24 -24.66 -53.84 -6.08
CA ILE B 24 -25.03 -52.63 -6.87
C ILE B 24 -26.04 -51.84 -6.04
N ASN B 25 -27.05 -52.52 -5.51
CA ASN B 25 -28.10 -51.88 -4.70
C ASN B 25 -27.44 -51.22 -3.48
N LEU B 26 -26.48 -51.86 -2.82
CA LEU B 26 -25.87 -51.31 -1.58
C LEU B 26 -25.02 -50.06 -1.90
N GLU B 27 -24.36 -50.01 -3.05
CA GLU B 27 -23.58 -48.82 -3.44
C GLU B 27 -24.58 -47.67 -3.69
N LEU B 28 -25.68 -47.92 -4.41
CA LEU B 28 -26.74 -46.90 -4.67
C LEU B 28 -27.36 -46.44 -3.35
N TYR B 29 -27.53 -47.35 -2.40
CA TYR B 29 -28.03 -46.99 -1.07
C TYR B 29 -27.05 -46.03 -0.36
N ALA B 30 -25.77 -46.36 -0.33
CA ALA B 30 -24.70 -45.50 0.25
C ALA B 30 -24.73 -44.12 -0.45
N SER B 31 -24.88 -44.06 -1.77
CA SER B 31 -24.95 -42.76 -2.50
C SER B 31 -26.06 -41.90 -1.91
N TYR B 32 -27.21 -42.53 -1.64
CA TYR B 32 -28.45 -41.86 -1.18
C TYR B 32 -28.27 -41.38 0.28
N VAL B 33 -27.65 -42.19 1.13
CA VAL B 33 -27.32 -41.76 2.54
C VAL B 33 -26.46 -40.49 2.47
N TYR B 34 -25.39 -40.49 1.71
CA TYR B 34 -24.48 -39.32 1.58
C TYR B 34 -25.23 -38.11 1.01
N LEU B 35 -26.11 -38.31 0.04
CA LEU B 35 -26.90 -37.19 -0.52
C LEU B 35 -27.75 -36.58 0.61
N SER B 36 -28.37 -37.43 1.42
CA SER B 36 -29.22 -36.99 2.55
C SER B 36 -28.36 -36.20 3.54
N MET B 37 -27.20 -36.72 3.90
CA MET B 37 -26.28 -36.03 4.83
C MET B 37 -25.90 -34.66 4.25
N SER B 38 -25.56 -34.63 2.97
CA SER B 38 -25.07 -33.39 2.33
C SER B 38 -26.08 -32.26 2.58
N TYR B 39 -27.34 -32.52 2.22
CA TYR B 39 -28.40 -31.47 2.25
C TYR B 39 -28.88 -31.20 3.66
N TYR B 40 -28.61 -32.07 4.61
CA TYR B 40 -28.80 -31.72 6.03
C TYR B 40 -27.86 -30.56 6.39
N PHE B 41 -26.60 -30.61 5.94
CA PHE B 41 -25.59 -29.56 6.30
C PHE B 41 -25.85 -28.27 5.51
N ASP B 42 -26.67 -28.33 4.46
CA ASP B 42 -27.12 -27.17 3.66
C ASP B 42 -28.30 -26.45 4.34
N ARG B 43 -28.95 -27.04 5.33
CA ARG B 43 -30.11 -26.39 6.01
C ARG B 43 -29.70 -25.06 6.63
N ASP B 44 -30.60 -24.07 6.66
CA ASP B 44 -30.23 -22.73 7.22
C ASP B 44 -29.92 -22.84 8.73
N ASP B 45 -30.43 -23.86 9.43
CA ASP B 45 -30.25 -24.04 10.91
C ASP B 45 -29.11 -25.03 11.22
N VAL B 46 -28.32 -25.40 10.23
CA VAL B 46 -27.10 -26.23 10.38
C VAL B 46 -25.92 -25.50 9.74
N ALA B 47 -25.95 -25.29 8.43
CA ALA B 47 -25.16 -24.26 7.71
C ALA B 47 -23.66 -24.55 7.83
N LEU B 48 -23.29 -25.79 7.56
CA LEU B 48 -21.86 -26.18 7.50
C LEU B 48 -21.59 -26.60 6.05
N LYS B 49 -21.16 -25.64 5.23
CA LYS B 49 -21.07 -25.81 3.75
C LYS B 49 -20.00 -26.83 3.38
N ASN B 50 -18.91 -26.94 4.15
CA ASN B 50 -17.81 -27.89 3.75
C ASN B 50 -18.21 -29.33 4.12
N PHE B 51 -18.90 -29.55 5.24
CA PHE B 51 -19.60 -30.83 5.52
C PHE B 51 -20.53 -31.15 4.34
N ALA B 52 -21.36 -30.20 3.90
CA ALA B 52 -22.26 -30.42 2.75
C ALA B 52 -21.43 -30.85 1.55
N CYS B 53 -20.36 -30.11 1.16
CA CYS B 53 -19.55 -30.44 -0.04
C CYS B 53 -18.91 -31.82 0.15
N TYR B 54 -18.38 -32.11 1.33
CA TYR B 54 -17.70 -33.40 1.60
C TYR B 54 -18.67 -34.58 1.33
N PHE B 55 -19.86 -34.52 1.91
CA PHE B 55 -20.86 -35.60 1.76
C PHE B 55 -21.39 -35.68 0.32
N LEU B 56 -21.57 -34.57 -0.40
CA LEU B 56 -22.05 -34.63 -1.80
C LEU B 56 -20.98 -35.31 -2.67
N HIS B 57 -19.70 -35.00 -2.43
CA HIS B 57 -18.60 -35.67 -3.16
C HIS B 57 -18.68 -37.17 -2.87
N GLN B 58 -18.83 -37.57 -1.59
CA GLN B 58 -18.99 -39.00 -1.20
C GLN B 58 -20.16 -39.62 -1.97
N SER B 59 -21.30 -38.92 -2.06
CA SER B 59 -22.53 -39.40 -2.76
C SER B 59 -22.20 -39.70 -4.22
N HIS B 60 -21.47 -38.81 -4.90
CA HIS B 60 -21.12 -39.00 -6.33
C HIS B 60 -20.15 -40.18 -6.46
N GLU B 61 -19.19 -40.34 -5.55
CA GLU B 61 -18.25 -41.48 -5.58
C GLU B 61 -19.02 -42.82 -5.46
N GLU B 62 -20.01 -42.92 -4.58
CA GLU B 62 -20.80 -44.16 -4.40
C GLU B 62 -21.57 -44.47 -5.69
N ARG B 63 -22.06 -43.44 -6.34
CA ARG B 63 -22.72 -43.64 -7.64
C ARG B 63 -21.71 -44.27 -8.61
N CYS B 64 -20.49 -43.75 -8.72
CA CYS B 64 -19.42 -44.36 -9.58
C CYS B 64 -19.16 -45.81 -9.17
N HIS B 65 -19.12 -46.12 -7.88
CA HIS B 65 -18.95 -47.52 -7.37
C HIS B 65 -20.06 -48.44 -7.93
N ALA B 66 -21.30 -47.97 -7.96
CA ALA B 66 -22.43 -48.78 -8.48
C ALA B 66 -22.27 -48.98 -9.98
N GLU B 67 -21.97 -47.91 -10.71
CA GLU B 67 -21.85 -47.97 -12.19
C GLU B 67 -20.73 -48.95 -12.56
N LYS B 68 -19.61 -48.94 -11.84
CA LYS B 68 -18.48 -49.86 -12.19
C LYS B 68 -18.89 -51.32 -11.97
N LEU B 69 -19.75 -51.59 -11.00
CA LEU B 69 -20.27 -52.95 -10.74
C LEU B 69 -21.28 -53.33 -11.82
N MET B 70 -22.08 -52.36 -12.26
CA MET B 70 -23.00 -52.62 -13.40
C MET B 70 -22.18 -52.97 -14.66
N LYS B 71 -21.09 -52.24 -14.90
CA LYS B 71 -20.19 -52.54 -16.04
C LYS B 71 -19.65 -53.96 -15.89
N LEU B 72 -19.19 -54.31 -14.68
CA LEU B 72 -18.61 -55.66 -14.40
C LEU B 72 -19.64 -56.74 -14.74
N GLN B 73 -20.87 -56.56 -14.28
CA GLN B 73 -21.95 -57.55 -14.47
C GLN B 73 -22.06 -57.84 -15.97
N ASN B 74 -22.15 -56.81 -16.80
CA ASN B 74 -22.28 -56.98 -18.26
C ASN B 74 -20.97 -57.54 -18.85
N GLN B 75 -19.79 -57.12 -18.37
CA GLN B 75 -18.49 -57.64 -18.88
C GLN B 75 -18.46 -59.16 -18.73
N ARG B 76 -18.99 -59.68 -17.61
CA ARG B 76 -18.91 -61.12 -17.28
C ARG B 76 -20.11 -61.86 -17.87
N GLY B 77 -21.08 -61.16 -18.43
CA GLY B 77 -22.22 -61.79 -19.09
C GLY B 77 -23.34 -62.11 -18.11
N GLY B 78 -23.31 -61.51 -16.92
CA GLY B 78 -24.45 -61.48 -16.01
C GLY B 78 -25.51 -60.49 -16.42
N ARG B 79 -26.65 -60.51 -15.74
CA ARG B 79 -27.80 -59.66 -16.11
C ARG B 79 -28.13 -58.78 -14.90
N ILE B 80 -28.08 -57.48 -15.11
CA ILE B 80 -28.42 -56.47 -14.07
C ILE B 80 -29.92 -56.56 -13.75
N PHE B 81 -30.22 -56.74 -12.48
CA PHE B 81 -31.58 -56.62 -11.92
C PHE B 81 -31.51 -55.59 -10.80
N LEU B 82 -32.06 -54.42 -11.09
CA LEU B 82 -32.04 -53.30 -10.11
C LEU B 82 -33.14 -53.54 -9.08
N GLN B 83 -32.95 -53.01 -7.90
CA GLN B 83 -34.01 -53.03 -6.85
C GLN B 83 -34.23 -51.62 -6.34
N ASP B 84 -35.33 -51.41 -5.59
CA ASP B 84 -35.63 -50.11 -4.95
C ASP B 84 -34.41 -49.70 -4.13
N ILE B 85 -34.16 -48.40 -4.13
CA ILE B 85 -33.10 -47.81 -3.27
C ILE B 85 -33.80 -47.30 -2.01
N GLN B 86 -33.58 -48.01 -0.91
CA GLN B 86 -34.25 -47.69 0.38
C GLN B 86 -33.81 -46.32 0.86
N LYS B 87 -34.72 -45.53 1.42
CA LYS B 87 -34.35 -44.21 1.97
C LYS B 87 -33.47 -44.42 3.22
N PRO B 88 -32.66 -43.40 3.55
CA PRO B 88 -31.73 -43.56 4.68
C PRO B 88 -32.50 -43.70 5.99
N ASP B 89 -31.83 -44.16 7.05
CA ASP B 89 -32.45 -44.41 8.38
C ASP B 89 -32.78 -43.09 9.08
N GLU B 90 -32.18 -41.97 8.71
CA GLU B 90 -32.48 -40.65 9.35
C GLU B 90 -32.84 -39.64 8.29
N ASP B 91 -33.68 -38.69 8.67
CA ASP B 91 -33.91 -37.43 7.92
C ASP B 91 -33.04 -36.31 8.49
N ASP B 92 -32.84 -36.32 9.81
CA ASP B 92 -32.07 -35.34 10.61
C ASP B 92 -30.80 -36.02 11.12
N TRP B 93 -29.61 -35.60 10.69
CA TRP B 93 -28.36 -36.29 11.07
C TRP B 93 -27.70 -35.71 12.35
N GLU B 94 -28.36 -34.73 13.01
CA GLU B 94 -28.08 -34.19 14.38
C GLU B 94 -26.85 -33.31 14.45
N SER B 95 -25.72 -33.70 13.87
CA SER B 95 -24.45 -32.94 14.02
C SER B 95 -23.42 -33.43 13.02
N GLY B 96 -22.36 -32.63 12.82
CA GLY B 96 -21.18 -33.06 12.05
C GLY B 96 -20.58 -34.35 12.61
N LEU B 97 -20.39 -34.41 13.93
CA LEU B 97 -19.87 -35.66 14.53
C LEU B 97 -20.79 -36.85 14.23
N ASN B 98 -22.09 -36.72 14.47
CA ASN B 98 -23.06 -37.84 14.34
C ASN B 98 -23.07 -38.32 12.88
N ALA B 99 -23.00 -37.39 11.94
CA ALA B 99 -22.97 -37.77 10.50
C ALA B 99 -21.70 -38.56 10.21
N MET B 100 -20.54 -38.11 10.72
CA MET B 100 -19.26 -38.80 10.48
C MET B 100 -19.32 -40.19 11.12
N GLU B 101 -19.89 -40.36 12.32
CA GLU B 101 -20.01 -41.69 12.97
C GLU B 101 -20.92 -42.61 12.13
N GLU B 102 -22.05 -42.07 11.65
CA GLU B 102 -23.01 -42.82 10.83
C GLU B 102 -22.32 -43.21 9.51
N ALA B 103 -21.53 -42.33 8.92
CA ALA B 103 -20.81 -42.64 7.67
C ALA B 103 -19.78 -43.75 7.95
N LEU B 104 -19.06 -43.69 9.07
CA LEU B 104 -18.08 -44.75 9.43
C LEU B 104 -18.80 -46.10 9.53
N GLU B 105 -19.93 -46.16 10.22
CA GLU B 105 -20.71 -47.41 10.36
C GLU B 105 -21.15 -47.90 8.98
N LEU B 106 -21.65 -46.99 8.14
CA LEU B 106 -22.09 -47.33 6.75
C LEU B 106 -20.92 -47.97 5.98
N GLU B 107 -19.74 -47.33 5.99
CA GLU B 107 -18.55 -47.80 5.23
C GLU B 107 -18.07 -49.19 5.73
N LYS B 108 -18.08 -49.46 7.02
CA LYS B 108 -17.77 -50.78 7.61
C LYS B 108 -18.82 -51.81 7.16
N ASN B 109 -20.10 -51.44 7.09
CA ASN B 109 -21.18 -52.34 6.58
C ASN B 109 -20.95 -52.66 5.09
N VAL B 110 -20.60 -51.67 4.26
CA VAL B 110 -20.31 -51.85 2.81
C VAL B 110 -19.08 -52.77 2.67
N ASN B 111 -18.07 -52.54 3.50
CA ASN B 111 -16.82 -53.33 3.53
C ASN B 111 -17.16 -54.78 3.88
N GLN B 112 -17.96 -55.01 4.93
CA GLN B 112 -18.34 -56.41 5.32
C GLN B 112 -18.97 -57.08 4.09
N SER B 113 -19.88 -56.38 3.42
CA SER B 113 -20.57 -56.93 2.22
C SER B 113 -19.55 -57.25 1.13
N LEU B 114 -18.57 -56.37 0.90
CA LEU B 114 -17.52 -56.62 -0.12
C LEU B 114 -16.65 -57.81 0.30
N LEU B 115 -16.35 -57.97 1.60
CA LEU B 115 -15.56 -59.13 2.09
C LEU B 115 -16.35 -60.43 1.90
N GLU B 116 -17.68 -60.43 2.14
CA GLU B 116 -18.53 -61.62 1.83
C GLU B 116 -18.50 -61.92 0.33
N LEU B 117 -18.54 -60.89 -0.53
CA LEU B 117 -18.49 -61.04 -2.01
C LEU B 117 -17.15 -61.65 -2.38
N HIS B 118 -16.07 -61.18 -1.78
CA HIS B 118 -14.71 -61.70 -2.05
C HIS B 118 -14.64 -63.19 -1.66
N LYS B 119 -15.25 -63.56 -0.53
CA LYS B 119 -15.24 -64.97 -0.05
C LYS B 119 -16.00 -65.82 -1.04
N LEU B 120 -17.13 -65.33 -1.56
CA LEU B 120 -17.91 -66.05 -2.57
C LEU B 120 -17.08 -66.24 -3.84
N ALA B 121 -16.43 -65.20 -4.33
CA ALA B 121 -15.58 -65.29 -5.53
C ALA B 121 -14.45 -66.33 -5.28
N THR B 122 -13.83 -66.34 -4.11
CA THR B 122 -12.76 -67.33 -3.74
C THR B 122 -13.36 -68.74 -3.70
N ASP B 123 -14.51 -68.90 -3.06
CA ASP B 123 -15.19 -70.23 -2.93
C ASP B 123 -15.61 -70.74 -4.31
N LYS B 124 -15.98 -69.89 -5.27
CA LYS B 124 -16.37 -70.35 -6.62
C LYS B 124 -15.20 -70.33 -7.60
N ASN B 125 -13.99 -70.11 -7.11
CA ASN B 125 -12.76 -70.12 -7.91
C ASN B 125 -12.89 -69.15 -9.08
N ASP B 126 -13.25 -67.90 -8.78
CA ASP B 126 -13.41 -66.83 -9.78
C ASP B 126 -12.31 -65.80 -9.53
N PRO B 127 -11.07 -66.00 -10.04
CA PRO B 127 -9.96 -65.10 -9.70
C PRO B 127 -10.15 -63.72 -10.34
N HIS B 128 -10.85 -63.66 -11.46
CA HIS B 128 -11.10 -62.36 -12.11
C HIS B 128 -11.94 -61.52 -11.14
N LEU B 129 -13.02 -62.09 -10.64
CA LEU B 129 -13.93 -61.36 -9.74
C LEU B 129 -13.18 -61.00 -8.46
N ALA B 130 -12.42 -61.95 -7.87
CA ALA B 130 -11.63 -61.71 -6.64
C ALA B 130 -10.72 -60.49 -6.86
N ASP B 131 -10.01 -60.46 -7.98
CA ASP B 131 -9.03 -59.41 -8.31
C ASP B 131 -9.80 -58.07 -8.48
N PHE B 132 -10.97 -58.12 -9.11
CA PHE B 132 -11.77 -56.91 -9.38
C PHE B 132 -12.17 -56.27 -8.05
N ILE B 133 -12.63 -57.07 -7.09
CA ILE B 133 -13.05 -56.55 -5.76
C ILE B 133 -11.83 -55.98 -5.01
N GLU B 134 -10.70 -56.67 -5.04
CA GLU B 134 -9.45 -56.23 -4.37
C GLU B 134 -8.97 -54.95 -5.00
N THR B 135 -8.95 -54.89 -6.34
CA THR B 135 -8.33 -53.75 -7.07
C THR B 135 -9.18 -52.49 -6.93
N HIS B 136 -10.51 -52.60 -7.03
CA HIS B 136 -11.37 -51.42 -7.18
C HIS B 136 -12.11 -51.10 -5.88
N TYR B 137 -12.29 -52.02 -4.93
CA TYR B 137 -13.20 -51.81 -3.77
C TYR B 137 -12.44 -51.91 -2.45
N LEU B 138 -11.67 -52.97 -2.19
CA LEU B 138 -11.22 -53.27 -0.80
C LEU B 138 -10.23 -52.21 -0.32
N ASN B 139 -9.28 -51.74 -1.13
CA ASN B 139 -8.34 -50.69 -0.60
C ASN B 139 -9.06 -49.33 -0.51
N GLU B 140 -9.98 -49.04 -1.41
CA GLU B 140 -10.80 -47.81 -1.30
C GLU B 140 -11.57 -47.85 0.05
N GLN B 141 -12.18 -48.97 0.42
CA GLN B 141 -12.95 -49.08 1.67
C GLN B 141 -12.02 -48.84 2.87
N VAL B 142 -10.85 -49.50 2.88
CA VAL B 142 -9.86 -49.29 3.98
C VAL B 142 -9.48 -47.82 4.06
N CYS B 143 -9.19 -47.15 2.94
CA CYS B 143 -8.90 -45.69 2.95
C CYS B 143 -10.08 -44.86 3.46
N ALA B 144 -11.30 -45.14 3.03
CA ALA B 144 -12.52 -44.39 3.44
C ALA B 144 -12.72 -44.54 4.96
N ILE B 145 -12.56 -45.76 5.46
CA ILE B 145 -12.80 -46.07 6.89
C ILE B 145 -11.74 -45.33 7.75
N LYS B 146 -10.48 -45.32 7.33
CA LYS B 146 -9.41 -44.63 8.10
C LYS B 146 -9.67 -43.12 8.11
N GLU B 147 -10.05 -42.52 6.98
CA GLU B 147 -10.34 -41.07 6.90
C GLU B 147 -11.50 -40.71 7.82
N LEU B 148 -12.58 -41.48 7.81
CA LEU B 148 -13.75 -41.20 8.66
C LEU B 148 -13.36 -41.38 10.12
N GLY B 149 -12.55 -42.40 10.46
CA GLY B 149 -12.07 -42.58 11.82
C GLY B 149 -11.29 -41.34 12.26
N ASP B 150 -10.39 -40.86 11.41
CA ASP B 150 -9.56 -39.65 11.68
C ASP B 150 -10.48 -38.46 11.93
N HIS B 151 -11.51 -38.26 11.10
CA HIS B 151 -12.47 -37.14 11.28
C HIS B 151 -13.21 -37.28 12.60
N VAL B 152 -13.71 -38.48 12.94
CA VAL B 152 -14.48 -38.70 14.21
C VAL B 152 -13.55 -38.34 15.38
N THR B 153 -12.30 -38.82 15.36
CA THR B 153 -11.32 -38.60 16.44
C THR B 153 -11.12 -37.07 16.62
N ASN B 154 -10.90 -36.33 15.53
CA ASN B 154 -10.63 -34.87 15.65
C ASN B 154 -11.88 -34.15 16.19
N LEU B 155 -13.06 -34.47 15.66
CA LEU B 155 -14.30 -33.78 16.12
C LEU B 155 -14.48 -34.07 17.62
N ARG B 156 -14.29 -35.30 18.05
CA ARG B 156 -14.44 -35.66 19.47
C ARG B 156 -13.41 -34.90 20.32
N LYS B 157 -12.14 -34.89 19.91
CA LYS B 157 -11.06 -34.22 20.71
C LYS B 157 -11.31 -32.71 20.77
N MET B 158 -11.87 -32.11 19.72
CA MET B 158 -12.15 -30.65 19.66
C MET B 158 -13.35 -30.30 20.59
N GLY B 159 -14.19 -31.25 20.98
CA GLY B 159 -15.34 -31.04 21.88
C GLY B 159 -16.69 -31.16 21.18
N ALA B 160 -16.75 -31.72 19.98
CA ALA B 160 -18.05 -31.88 19.29
C ALA B 160 -18.77 -33.05 19.94
N PRO B 161 -20.12 -33.12 19.87
CA PRO B 161 -20.92 -32.12 19.16
C PRO B 161 -21.39 -30.91 20.00
N GLU B 162 -21.11 -30.90 21.30
CA GLU B 162 -21.63 -29.85 22.22
C GLU B 162 -21.02 -28.50 21.84
N SER B 163 -19.74 -28.47 21.45
CA SER B 163 -19.05 -27.25 20.94
C SER B 163 -19.46 -27.02 19.49
N GLY B 164 -20.39 -26.09 19.25
CA GLY B 164 -20.68 -25.56 17.90
C GLY B 164 -19.45 -24.89 17.31
N LEU B 165 -18.62 -24.23 18.15
CA LEU B 165 -17.25 -23.74 17.74
C LEU B 165 -16.40 -24.88 17.16
N ALA B 166 -16.37 -26.07 17.77
CA ALA B 166 -15.57 -27.21 17.28
C ALA B 166 -16.02 -27.56 15.85
N GLU B 167 -17.34 -27.69 15.60
CA GLU B 167 -17.85 -28.14 14.29
C GLU B 167 -17.58 -27.07 13.24
N TYR B 168 -17.66 -25.81 13.63
CA TYR B 168 -17.43 -24.69 12.71
C TYR B 168 -15.96 -24.71 12.24
N LEU B 169 -15.05 -24.87 13.19
CA LEU B 169 -13.61 -24.80 12.87
C LEU B 169 -13.19 -26.03 12.06
N PHE B 170 -13.74 -27.20 12.39
CA PHE B 170 -13.43 -28.46 11.66
C PHE B 170 -13.90 -28.31 10.21
N ASP B 171 -15.10 -27.78 10.05
CA ASP B 171 -15.66 -27.45 8.70
C ASP B 171 -14.68 -26.60 7.90
N LYS B 172 -14.17 -25.54 8.52
CA LYS B 172 -13.24 -24.64 7.83
C LYS B 172 -11.87 -25.30 7.62
N HIS B 173 -11.24 -25.83 8.66
CA HIS B 173 -9.80 -26.16 8.59
C HIS B 173 -9.55 -27.58 8.08
N THR B 174 -10.45 -28.52 8.30
CA THR B 174 -10.23 -29.91 7.79
C THR B 174 -11.00 -30.07 6.49
N LEU B 175 -12.29 -29.78 6.44
CA LEU B 175 -13.10 -30.10 5.24
C LEU B 175 -13.01 -28.97 4.21
N GLY B 176 -12.63 -27.77 4.61
CA GLY B 176 -12.33 -26.67 3.69
C GLY B 176 -10.88 -26.77 3.25
N THR C 5 -18.74 39.72 -11.25
CA THR C 5 -18.00 38.68 -10.49
C THR C 5 -18.17 37.35 -11.25
N SER C 6 -17.10 36.55 -11.36
CA SER C 6 -17.13 35.21 -11.98
C SER C 6 -18.16 34.34 -11.27
N GLN C 7 -18.92 33.54 -12.01
CA GLN C 7 -19.85 32.51 -11.45
C GLN C 7 -19.09 31.48 -10.58
N VAL C 8 -17.78 31.25 -10.76
CA VAL C 8 -17.05 30.25 -9.95
C VAL C 8 -16.48 30.88 -8.67
N ARG C 9 -16.44 32.19 -8.56
CA ARG C 9 -15.64 32.86 -7.50
C ARG C 9 -16.27 32.60 -6.12
N GLN C 10 -15.44 32.17 -5.17
CA GLN C 10 -15.89 31.93 -3.79
C GLN C 10 -14.69 32.02 -2.85
N ASN C 11 -14.80 32.88 -1.86
CA ASN C 11 -13.80 33.06 -0.78
C ASN C 11 -12.45 33.47 -1.40
N TYR C 12 -12.45 34.22 -2.51
CA TYR C 12 -11.20 34.62 -3.21
C TYR C 12 -11.05 36.13 -3.14
N HIS C 13 -10.20 36.62 -2.23
CA HIS C 13 -10.04 38.07 -2.01
C HIS C 13 -9.39 38.75 -3.24
N GLN C 14 -9.78 39.97 -3.54
CA GLN C 14 -9.15 40.82 -4.59
C GLN C 14 -7.66 40.92 -4.34
N ASP C 15 -7.22 41.02 -3.09
CA ASP C 15 -5.78 41.20 -2.78
C ASP C 15 -5.05 39.92 -3.23
N SER C 16 -5.68 38.78 -3.00
CA SER C 16 -5.11 37.45 -3.33
C SER C 16 -4.99 37.35 -4.84
N GLU C 17 -6.04 37.72 -5.56
CA GLU C 17 -6.05 37.73 -7.05
C GLU C 17 -4.90 38.61 -7.57
N GLU C 18 -4.75 39.82 -7.03
CA GLU C 18 -3.66 40.74 -7.41
C GLU C 18 -2.30 40.10 -7.11
N ALA C 19 -2.12 39.50 -5.94
CA ALA C 19 -0.81 38.90 -5.53
C ALA C 19 -0.45 37.72 -6.46
N ILE C 20 -1.44 36.97 -6.93
CA ILE C 20 -1.23 35.84 -7.88
C ILE C 20 -0.74 36.40 -9.23
N ASN C 21 -1.32 37.51 -9.70
CA ASN C 21 -0.82 38.18 -10.93
C ASN C 21 0.65 38.60 -10.75
N ARG C 22 1.05 39.15 -9.60
CA ARG C 22 2.47 39.54 -9.38
C ARG C 22 3.34 38.27 -9.35
N GLN C 23 2.86 37.19 -8.73
CA GLN C 23 3.66 35.95 -8.68
C GLN C 23 3.85 35.37 -10.10
N ILE C 24 2.81 35.41 -10.93
CA ILE C 24 2.91 34.94 -12.33
C ILE C 24 4.05 35.69 -13.00
N ASN C 25 4.09 37.00 -12.84
CA ASN C 25 5.18 37.83 -13.42
C ASN C 25 6.54 37.35 -12.88
N LEU C 26 6.67 37.12 -11.57
CA LEU C 26 7.96 36.76 -10.95
C LEU C 26 8.43 35.36 -11.45
N GLU C 27 7.54 34.41 -11.64
CA GLU C 27 7.91 33.08 -12.20
C GLU C 27 8.39 33.27 -13.64
N LEU C 28 7.74 34.12 -14.44
CA LEU C 28 8.19 34.33 -15.84
C LEU C 28 9.56 35.03 -15.82
N TYR C 29 9.77 35.91 -14.86
CA TYR C 29 11.04 36.63 -14.74
C TYR C 29 12.13 35.59 -14.47
N ALA C 30 11.89 34.70 -13.49
CA ALA C 30 12.84 33.65 -13.07
C ALA C 30 13.15 32.75 -14.29
N SER C 31 12.14 32.40 -15.08
CA SER C 31 12.36 31.63 -16.32
C SER C 31 13.36 32.37 -17.24
N TYR C 32 13.17 33.67 -17.41
CA TYR C 32 14.03 34.50 -18.30
C TYR C 32 15.47 34.55 -17.76
N VAL C 33 15.64 34.73 -16.45
CA VAL C 33 16.99 34.74 -15.82
C VAL C 33 17.71 33.42 -16.17
N TYR C 34 17.05 32.29 -15.97
CA TYR C 34 17.68 30.98 -16.23
C TYR C 34 17.96 30.79 -17.72
N LEU C 35 17.06 31.28 -18.59
CA LEU C 35 17.33 31.23 -20.06
C LEU C 35 18.64 31.99 -20.36
N SER C 36 18.79 33.19 -19.81
CA SER C 36 20.00 34.04 -20.03
C SER C 36 21.22 33.25 -19.54
N MET C 37 21.14 32.66 -18.33
CA MET C 37 22.30 31.93 -17.78
C MET C 37 22.67 30.78 -18.74
N SER C 38 21.67 30.06 -19.18
CA SER C 38 21.84 28.87 -20.03
C SER C 38 22.72 29.26 -21.21
N TYR C 39 22.36 30.35 -21.88
CA TYR C 39 23.01 30.69 -23.18
C TYR C 39 24.34 31.38 -22.93
N TYR C 40 24.60 31.89 -21.72
CA TYR C 40 25.95 32.32 -21.32
C TYR C 40 26.91 31.12 -21.38
N PHE C 41 26.50 29.97 -20.83
CA PHE C 41 27.36 28.76 -20.75
C PHE C 41 27.53 28.09 -22.11
N ASP C 42 26.69 28.44 -23.05
CA ASP C 42 26.77 28.01 -24.48
C ASP C 42 27.78 28.85 -25.30
N ARG C 43 28.23 29.99 -24.81
CA ARG C 43 29.20 30.84 -25.54
C ARG C 43 30.47 30.03 -25.81
N ASP C 44 31.12 30.31 -26.93
CA ASP C 44 32.36 29.59 -27.33
C ASP C 44 33.48 29.89 -26.33
N ASP C 45 33.45 31.05 -25.67
CA ASP C 45 34.49 31.47 -24.68
C ASP C 45 34.07 31.08 -23.25
N VAL C 46 33.02 30.28 -23.05
CA VAL C 46 32.62 29.74 -21.73
C VAL C 46 32.56 28.22 -21.85
N ALA C 47 31.66 27.72 -22.69
CA ALA C 47 31.68 26.33 -23.22
C ALA C 47 31.54 25.30 -22.09
N LEU C 48 30.60 25.49 -21.18
CA LEU C 48 30.26 24.48 -20.17
C LEU C 48 28.84 23.99 -20.46
N LYS C 49 28.74 22.91 -21.23
CA LYS C 49 27.48 22.42 -21.86
C LYS C 49 26.50 21.90 -20.79
N ASN C 50 27.00 21.35 -19.69
CA ASN C 50 26.11 20.80 -18.64
C ASN C 50 25.60 21.93 -17.75
N PHE C 51 26.38 22.96 -17.47
CA PHE C 51 25.82 24.22 -16.92
C PHE C 51 24.70 24.74 -17.84
N ALA C 52 24.94 24.83 -19.15
CA ALA C 52 23.91 25.31 -20.10
C ALA C 52 22.62 24.47 -19.93
N CYS C 53 22.71 23.14 -20.00
CA CYS C 53 21.55 22.22 -19.93
C CYS C 53 20.88 22.38 -18.58
N TYR C 54 21.66 22.42 -17.48
CA TYR C 54 21.09 22.59 -16.12
C TYR C 54 20.22 23.86 -16.09
N PHE C 55 20.72 25.02 -16.52
CA PHE C 55 19.96 26.29 -16.41
C PHE C 55 18.80 26.31 -17.43
N LEU C 56 18.93 25.68 -18.60
CA LEU C 56 17.78 25.63 -19.54
C LEU C 56 16.61 24.81 -18.94
N HIS C 57 16.88 23.66 -18.31
CA HIS C 57 15.89 22.83 -17.57
C HIS C 57 15.21 23.71 -16.53
N GLN C 58 15.99 24.44 -15.73
CA GLN C 58 15.45 25.34 -14.68
C GLN C 58 14.52 26.37 -15.33
N SER C 59 14.89 26.93 -16.50
CA SER C 59 14.09 27.93 -17.22
C SER C 59 12.72 27.33 -17.60
N HIS C 60 12.73 26.12 -18.13
CA HIS C 60 11.50 25.40 -18.53
C HIS C 60 10.65 25.12 -17.29
N GLU C 61 11.26 24.78 -16.14
CA GLU C 61 10.45 24.52 -14.91
C GLU C 61 9.79 25.83 -14.43
N GLU C 62 10.45 26.98 -14.48
CA GLU C 62 9.86 28.28 -14.06
C GLU C 62 8.67 28.63 -14.93
N ARG C 63 8.73 28.34 -16.24
CA ARG C 63 7.60 28.54 -17.14
C ARG C 63 6.41 27.69 -16.63
N CYS C 64 6.64 26.45 -16.25
CA CYS C 64 5.61 25.55 -15.68
C CYS C 64 5.04 26.17 -14.40
N HIS C 65 5.89 26.74 -13.56
CA HIS C 65 5.44 27.40 -12.31
C HIS C 65 4.47 28.54 -12.65
N ALA C 66 4.78 29.31 -13.69
CA ALA C 66 3.94 30.44 -14.15
C ALA C 66 2.61 29.92 -14.66
N GLU C 67 2.64 28.93 -15.54
CA GLU C 67 1.41 28.35 -16.17
C GLU C 67 0.45 27.82 -15.10
N LYS C 68 1.00 27.21 -14.04
CA LYS C 68 0.14 26.57 -13.02
C LYS C 68 -0.56 27.66 -12.23
N LEU C 69 0.11 28.78 -12.01
CA LEU C 69 -0.50 29.95 -11.32
C LEU C 69 -1.59 30.59 -12.20
N MET C 70 -1.38 30.68 -13.50
CA MET C 70 -2.38 31.19 -14.45
C MET C 70 -3.61 30.25 -14.40
N LYS C 71 -3.36 28.95 -14.35
CA LYS C 71 -4.44 27.95 -14.23
C LYS C 71 -5.21 28.21 -12.92
N LEU C 72 -4.51 28.41 -11.79
CA LEU C 72 -5.13 28.67 -10.46
C LEU C 72 -5.99 29.93 -10.54
N GLN C 73 -5.45 31.02 -11.09
CA GLN C 73 -6.22 32.29 -11.21
C GLN C 73 -7.58 32.01 -11.86
N ASN C 74 -7.58 31.32 -12.99
CA ASN C 74 -8.84 30.98 -13.72
C ASN C 74 -9.72 30.04 -12.88
N GLN C 75 -9.11 29.07 -12.19
CA GLN C 75 -9.86 28.08 -11.38
C GLN C 75 -10.64 28.82 -10.29
N ARG C 76 -10.07 29.88 -9.71
CA ARG C 76 -10.68 30.61 -8.57
C ARG C 76 -11.57 31.75 -9.08
N GLY C 77 -11.58 31.96 -10.38
CA GLY C 77 -12.38 33.00 -11.02
C GLY C 77 -11.72 34.38 -10.96
N GLY C 78 -10.43 34.46 -10.68
CA GLY C 78 -9.68 35.70 -10.87
C GLY C 78 -9.38 35.94 -12.35
N ARG C 79 -8.84 37.12 -12.66
CA ARG C 79 -8.61 37.51 -14.08
C ARG C 79 -7.10 37.74 -14.17
N ILE C 80 -6.47 37.09 -15.13
CA ILE C 80 -5.02 37.23 -15.40
C ILE C 80 -4.78 38.57 -16.08
N PHE C 81 -3.83 39.32 -15.56
CA PHE C 81 -3.29 40.56 -16.14
C PHE C 81 -1.77 40.36 -16.15
N LEU C 82 -1.24 40.19 -17.33
CA LEU C 82 0.20 40.00 -17.56
C LEU C 82 0.86 41.36 -17.55
N GLN C 83 2.13 41.37 -17.17
CA GLN C 83 2.99 42.57 -17.20
C GLN C 83 4.25 42.22 -17.98
N ASP C 84 5.03 43.24 -18.36
CA ASP C 84 6.29 43.04 -19.10
C ASP C 84 7.15 42.09 -18.27
N ILE C 85 7.90 41.25 -18.97
CA ILE C 85 8.93 40.39 -18.33
C ILE C 85 10.25 41.16 -18.40
N GLN C 86 10.66 41.69 -17.25
CA GLN C 86 11.92 42.48 -17.14
C GLN C 86 13.14 41.63 -17.51
N LYS C 87 14.08 42.21 -18.23
CA LYS C 87 15.31 41.47 -18.58
C LYS C 87 16.13 41.23 -17.31
N PRO C 88 17.01 40.22 -17.30
CA PRO C 88 17.82 39.95 -16.12
C PRO C 88 18.84 41.04 -15.79
N ASP C 89 19.37 41.02 -14.56
CA ASP C 89 20.32 42.04 -14.03
C ASP C 89 21.67 41.93 -14.75
N GLU C 90 22.01 40.79 -15.32
CA GLU C 90 23.32 40.66 -16.00
C GLU C 90 23.10 40.15 -17.42
N ASP C 91 24.03 40.48 -18.29
CA ASP C 91 24.20 39.89 -19.64
C ASP C 91 25.28 38.81 -19.63
N ASP C 92 26.30 39.02 -18.79
CA ASP C 92 27.51 38.18 -18.64
C ASP C 92 27.49 37.63 -17.22
N TRP C 93 27.37 36.32 -17.03
CA TRP C 93 27.21 35.76 -15.66
C TRP C 93 28.56 35.39 -15.00
N GLU C 94 29.68 35.64 -15.65
CA GLU C 94 31.07 35.62 -15.09
C GLU C 94 31.64 34.21 -14.94
N SER C 95 30.90 33.24 -14.40
CA SER C 95 31.48 31.93 -14.01
C SER C 95 30.35 31.00 -13.57
N GLY C 96 30.62 29.69 -13.60
CA GLY C 96 29.70 28.67 -13.06
C GLY C 96 29.32 29.01 -11.62
N LEU C 97 30.33 29.34 -10.81
CA LEU C 97 30.10 29.65 -9.38
C LEU C 97 29.21 30.90 -9.27
N ASN C 98 29.51 31.98 -9.98
CA ASN C 98 28.70 33.22 -9.87
C ASN C 98 27.26 32.99 -10.33
N ALA C 99 27.03 32.23 -11.41
CA ALA C 99 25.64 31.93 -11.87
C ALA C 99 24.93 31.14 -10.77
N MET C 100 25.63 30.20 -10.14
CA MET C 100 24.96 29.40 -9.09
C MET C 100 24.61 30.31 -7.88
N GLU C 101 25.50 31.20 -7.47
CA GLU C 101 25.23 32.17 -6.36
C GLU C 101 24.05 33.08 -6.72
N GLU C 102 23.98 33.57 -7.97
CA GLU C 102 22.89 34.42 -8.48
C GLU C 102 21.58 33.61 -8.51
N ALA C 103 21.62 32.34 -8.90
CA ALA C 103 20.43 31.47 -8.93
C ALA C 103 19.95 31.26 -7.48
N LEU C 104 20.86 31.01 -6.55
CA LEU C 104 20.51 30.84 -5.12
C LEU C 104 19.81 32.12 -4.59
N GLU C 105 20.33 33.30 -4.89
CA GLU C 105 19.69 34.57 -4.44
C GLU C 105 18.32 34.71 -5.12
N LEU C 106 18.21 34.38 -6.40
CA LEU C 106 16.93 34.44 -7.13
C LEU C 106 15.92 33.52 -6.45
N GLU C 107 16.31 32.29 -6.09
CA GLU C 107 15.35 31.31 -5.53
C GLU C 107 14.91 31.76 -4.13
N LYS C 108 15.81 32.37 -3.36
CA LYS C 108 15.46 32.92 -2.02
C LYS C 108 14.49 34.12 -2.16
N ASN C 109 14.62 34.90 -3.22
CA ASN C 109 13.73 36.06 -3.49
C ASN C 109 12.37 35.53 -3.91
N VAL C 110 12.34 34.46 -4.71
CA VAL C 110 11.07 33.89 -5.17
C VAL C 110 10.37 33.30 -3.93
N ASN C 111 11.13 32.60 -3.08
CA ASN C 111 10.59 31.98 -1.85
C ASN C 111 10.01 33.07 -0.94
N GLN C 112 10.72 34.18 -0.76
CA GLN C 112 10.20 35.29 0.10
C GLN C 112 8.83 35.73 -0.43
N SER C 113 8.73 35.94 -1.74
CA SER C 113 7.48 36.33 -2.40
C SER C 113 6.39 35.27 -2.14
N LEU C 114 6.70 33.98 -2.27
CA LEU C 114 5.70 32.93 -1.99
C LEU C 114 5.29 32.93 -0.52
N LEU C 115 6.22 33.17 0.38
CA LEU C 115 5.88 33.21 1.83
C LEU C 115 4.97 34.40 2.15
N GLU C 116 5.19 35.57 1.53
CA GLU C 116 4.28 36.73 1.62
C GLU C 116 2.91 36.36 1.05
N LEU C 117 2.88 35.63 -0.06
CA LEU C 117 1.59 35.21 -0.67
C LEU C 117 0.86 34.28 0.29
N HIS C 118 1.59 33.39 1.00
CA HIS C 118 0.98 32.42 1.92
C HIS C 118 0.40 33.20 3.11
N LYS C 119 1.14 34.19 3.57
CA LYS C 119 0.67 35.02 4.70
C LYS C 119 -0.63 35.71 4.32
N LEU C 120 -0.68 36.29 3.13
CA LEU C 120 -1.89 36.95 2.61
C LEU C 120 -3.05 35.93 2.56
N ALA C 121 -2.83 34.71 1.99
CA ALA C 121 -3.86 33.65 1.95
C ALA C 121 -4.36 33.35 3.36
N THR C 122 -3.45 33.21 4.31
CA THR C 122 -3.75 32.94 5.75
C THR C 122 -4.57 34.12 6.34
N ASP C 123 -4.11 35.34 6.12
CA ASP C 123 -4.79 36.57 6.63
C ASP C 123 -6.18 36.70 6.02
N LYS C 124 -6.40 36.27 4.78
CA LYS C 124 -7.77 36.36 4.17
C LYS C 124 -8.58 35.07 4.38
N ASN C 125 -8.10 34.12 5.18
CA ASN C 125 -8.82 32.86 5.52
C ASN C 125 -9.17 32.14 4.22
N ASP C 126 -8.15 31.96 3.37
CA ASP C 126 -8.27 31.25 2.07
C ASP C 126 -7.49 29.93 2.17
N PRO C 127 -8.06 28.87 2.78
CA PRO C 127 -7.30 27.63 2.99
C PRO C 127 -6.98 26.90 1.67
N HIS C 128 -7.84 27.04 0.66
CA HIS C 128 -7.54 26.49 -0.69
C HIS C 128 -6.25 27.11 -1.25
N LEU C 129 -6.10 28.42 -1.19
CA LEU C 129 -4.93 29.07 -1.77
C LEU C 129 -3.69 28.76 -0.91
N ALA C 130 -3.81 28.75 0.42
CA ALA C 130 -2.72 28.38 1.34
C ALA C 130 -2.20 27.00 0.96
N ASP C 131 -3.10 26.05 0.77
CA ASP C 131 -2.77 24.65 0.48
C ASP C 131 -2.10 24.58 -0.89
N PHE C 132 -2.62 25.31 -1.87
CA PHE C 132 -2.04 25.32 -3.23
C PHE C 132 -0.56 25.75 -3.17
N ILE C 133 -0.28 26.80 -2.44
CA ILE C 133 1.09 27.38 -2.35
C ILE C 133 1.99 26.37 -1.62
N GLU C 134 1.53 25.83 -0.48
CA GLU C 134 2.29 24.79 0.27
C GLU C 134 2.56 23.57 -0.62
N THR C 135 1.56 23.05 -1.33
CA THR C 135 1.66 21.74 -2.04
C THR C 135 2.54 21.89 -3.27
N HIS C 136 2.42 22.97 -4.02
CA HIS C 136 3.05 23.10 -5.36
C HIS C 136 4.31 23.98 -5.35
N TYR C 137 4.56 24.82 -4.34
CA TYR C 137 5.59 25.88 -4.44
C TYR C 137 6.53 25.83 -3.25
N LEU C 138 6.05 25.75 -2.01
CA LEU C 138 6.97 25.96 -0.85
C LEU C 138 7.96 24.82 -0.77
N ASN C 139 7.57 23.54 -0.91
CA ASN C 139 8.59 22.45 -0.76
C ASN C 139 9.50 22.45 -1.99
N GLU C 140 8.99 22.78 -3.18
CA GLU C 140 9.87 22.90 -4.38
C GLU C 140 10.95 23.94 -4.11
N GLN C 141 10.59 25.07 -3.53
CA GLN C 141 11.56 26.18 -3.27
C GLN C 141 12.63 25.71 -2.26
N VAL C 142 12.23 25.03 -1.19
CA VAL C 142 13.20 24.50 -0.20
C VAL C 142 14.16 23.52 -0.88
N CYS C 143 13.69 22.62 -1.70
CA CYS C 143 14.53 21.65 -2.47
C CYS C 143 15.47 22.40 -3.42
N ALA C 144 14.97 23.41 -4.14
CA ALA C 144 15.79 24.18 -5.12
C ALA C 144 16.90 24.92 -4.39
N ILE C 145 16.60 25.55 -3.26
CA ILE C 145 17.56 26.38 -2.50
C ILE C 145 18.65 25.45 -1.94
N LYS C 146 18.26 24.31 -1.39
CA LYS C 146 19.21 23.31 -0.85
C LYS C 146 20.15 22.79 -1.95
N GLU C 147 19.62 22.45 -3.12
CA GLU C 147 20.41 21.96 -4.26
C GLU C 147 21.37 23.07 -4.68
N LEU C 148 20.92 24.33 -4.81
CA LEU C 148 21.82 25.42 -5.23
C LEU C 148 22.90 25.67 -4.16
N GLY C 149 22.54 25.64 -2.88
CA GLY C 149 23.52 25.70 -1.80
C GLY C 149 24.56 24.62 -1.91
N ASP C 150 24.16 23.39 -2.14
CA ASP C 150 25.09 22.24 -2.34
C ASP C 150 26.06 22.53 -3.49
N HIS C 151 25.55 22.99 -4.63
CA HIS C 151 26.37 23.28 -5.83
C HIS C 151 27.38 24.38 -5.52
N VAL C 152 26.96 25.44 -4.84
CA VAL C 152 27.87 26.57 -4.51
C VAL C 152 28.98 26.05 -3.61
N THR C 153 28.63 25.26 -2.60
CA THR C 153 29.61 24.70 -1.63
C THR C 153 30.66 23.87 -2.39
N ASN C 154 30.22 23.02 -3.28
CA ASN C 154 31.17 22.13 -4.01
C ASN C 154 32.07 22.98 -4.90
N LEU C 155 31.50 23.92 -5.67
CA LEU C 155 32.34 24.79 -6.56
C LEU C 155 33.37 25.53 -5.73
N ARG C 156 32.97 26.13 -4.60
CA ARG C 156 33.91 26.87 -3.74
C ARG C 156 35.00 25.91 -3.24
N LYS C 157 34.63 24.74 -2.74
CA LYS C 157 35.61 23.81 -2.12
C LYS C 157 36.57 23.33 -3.21
N MET C 158 36.10 23.18 -4.44
CA MET C 158 36.97 22.70 -5.55
C MET C 158 37.95 23.80 -6.01
N GLY C 159 37.72 25.07 -5.65
CA GLY C 159 38.59 26.22 -6.02
C GLY C 159 38.04 27.09 -7.14
N ALA C 160 36.76 27.00 -7.44
CA ALA C 160 36.10 27.93 -8.37
C ALA C 160 36.02 29.30 -7.72
N PRO C 161 35.96 30.41 -8.50
CA PRO C 161 35.96 30.35 -9.96
C PRO C 161 37.36 30.45 -10.59
N GLU C 162 38.41 30.68 -9.80
CA GLU C 162 39.78 30.88 -10.34
C GLU C 162 40.25 29.63 -11.05
N SER C 163 39.98 28.43 -10.47
CA SER C 163 40.26 27.11 -11.10
C SER C 163 39.24 26.83 -12.22
N GLY C 164 39.68 27.03 -13.47
CA GLY C 164 38.92 26.62 -14.64
C GLY C 164 38.76 25.09 -14.63
N LEU C 165 39.79 24.35 -14.18
CA LEU C 165 39.69 22.89 -13.91
C LEU C 165 38.53 22.53 -12.99
N ALA C 166 38.32 23.28 -11.90
CA ALA C 166 37.20 23.03 -10.97
C ALA C 166 35.86 23.12 -11.71
N GLU C 167 35.64 24.19 -12.48
CA GLU C 167 34.34 24.37 -13.16
C GLU C 167 34.15 23.29 -14.22
N TYR C 168 35.21 22.93 -14.93
CA TYR C 168 35.17 21.86 -15.94
C TYR C 168 34.75 20.53 -15.32
N LEU C 169 35.36 20.15 -14.20
CA LEU C 169 35.12 18.83 -13.56
C LEU C 169 33.72 18.82 -12.93
N PHE C 170 33.28 19.94 -12.38
CA PHE C 170 31.95 20.06 -11.76
C PHE C 170 30.89 19.88 -12.85
N ASP C 171 31.10 20.56 -13.98
CA ASP C 171 30.26 20.45 -15.20
C ASP C 171 30.12 18.97 -15.58
N LYS C 172 31.22 18.24 -15.60
CA LYS C 172 31.21 16.81 -16.00
C LYS C 172 30.57 15.91 -14.94
N HIS C 173 30.99 16.00 -13.69
CA HIS C 173 30.72 14.94 -12.67
C HIS C 173 29.47 15.24 -11.86
N THR C 174 29.13 16.52 -11.68
CA THR C 174 27.93 16.87 -10.90
C THR C 174 26.80 17.16 -11.87
N LEU C 175 26.99 18.03 -12.86
CA LEU C 175 25.87 18.40 -13.74
C LEU C 175 25.73 17.48 -14.95
N GLY C 176 26.68 16.60 -15.27
CA GLY C 176 26.69 15.77 -16.49
C GLY C 176 26.02 14.42 -16.32
N THR D 5 -15.02 8.18 26.32
CA THR D 5 -13.97 8.71 25.40
C THR D 5 -13.22 7.53 24.72
N SER D 6 -13.18 7.51 23.40
CA SER D 6 -12.44 6.50 22.61
C SER D 6 -10.97 6.46 23.06
N GLN D 7 -10.38 5.29 23.10
CA GLN D 7 -8.93 5.10 23.36
C GLN D 7 -8.10 5.76 22.24
N VAL D 8 -8.65 6.06 21.06
CA VAL D 8 -7.82 6.67 19.99
C VAL D 8 -7.95 8.20 20.03
N ARG D 9 -8.92 8.75 20.74
CA ARG D 9 -9.28 10.16 20.55
C ARG D 9 -8.13 11.04 21.05
N GLN D 10 -7.72 12.01 20.25
CA GLN D 10 -6.64 12.96 20.63
C GLN D 10 -6.82 14.26 19.85
N ASN D 11 -6.95 15.37 20.56
CA ASN D 11 -7.02 16.74 19.96
C ASN D 11 -8.22 16.82 19.01
N TYR D 12 -9.32 16.14 19.33
CA TYR D 12 -10.55 16.13 18.48
C TYR D 12 -11.73 16.72 19.25
N HIS D 13 -12.07 17.95 18.91
CA HIS D 13 -13.06 18.75 19.66
C HIS D 13 -14.44 18.18 19.36
N GLN D 14 -15.32 18.14 20.37
CA GLN D 14 -16.74 17.75 20.18
C GLN D 14 -17.40 18.54 19.04
N ASP D 15 -17.13 19.82 18.90
CA ASP D 15 -17.74 20.67 17.83
C ASP D 15 -17.30 20.10 16.48
N SER D 16 -16.06 19.62 16.39
CA SER D 16 -15.46 19.11 15.13
C SER D 16 -16.16 17.80 14.77
N GLU D 17 -16.31 16.91 15.76
CA GLU D 17 -17.09 15.66 15.62
C GLU D 17 -18.49 15.96 15.07
N GLU D 18 -19.21 16.92 15.68
CA GLU D 18 -20.60 17.24 15.28
C GLU D 18 -20.62 17.81 13.87
N ALA D 19 -19.66 18.66 13.51
CA ALA D 19 -19.55 19.29 12.18
C ALA D 19 -19.29 18.20 11.14
N ILE D 20 -18.50 17.19 11.50
CA ILE D 20 -18.22 16.08 10.56
C ILE D 20 -19.51 15.31 10.30
N ASN D 21 -20.30 14.98 11.33
CA ASN D 21 -21.62 14.33 11.13
C ASN D 21 -22.52 15.18 10.22
N ARG D 22 -22.52 16.52 10.35
CA ARG D 22 -23.33 17.39 9.46
C ARG D 22 -22.78 17.30 8.02
N GLN D 23 -21.47 17.26 7.84
CA GLN D 23 -20.88 17.20 6.48
C GLN D 23 -21.19 15.84 5.83
N ILE D 24 -21.22 14.76 6.60
CA ILE D 24 -21.55 13.42 6.05
C ILE D 24 -22.96 13.51 5.44
N ASN D 25 -23.91 14.08 6.16
CA ASN D 25 -25.32 14.21 5.68
C ASN D 25 -25.35 15.03 4.38
N LEU D 26 -24.59 16.11 4.30
CA LEU D 26 -24.57 17.01 3.13
C LEU D 26 -23.96 16.29 1.92
N GLU D 27 -22.92 15.47 2.09
CA GLU D 27 -22.32 14.70 0.98
C GLU D 27 -23.36 13.68 0.51
N LEU D 28 -24.06 13.00 1.44
CA LEU D 28 -25.10 12.03 1.04
C LEU D 28 -26.27 12.74 0.33
N TYR D 29 -26.64 13.93 0.76
CA TYR D 29 -27.67 14.77 0.11
C TYR D 29 -27.22 15.12 -1.32
N ALA D 30 -25.97 15.58 -1.50
CA ALA D 30 -25.38 15.87 -2.83
C ALA D 30 -25.43 14.61 -3.72
N SER D 31 -25.10 13.43 -3.19
CA SER D 31 -25.18 12.18 -3.99
C SER D 31 -26.62 11.99 -4.52
N TYR D 32 -27.58 12.25 -3.65
CA TYR D 32 -29.01 12.02 -3.96
C TYR D 32 -29.46 13.03 -5.03
N VAL D 33 -29.04 14.29 -4.91
CA VAL D 33 -29.40 15.31 -5.93
C VAL D 33 -28.90 14.82 -7.31
N TYR D 34 -27.64 14.42 -7.40
CA TYR D 34 -27.08 13.96 -8.70
C TYR D 34 -27.76 12.69 -9.19
N LEU D 35 -28.17 11.77 -8.31
CA LEU D 35 -28.91 10.55 -8.75
C LEU D 35 -30.22 11.02 -9.42
N SER D 36 -30.95 11.93 -8.78
CA SER D 36 -32.21 12.50 -9.30
C SER D 36 -31.96 13.11 -10.69
N MET D 37 -31.00 14.01 -10.79
CA MET D 37 -30.66 14.64 -12.10
C MET D 37 -30.36 13.55 -13.14
N SER D 38 -29.58 12.53 -12.79
CA SER D 38 -29.16 11.47 -13.74
C SER D 38 -30.41 10.87 -14.41
N TYR D 39 -31.37 10.44 -13.58
CA TYR D 39 -32.56 9.72 -14.10
C TYR D 39 -33.60 10.67 -14.74
N TYR D 40 -33.51 11.96 -14.51
CA TYR D 40 -34.29 12.96 -15.26
C TYR D 40 -33.84 12.89 -16.74
N PHE D 41 -32.52 12.80 -17.00
CA PHE D 41 -31.99 12.79 -18.40
C PHE D 41 -32.20 11.43 -19.08
N ASP D 42 -32.54 10.39 -18.36
CA ASP D 42 -32.91 9.04 -18.87
C ASP D 42 -34.40 8.98 -19.23
N ARG D 43 -35.20 10.00 -18.88
CA ARG D 43 -36.63 10.00 -19.27
C ARG D 43 -36.74 9.95 -20.80
N ASP D 44 -37.79 9.32 -21.32
CA ASP D 44 -37.97 9.16 -22.78
C ASP D 44 -38.26 10.51 -23.42
N ASP D 45 -38.80 11.47 -22.65
CA ASP D 45 -39.12 12.84 -23.11
C ASP D 45 -37.97 13.83 -22.83
N VAL D 46 -36.80 13.36 -22.41
CA VAL D 46 -35.59 14.19 -22.22
C VAL D 46 -34.45 13.56 -23.04
N ALA D 47 -34.05 12.34 -22.69
CA ALA D 47 -33.29 11.39 -23.53
C ALA D 47 -31.91 11.97 -23.88
N LEU D 48 -31.17 12.44 -22.89
CA LEU D 48 -29.77 12.89 -23.10
C LEU D 48 -28.90 11.94 -22.28
N LYS D 49 -28.41 10.89 -22.92
CA LYS D 49 -27.76 9.75 -22.24
C LYS D 49 -26.46 10.19 -21.57
N ASN D 50 -25.73 11.14 -22.15
CA ASN D 50 -24.39 11.54 -21.62
C ASN D 50 -24.59 12.49 -20.43
N PHE D 51 -25.62 13.33 -20.44
CA PHE D 51 -26.03 14.07 -19.22
C PHE D 51 -26.36 13.05 -18.13
N ALA D 52 -27.12 11.99 -18.44
CA ALA D 52 -27.47 10.98 -17.42
C ALA D 52 -26.19 10.35 -16.84
N CYS D 53 -25.27 9.92 -17.70
CA CYS D 53 -24.04 9.25 -17.27
C CYS D 53 -23.18 10.22 -16.47
N TYR D 54 -23.05 11.46 -16.91
CA TYR D 54 -22.25 12.48 -16.20
C TYR D 54 -22.79 12.63 -14.73
N PHE D 55 -24.09 12.81 -14.59
CA PHE D 55 -24.70 13.04 -13.25
C PHE D 55 -24.59 11.76 -12.39
N LEU D 56 -24.76 10.58 -12.96
CA LEU D 56 -24.65 9.33 -12.18
C LEU D 56 -23.21 9.18 -11.66
N HIS D 57 -22.19 9.44 -12.51
CA HIS D 57 -20.80 9.51 -12.04
C HIS D 57 -20.66 10.49 -10.84
N GLN D 58 -21.20 11.70 -10.95
CA GLN D 58 -21.11 12.71 -9.88
C GLN D 58 -21.78 12.13 -8.61
N SER D 59 -22.91 11.43 -8.76
CA SER D 59 -23.64 10.77 -7.65
C SER D 59 -22.71 9.78 -6.93
N HIS D 60 -22.08 8.88 -7.66
CA HIS D 60 -21.17 7.87 -7.04
C HIS D 60 -19.98 8.60 -6.36
N GLU D 61 -19.45 9.66 -6.94
CA GLU D 61 -18.32 10.37 -6.29
C GLU D 61 -18.78 10.97 -4.94
N GLU D 62 -19.95 11.59 -4.86
CA GLU D 62 -20.46 12.16 -3.59
C GLU D 62 -20.60 11.06 -2.51
N ARG D 63 -21.03 9.87 -2.90
CA ARG D 63 -21.10 8.74 -1.97
C ARG D 63 -19.69 8.47 -1.45
N CYS D 64 -18.67 8.44 -2.31
CA CYS D 64 -17.26 8.26 -1.84
C CYS D 64 -16.88 9.39 -0.88
N HIS D 65 -17.22 10.63 -1.18
CA HIS D 65 -16.93 11.77 -0.28
C HIS D 65 -17.53 11.52 1.11
N ALA D 66 -18.75 11.01 1.16
CA ALA D 66 -19.43 10.71 2.45
C ALA D 66 -18.70 9.59 3.20
N GLU D 67 -18.37 8.51 2.52
CA GLU D 67 -17.74 7.30 3.11
C GLU D 67 -16.39 7.71 3.72
N LYS D 68 -15.62 8.53 3.02
CA LYS D 68 -14.28 8.96 3.49
C LYS D 68 -14.43 9.81 4.76
N LEU D 69 -15.50 10.60 4.89
CA LEU D 69 -15.75 11.34 6.15
C LEU D 69 -16.16 10.41 7.29
N MET D 70 -16.94 9.37 6.99
CA MET D 70 -17.31 8.33 7.98
C MET D 70 -16.04 7.64 8.49
N LYS D 71 -15.12 7.29 7.59
CA LYS D 71 -13.82 6.70 7.97
C LYS D 71 -13.08 7.68 8.90
N LEU D 72 -12.97 8.94 8.47
CA LEU D 72 -12.28 10.01 9.26
C LEU D 72 -12.87 10.05 10.67
N GLN D 73 -14.19 10.04 10.79
CA GLN D 73 -14.88 10.16 12.10
C GLN D 73 -14.37 9.00 12.98
N ASN D 74 -14.36 7.78 12.45
CA ASN D 74 -13.89 6.62 13.24
C ASN D 74 -12.37 6.68 13.47
N GLN D 75 -11.59 7.16 12.50
CA GLN D 75 -10.12 7.28 12.68
C GLN D 75 -9.81 8.18 13.87
N ARG D 76 -10.58 9.26 14.07
CA ARG D 76 -10.30 10.27 15.13
C ARG D 76 -10.99 9.87 16.44
N GLY D 77 -11.78 8.80 16.45
CA GLY D 77 -12.46 8.35 17.67
C GLY D 77 -13.76 9.08 17.90
N GLY D 78 -14.30 9.77 16.88
CA GLY D 78 -15.66 10.35 16.97
C GLY D 78 -16.70 9.29 16.66
N ARG D 79 -17.99 9.59 16.87
CA ARG D 79 -19.06 8.58 16.67
C ARG D 79 -20.03 9.10 15.60
N ILE D 80 -20.26 8.29 14.57
CA ILE D 80 -21.14 8.62 13.42
C ILE D 80 -22.60 8.58 13.91
N PHE D 81 -23.32 9.68 13.69
CA PHE D 81 -24.78 9.82 13.89
C PHE D 81 -25.35 10.23 12.53
N LEU D 82 -26.06 9.31 11.91
CA LEU D 82 -26.65 9.50 10.56
C LEU D 82 -27.99 10.19 10.74
N GLN D 83 -28.36 11.05 9.79
CA GLN D 83 -29.67 11.76 9.80
C GLN D 83 -30.36 11.41 8.49
N ASP D 84 -31.67 11.60 8.44
CA ASP D 84 -32.45 11.44 7.21
C ASP D 84 -31.73 12.18 6.06
N ILE D 85 -31.71 11.58 4.88
CA ILE D 85 -31.22 12.26 3.65
C ILE D 85 -32.43 12.89 2.96
N GLN D 86 -32.49 14.23 2.96
CA GLN D 86 -33.62 15.00 2.40
C GLN D 86 -33.66 14.80 0.88
N LYS D 87 -34.84 14.63 0.30
CA LYS D 87 -34.97 14.54 -1.17
C LYS D 87 -34.57 15.89 -1.78
N PRO D 88 -34.18 15.88 -3.06
CA PRO D 88 -33.77 17.11 -3.74
C PRO D 88 -34.92 18.12 -3.87
N ASP D 89 -34.58 19.36 -4.16
CA ASP D 89 -35.58 20.45 -4.23
C ASP D 89 -36.48 20.30 -5.45
N GLU D 90 -36.06 19.59 -6.51
CA GLU D 90 -36.85 19.45 -7.76
C GLU D 90 -37.02 17.95 -8.07
N ASP D 91 -38.16 17.63 -8.68
CA ASP D 91 -38.42 16.32 -9.34
C ASP D 91 -38.04 16.41 -10.83
N ASP D 92 -38.25 17.59 -11.42
CA ASP D 92 -38.09 17.86 -12.87
C ASP D 92 -37.00 18.92 -12.97
N TRP D 93 -35.88 18.64 -13.64
CA TRP D 93 -34.74 19.57 -13.65
C TRP D 93 -34.75 20.50 -14.90
N GLU D 94 -35.80 20.40 -15.74
CA GLU D 94 -36.18 21.33 -16.82
C GLU D 94 -35.30 21.23 -18.05
N SER D 95 -33.98 21.17 -17.88
CA SER D 95 -33.06 21.22 -19.04
C SER D 95 -31.65 20.86 -18.62
N GLY D 96 -30.80 20.59 -19.60
CA GLY D 96 -29.37 20.34 -19.35
C GLY D 96 -28.72 21.56 -18.73
N LEU D 97 -28.97 22.75 -19.27
CA LEU D 97 -28.43 24.01 -18.71
C LEU D 97 -28.94 24.19 -17.28
N ASN D 98 -30.25 23.98 -17.04
CA ASN D 98 -30.78 24.18 -15.67
C ASN D 98 -30.14 23.21 -14.67
N ALA D 99 -29.98 21.94 -15.04
CA ALA D 99 -29.35 20.94 -14.14
C ALA D 99 -27.91 21.38 -13.84
N MET D 100 -27.18 21.85 -14.85
CA MET D 100 -25.78 22.30 -14.65
C MET D 100 -25.73 23.53 -13.74
N GLU D 101 -26.70 24.47 -13.85
CA GLU D 101 -26.74 25.67 -12.99
C GLU D 101 -27.05 25.25 -11.55
N GLU D 102 -27.97 24.30 -11.34
CA GLU D 102 -28.35 23.79 -10.01
C GLU D 102 -27.17 23.04 -9.39
N ALA D 103 -26.41 22.29 -10.18
CA ALA D 103 -25.23 21.53 -9.70
C ALA D 103 -24.15 22.52 -9.28
N LEU D 104 -23.96 23.57 -10.07
CA LEU D 104 -22.97 24.61 -9.70
C LEU D 104 -23.36 25.24 -8.37
N GLU D 105 -24.64 25.59 -8.17
CA GLU D 105 -25.13 26.16 -6.88
C GLU D 105 -24.89 25.14 -5.77
N LEU D 106 -25.18 23.86 -6.01
CA LEU D 106 -25.02 22.77 -5.01
C LEU D 106 -23.53 22.72 -4.61
N GLU D 107 -22.62 22.70 -5.57
CA GLU D 107 -21.17 22.51 -5.29
C GLU D 107 -20.65 23.75 -4.53
N LYS D 108 -21.14 24.95 -4.79
CA LYS D 108 -20.76 26.17 -4.02
C LYS D 108 -21.30 26.10 -2.57
N ASN D 109 -22.53 25.62 -2.37
CA ASN D 109 -23.06 25.40 -0.99
C ASN D 109 -22.22 24.34 -0.27
N VAL D 110 -21.85 23.23 -0.92
CA VAL D 110 -21.02 22.21 -0.24
C VAL D 110 -19.64 22.82 0.12
N ASN D 111 -19.06 23.56 -0.81
CA ASN D 111 -17.77 24.27 -0.61
C ASN D 111 -17.89 25.20 0.61
N GLN D 112 -18.94 26.02 0.70
CA GLN D 112 -19.12 26.96 1.84
C GLN D 112 -19.12 26.16 3.15
N SER D 113 -19.82 25.06 3.18
CA SER D 113 -19.87 24.17 4.38
C SER D 113 -18.47 23.61 4.70
N LEU D 114 -17.68 23.18 3.69
CA LEU D 114 -16.30 22.71 3.91
C LEU D 114 -15.39 23.83 4.41
N LEU D 115 -15.58 25.04 3.90
CA LEU D 115 -14.79 26.21 4.37
C LEU D 115 -15.13 26.54 5.83
N GLU D 116 -16.39 26.43 6.20
CA GLU D 116 -16.84 26.60 7.60
C GLU D 116 -16.20 25.51 8.47
N LEU D 117 -16.18 24.28 7.96
CA LEU D 117 -15.59 23.14 8.70
C LEU D 117 -14.10 23.41 8.83
N HIS D 118 -13.44 23.93 7.80
CA HIS D 118 -12.00 24.22 7.87
C HIS D 118 -11.75 25.31 8.94
N LYS D 119 -12.60 26.33 8.99
CA LYS D 119 -12.43 27.43 9.97
C LYS D 119 -12.56 26.85 11.37
N LEU D 120 -13.51 25.95 11.58
CA LEU D 120 -13.69 25.29 12.88
C LEU D 120 -12.42 24.51 13.24
N ALA D 121 -11.89 23.69 12.32
CA ALA D 121 -10.65 22.94 12.55
C ALA D 121 -9.50 23.90 12.92
N THR D 122 -9.33 25.04 12.22
CA THR D 122 -8.32 26.07 12.53
C THR D 122 -8.57 26.67 13.93
N ASP D 123 -9.80 27.04 14.27
CA ASP D 123 -10.16 27.65 15.59
C ASP D 123 -9.91 26.64 16.73
N LYS D 124 -10.09 25.33 16.49
CA LYS D 124 -9.84 24.30 17.53
C LYS D 124 -8.42 23.79 17.47
N ASN D 125 -7.56 24.35 16.64
CA ASN D 125 -6.13 23.99 16.53
C ASN D 125 -6.03 22.47 16.25
N ASP D 126 -6.74 22.01 15.22
CA ASP D 126 -6.78 20.59 14.78
C ASP D 126 -6.13 20.54 13.40
N PRO D 127 -4.78 20.52 13.32
CA PRO D 127 -4.11 20.57 12.03
C PRO D 127 -4.33 19.30 11.22
N HIS D 128 -4.54 18.15 11.87
CA HIS D 128 -4.83 16.90 11.11
C HIS D 128 -6.17 17.09 10.38
N LEU D 129 -7.19 17.60 11.07
CA LEU D 129 -8.51 17.77 10.41
C LEU D 129 -8.42 18.83 9.31
N ALA D 130 -7.70 19.91 9.57
CA ALA D 130 -7.51 21.01 8.61
C ALA D 130 -6.86 20.44 7.34
N ASP D 131 -5.79 19.66 7.49
CA ASP D 131 -5.03 19.08 6.35
C ASP D 131 -5.94 18.10 5.60
N PHE D 132 -6.76 17.34 6.32
CA PHE D 132 -7.67 16.33 5.73
C PHE D 132 -8.65 17.06 4.79
N ILE D 133 -9.24 18.14 5.26
CA ILE D 133 -10.23 18.93 4.47
C ILE D 133 -9.53 19.56 3.24
N GLU D 134 -8.34 20.15 3.41
CA GLU D 134 -7.57 20.76 2.27
C GLU D 134 -7.17 19.69 1.25
N THR D 135 -6.70 18.55 1.74
CA THR D 135 -6.11 17.48 0.90
C THR D 135 -7.19 16.77 0.10
N HIS D 136 -8.30 16.42 0.74
CA HIS D 136 -9.30 15.54 0.11
C HIS D 136 -10.52 16.29 -0.43
N TYR D 137 -10.79 17.52 0.00
CA TYR D 137 -12.12 18.13 -0.29
C TYR D 137 -12.00 19.50 -0.97
N LEU D 138 -11.14 20.42 -0.48
CA LEU D 138 -11.14 21.83 -0.96
C LEU D 138 -10.68 21.90 -2.41
N ASN D 139 -9.62 21.18 -2.84
CA ASN D 139 -9.19 21.32 -4.26
C ASN D 139 -10.20 20.58 -5.15
N GLU D 140 -10.75 19.46 -4.72
CA GLU D 140 -11.81 18.76 -5.49
C GLU D 140 -12.98 19.74 -5.72
N GLN D 141 -13.39 20.51 -4.71
CA GLN D 141 -14.52 21.45 -4.84
C GLN D 141 -14.17 22.53 -5.89
N VAL D 142 -12.99 23.13 -5.79
CA VAL D 142 -12.57 24.17 -6.76
C VAL D 142 -12.59 23.57 -8.19
N CYS D 143 -12.09 22.36 -8.38
CA CYS D 143 -12.11 21.70 -9.72
C CYS D 143 -13.57 21.45 -10.17
N ALA D 144 -14.43 20.95 -9.30
CA ALA D 144 -15.83 20.68 -9.66
C ALA D 144 -16.53 21.99 -10.08
N ILE D 145 -16.33 23.06 -9.33
CA ILE D 145 -16.99 24.35 -9.58
C ILE D 145 -16.49 24.90 -10.91
N LYS D 146 -15.21 24.83 -11.17
CA LYS D 146 -14.65 25.33 -12.46
C LYS D 146 -15.23 24.54 -13.64
N GLU D 147 -15.34 23.22 -13.52
CA GLU D 147 -15.89 22.36 -14.60
C GLU D 147 -17.36 22.69 -14.87
N LEU D 148 -18.15 22.90 -13.82
CA LEU D 148 -19.59 23.17 -13.97
C LEU D 148 -19.76 24.60 -14.54
N GLY D 149 -18.95 25.57 -14.12
CA GLY D 149 -19.04 26.91 -14.72
C GLY D 149 -18.68 26.86 -16.22
N ASP D 150 -17.67 26.07 -16.59
CA ASP D 150 -17.27 25.88 -18.01
C ASP D 150 -18.48 25.29 -18.77
N HIS D 151 -19.16 24.29 -18.21
CA HIS D 151 -20.31 23.61 -18.87
C HIS D 151 -21.46 24.61 -19.03
N VAL D 152 -21.76 25.37 -17.99
CA VAL D 152 -22.85 26.40 -18.03
C VAL D 152 -22.51 27.42 -19.14
N THR D 153 -21.27 27.84 -19.22
CA THR D 153 -20.83 28.89 -20.19
C THR D 153 -21.06 28.34 -21.61
N ASN D 154 -20.60 27.13 -21.87
CA ASN D 154 -20.71 26.53 -23.23
C ASN D 154 -22.20 26.37 -23.59
N LEU D 155 -23.00 25.83 -22.70
CA LEU D 155 -24.44 25.61 -23.00
C LEU D 155 -25.12 26.95 -23.30
N ARG D 156 -24.84 27.96 -22.50
CA ARG D 156 -25.39 29.30 -22.73
C ARG D 156 -24.92 29.85 -24.11
N LYS D 157 -23.64 29.75 -24.43
CA LYS D 157 -23.07 30.33 -25.68
C LYS D 157 -23.71 29.58 -26.87
N MET D 158 -24.00 28.29 -26.72
CA MET D 158 -24.56 27.46 -27.81
C MET D 158 -26.04 27.78 -28.07
N GLY D 159 -26.77 28.43 -27.15
CA GLY D 159 -28.19 28.80 -27.26
C GLY D 159 -29.11 27.97 -26.38
N ALA D 160 -28.60 27.19 -25.42
CA ALA D 160 -29.47 26.44 -24.47
C ALA D 160 -30.15 27.45 -23.56
N PRO D 161 -31.32 27.11 -22.94
CA PRO D 161 -31.96 25.81 -23.11
C PRO D 161 -32.94 25.78 -24.29
N GLU D 162 -33.16 26.93 -24.91
CA GLU D 162 -34.19 27.07 -25.96
C GLU D 162 -33.80 26.25 -27.18
N SER D 163 -32.50 26.18 -27.51
CA SER D 163 -32.01 25.32 -28.62
C SER D 163 -31.89 23.87 -28.12
N GLY D 164 -32.84 23.02 -28.49
CA GLY D 164 -32.72 21.56 -28.22
C GLY D 164 -31.51 20.99 -28.98
N LEU D 165 -31.20 21.56 -30.15
CA LEU D 165 -29.93 21.24 -30.89
C LEU D 165 -28.67 21.50 -30.03
N ALA D 166 -28.62 22.61 -29.31
CA ALA D 166 -27.45 22.95 -28.48
C ALA D 166 -27.24 21.82 -27.46
N GLU D 167 -28.30 21.44 -26.75
CA GLU D 167 -28.17 20.46 -25.63
C GLU D 167 -27.81 19.10 -26.23
N TYR D 168 -28.34 18.77 -27.39
CA TYR D 168 -28.05 17.51 -28.08
C TYR D 168 -26.56 17.46 -28.44
N LEU D 169 -26.04 18.54 -29.04
CA LEU D 169 -24.63 18.56 -29.50
C LEU D 169 -23.69 18.62 -28.28
N PHE D 170 -24.05 19.32 -27.22
CA PHE D 170 -23.20 19.39 -26.00
C PHE D 170 -23.14 18.00 -25.36
N ASP D 171 -24.28 17.34 -25.30
CA ASP D 171 -24.39 15.95 -24.76
C ASP D 171 -23.41 15.05 -25.56
N LYS D 172 -23.36 15.20 -26.87
CA LYS D 172 -22.47 14.33 -27.70
C LYS D 172 -21.00 14.75 -27.57
N HIS D 173 -20.69 16.02 -27.75
CA HIS D 173 -19.29 16.45 -28.01
C HIS D 173 -18.55 16.80 -26.72
N THR D 174 -19.22 17.23 -25.67
CA THR D 174 -18.53 17.56 -24.40
C THR D 174 -18.73 16.39 -23.45
N LEU D 175 -19.95 15.90 -23.25
CA LEU D 175 -20.17 14.88 -22.19
C LEU D 175 -19.96 13.46 -22.74
N GLY D 176 -19.93 13.21 -24.05
CA GLY D 176 -19.82 11.86 -24.65
C GLY D 176 -18.38 11.36 -24.79
N THR E 5 37.03 40.22 -30.39
CA THR E 5 36.35 39.38 -31.41
C THR E 5 36.41 37.91 -30.96
N SER E 6 35.27 37.23 -30.98
CA SER E 6 35.18 35.78 -30.74
C SER E 6 36.18 35.06 -31.67
N GLN E 7 36.87 34.05 -31.17
CA GLN E 7 37.72 33.14 -31.99
C GLN E 7 36.90 32.40 -33.08
N VAL E 8 35.58 32.28 -32.96
CA VAL E 8 34.76 31.59 -33.99
C VAL E 8 34.26 32.57 -35.06
N ARG E 9 34.27 33.88 -34.80
CA ARG E 9 33.56 34.83 -35.70
C ARG E 9 34.20 34.87 -37.09
N GLN E 10 33.37 34.79 -38.13
CA GLN E 10 33.81 34.87 -39.54
C GLN E 10 32.63 35.30 -40.40
N ASN E 11 32.81 36.38 -41.13
CA ASN E 11 31.80 36.87 -42.10
C ASN E 11 30.47 37.17 -41.39
N TYR E 12 30.51 37.64 -40.14
CA TYR E 12 29.29 37.94 -39.34
C TYR E 12 29.26 39.43 -39.01
N HIS E 13 28.47 40.20 -39.75
CA HIS E 13 28.43 41.67 -39.66
C HIS E 13 27.84 42.07 -38.30
N GLN E 14 28.34 43.11 -37.68
CA GLN E 14 27.76 43.67 -36.43
C GLN E 14 26.27 43.97 -36.61
N ASP E 15 25.85 44.49 -37.75
CA ASP E 15 24.41 44.77 -37.97
C ASP E 15 23.58 43.47 -37.88
N SER E 16 24.11 42.37 -38.40
CA SER E 16 23.43 41.05 -38.43
C SER E 16 23.29 40.56 -36.99
N GLU E 17 24.36 40.67 -36.22
CA GLU E 17 24.39 40.32 -34.77
C GLU E 17 23.27 41.10 -34.05
N GLU E 18 23.16 42.42 -34.28
CA GLU E 18 22.15 43.29 -33.61
C GLU E 18 20.74 42.90 -34.07
N ALA E 19 20.54 42.63 -35.38
CA ALA E 19 19.25 42.17 -35.94
C ALA E 19 18.82 40.85 -35.28
N ILE E 20 19.75 39.93 -35.03
CA ILE E 20 19.42 38.60 -34.42
C ILE E 20 18.96 38.84 -32.98
N ASN E 21 19.61 39.77 -32.25
CA ASN E 21 19.12 40.09 -30.88
C ASN E 21 17.71 40.66 -30.95
N ARG E 22 17.40 41.54 -31.92
CA ARG E 22 16.00 42.05 -32.06
C ARG E 22 15.06 40.89 -32.38
N GLN E 23 15.47 39.94 -33.21
CA GLN E 23 14.56 38.85 -33.60
C GLN E 23 14.33 37.94 -32.38
N ILE E 24 15.33 37.71 -31.54
CA ILE E 24 15.15 36.90 -30.31
C ILE E 24 14.04 37.53 -29.46
N ASN E 25 14.11 38.85 -29.26
CA ASN E 25 13.07 39.58 -28.49
C ASN E 25 11.68 39.35 -29.11
N LEU E 26 11.54 39.53 -30.43
CA LEU E 26 10.25 39.37 -31.15
C LEU E 26 9.71 37.93 -31.01
N GLU E 27 10.57 36.89 -31.04
CA GLU E 27 10.09 35.49 -30.88
C GLU E 27 9.59 35.28 -29.45
N LEU E 28 10.28 35.85 -28.46
CA LEU E 28 9.84 35.74 -27.04
C LEU E 28 8.54 36.52 -26.83
N TYR E 29 8.37 37.66 -27.50
CA TYR E 29 7.13 38.45 -27.50
C TYR E 29 5.97 37.63 -28.05
N ALA E 30 6.18 36.98 -29.19
CA ALA E 30 5.16 36.10 -29.81
C ALA E 30 4.80 34.98 -28.85
N SER E 31 5.78 34.34 -28.21
CA SER E 31 5.52 33.27 -27.22
C SER E 31 4.56 33.83 -26.15
N TYR E 32 4.81 35.05 -25.68
CA TYR E 32 4.02 35.68 -24.60
C TYR E 32 2.58 35.96 -25.08
N VAL E 33 2.42 36.49 -26.30
CA VAL E 33 1.06 36.75 -26.88
C VAL E 33 0.28 35.42 -26.87
N TYR E 34 0.87 34.35 -27.38
CA TYR E 34 0.19 33.04 -27.45
C TYR E 34 -0.13 32.50 -26.06
N LEU E 35 0.76 32.67 -25.10
CA LEU E 35 0.45 32.28 -23.69
C LEU E 35 -0.78 33.06 -23.19
N SER E 36 -0.83 34.37 -23.39
CA SER E 36 -2.01 35.18 -23.00
C SER E 36 -3.28 34.61 -23.64
N MET E 37 -3.24 34.39 -24.96
CA MET E 37 -4.43 33.90 -25.69
C MET E 37 -4.86 32.56 -25.09
N SER E 38 -3.91 31.69 -24.78
CA SER E 38 -4.18 30.33 -24.25
C SER E 38 -5.04 30.42 -23.01
N TYR E 39 -4.60 31.24 -22.05
CA TYR E 39 -5.28 31.35 -20.74
C TYR E 39 -6.54 32.22 -20.81
N TYR E 40 -6.72 33.04 -21.85
CA TYR E 40 -8.04 33.64 -22.12
C TYR E 40 -9.08 32.49 -22.33
N PHE E 41 -8.77 31.52 -23.18
CA PHE E 41 -9.74 30.45 -23.56
C PHE E 41 -9.99 29.51 -22.40
N ASP E 42 -9.10 29.48 -21.40
CA ASP E 42 -9.25 28.66 -20.17
C ASP E 42 -10.20 29.36 -19.16
N ARG E 43 -10.55 30.64 -19.35
CA ARG E 43 -11.48 31.33 -18.40
C ARG E 43 -12.82 30.59 -18.31
N ASP E 44 -13.44 30.59 -17.13
CA ASP E 44 -14.73 29.89 -16.94
C ASP E 44 -15.82 30.52 -17.81
N ASP E 45 -15.69 31.79 -18.17
CA ASP E 45 -16.70 32.54 -18.97
C ASP E 45 -16.32 32.52 -20.47
N VAL E 46 -15.31 31.73 -20.86
CA VAL E 46 -14.94 31.55 -22.31
C VAL E 46 -14.98 30.04 -22.58
N ALA E 47 -14.09 29.28 -21.93
CA ALA E 47 -14.18 27.81 -21.77
C ALA E 47 -14.13 27.08 -23.12
N LEU E 48 -13.17 27.43 -23.98
CA LEU E 48 -12.89 26.65 -25.23
C LEU E 48 -11.52 26.01 -25.07
N LYS E 49 -11.50 24.76 -24.59
CA LYS E 49 -10.25 24.08 -24.15
C LYS E 49 -9.33 23.79 -25.33
N ASN E 50 -9.87 23.58 -26.55
CA ASN E 50 -8.99 23.23 -27.71
C ASN E 50 -8.37 24.50 -28.27
N PHE E 51 -9.08 25.64 -28.26
CA PHE E 51 -8.44 26.96 -28.50
C PHE E 51 -7.30 27.17 -27.49
N ALA E 52 -7.53 26.84 -26.23
CA ALA E 52 -6.52 27.03 -25.16
C ALA E 52 -5.29 26.16 -25.50
N CYS E 53 -5.48 24.88 -25.78
CA CYS E 53 -4.38 23.94 -26.14
C CYS E 53 -3.70 24.40 -27.40
N TYR E 54 -4.43 24.78 -28.43
CA TYR E 54 -3.83 25.24 -29.69
C TYR E 54 -2.85 26.40 -29.39
N PHE E 55 -3.33 27.42 -28.68
CA PHE E 55 -2.50 28.62 -28.43
C PHE E 55 -1.31 28.30 -27.51
N LEU E 56 -1.46 27.42 -26.52
CA LEU E 56 -0.34 27.05 -25.65
C LEU E 56 0.73 26.34 -26.46
N HIS E 57 0.35 25.42 -27.35
CA HIS E 57 1.29 24.77 -28.29
C HIS E 57 2.04 25.84 -29.09
N GLN E 58 1.34 26.80 -29.67
CA GLN E 58 1.97 27.90 -30.44
C GLN E 58 2.93 28.67 -29.51
N SER E 59 2.56 28.92 -28.27
CA SER E 59 3.45 29.62 -27.30
C SER E 59 4.78 28.85 -27.16
N HIS E 60 4.70 27.54 -27.01
CA HIS E 60 5.89 26.71 -26.75
C HIS E 60 6.75 26.71 -28.02
N GLU E 61 6.14 26.69 -29.20
CA GLU E 61 6.93 26.69 -30.45
C GLU E 61 7.72 28.02 -30.59
N GLU E 62 7.12 29.15 -30.25
CA GLU E 62 7.79 30.46 -30.36
C GLU E 62 8.99 30.49 -29.41
N ARG E 63 8.86 29.89 -28.24
CA ARG E 63 10.01 29.78 -27.32
C ARG E 63 11.14 29.00 -28.02
N CYS E 64 10.85 27.88 -28.66
CA CYS E 64 11.85 27.15 -29.48
C CYS E 64 12.44 28.06 -30.56
N HIS E 65 11.63 28.85 -31.27
CA HIS E 65 12.12 29.80 -32.30
C HIS E 65 13.15 30.73 -31.69
N ALA E 66 12.91 31.19 -30.45
CA ALA E 66 13.83 32.15 -29.78
C ALA E 66 15.13 31.44 -29.38
N GLU E 67 15.02 30.23 -28.82
CA GLU E 67 16.20 29.49 -28.32
C GLU E 67 17.13 29.19 -29.51
N LYS E 68 16.56 28.83 -30.64
CA LYS E 68 17.32 28.46 -31.86
C LYS E 68 18.11 29.68 -32.34
N LEU E 69 17.55 30.89 -32.26
CA LEU E 69 18.27 32.13 -32.64
C LEU E 69 19.37 32.42 -31.63
N MET E 70 19.13 32.11 -30.35
CA MET E 70 20.15 32.29 -29.32
C MET E 70 21.33 31.36 -29.61
N LYS E 71 21.04 30.11 -29.99
CA LYS E 71 22.08 29.13 -30.37
C LYS E 71 22.86 29.73 -31.57
N LEU E 72 22.14 30.22 -32.59
CA LEU E 72 22.75 30.76 -33.84
C LEU E 72 23.72 31.89 -33.48
N GLN E 73 23.28 32.80 -32.59
CA GLN E 73 24.09 33.97 -32.17
C GLN E 73 25.42 33.44 -31.60
N ASN E 74 25.35 32.47 -30.69
CA ASN E 74 26.59 31.89 -30.11
C ASN E 74 27.38 31.12 -31.19
N GLN E 75 26.72 30.44 -32.10
CA GLN E 75 27.43 29.64 -33.16
C GLN E 75 28.29 30.56 -34.02
N ARG E 76 27.79 31.78 -34.27
CA ARG E 76 28.44 32.73 -35.19
C ARG E 76 29.44 33.61 -34.41
N GLY E 77 29.48 33.51 -33.08
CA GLY E 77 30.39 34.32 -32.25
C GLY E 77 29.83 35.68 -31.92
N GLY E 78 28.53 35.88 -32.13
CA GLY E 78 27.85 37.10 -31.68
C GLY E 78 27.54 36.99 -30.20
N ARG E 79 27.07 38.07 -29.60
CA ARG E 79 26.80 38.10 -28.14
C ARG E 79 25.33 38.44 -27.90
N ILE E 80 24.65 37.57 -27.15
CA ILE E 80 23.22 37.71 -26.79
C ILE E 80 23.04 38.89 -25.84
N PHE E 81 22.20 39.86 -26.21
CA PHE E 81 21.74 40.95 -25.30
C PHE E 81 20.22 40.86 -25.28
N LEU E 82 19.71 40.37 -24.17
CA LEU E 82 18.25 40.27 -23.98
C LEU E 82 17.66 41.63 -23.61
N GLN E 83 16.39 41.82 -23.90
CA GLN E 83 15.60 43.02 -23.57
C GLN E 83 14.32 42.56 -22.90
N ASP E 84 13.65 43.46 -22.21
CA ASP E 84 12.33 43.23 -21.62
C ASP E 84 11.40 42.63 -22.69
N ILE E 85 10.57 41.68 -22.27
CA ILE E 85 9.53 41.09 -23.14
C ILE E 85 8.24 41.85 -22.84
N GLN E 86 7.80 42.63 -23.81
CA GLN E 86 6.62 43.50 -23.65
C GLN E 86 5.37 42.62 -23.52
N LYS E 87 4.47 43.04 -22.66
CA LYS E 87 3.17 42.37 -22.52
C LYS E 87 2.36 42.56 -23.80
N PRO E 88 1.43 41.63 -24.06
CA PRO E 88 0.59 41.70 -25.25
C PRO E 88 -0.32 42.94 -25.24
N ASP E 89 -0.80 43.31 -26.43
CA ASP E 89 -1.67 44.50 -26.64
C ASP E 89 -3.06 44.32 -26.02
N GLU E 90 -3.52 43.10 -25.74
CA GLU E 90 -4.84 42.85 -25.13
C GLU E 90 -4.66 41.97 -23.89
N ASP E 91 -5.54 42.16 -22.93
CA ASP E 91 -5.76 41.23 -21.79
C ASP E 91 -6.93 40.28 -22.07
N ASP E 92 -7.88 40.76 -22.85
CA ASP E 92 -9.17 40.10 -23.22
C ASP E 92 -9.18 40.00 -24.75
N TRP E 93 -9.19 38.79 -25.28
CA TRP E 93 -9.04 38.57 -26.73
C TRP E 93 -10.41 38.47 -27.42
N GLU E 94 -11.50 38.57 -26.66
CA GLU E 94 -12.88 38.82 -27.17
C GLU E 94 -13.55 37.54 -27.71
N SER E 95 -12.90 36.75 -28.55
CA SER E 95 -13.54 35.60 -29.20
C SER E 95 -12.49 34.75 -29.89
N GLY E 96 -12.84 33.49 -30.19
CA GLY E 96 -11.99 32.58 -30.97
C GLY E 96 -11.61 33.21 -32.28
N LEU E 97 -12.56 33.83 -32.97
CA LEU E 97 -12.27 34.47 -34.27
C LEU E 97 -11.31 35.65 -34.08
N ASN E 98 -11.53 36.51 -33.11
CA ASN E 98 -10.67 37.69 -32.90
C ASN E 98 -9.25 37.21 -32.55
N ALA E 99 -9.12 36.17 -31.71
CA ALA E 99 -7.79 35.65 -31.34
C ALA E 99 -7.06 35.18 -32.60
N MET E 100 -7.74 34.40 -33.44
CA MET E 100 -7.16 33.89 -34.70
C MET E 100 -6.78 35.06 -35.61
N GLU E 101 -7.57 36.12 -35.72
CA GLU E 101 -7.24 37.29 -36.57
C GLU E 101 -6.00 38.01 -35.99
N GLU E 102 -5.91 38.17 -34.67
CA GLU E 102 -4.75 38.80 -34.02
C GLU E 102 -3.52 37.93 -34.21
N ALA E 103 -3.67 36.60 -34.10
CA ALA E 103 -2.54 35.67 -34.37
C ALA E 103 -2.06 35.85 -35.83
N LEU E 104 -2.95 35.80 -36.79
CA LEU E 104 -2.57 36.01 -38.23
C LEU E 104 -1.75 37.30 -38.37
N GLU E 105 -2.23 38.41 -37.82
CA GLU E 105 -1.53 39.71 -37.87
C GLU E 105 -0.15 39.59 -37.22
N LEU E 106 -0.07 38.97 -36.05
CA LEU E 106 1.23 38.76 -35.37
C LEU E 106 2.20 37.99 -36.30
N GLU E 107 1.75 36.86 -36.90
CA GLU E 107 2.63 36.02 -37.72
C GLU E 107 3.09 36.80 -38.95
N LYS E 108 2.26 37.65 -39.55
CA LYS E 108 2.66 38.47 -40.73
C LYS E 108 3.69 39.53 -40.28
N ASN E 109 3.56 40.12 -39.09
CA ASN E 109 4.56 41.05 -38.51
C ASN E 109 5.87 40.29 -38.26
N VAL E 110 5.85 39.09 -37.70
CA VAL E 110 7.11 38.35 -37.45
C VAL E 110 7.77 38.02 -38.81
N ASN E 111 6.95 37.64 -39.79
CA ASN E 111 7.39 37.32 -41.16
C ASN E 111 8.08 38.53 -41.77
N GLN E 112 7.48 39.70 -41.66
CA GLN E 112 8.07 40.95 -42.19
C GLN E 112 9.45 41.16 -41.56
N SER E 113 9.56 40.99 -40.25
CA SER E 113 10.86 41.13 -39.55
C SER E 113 11.89 40.11 -40.11
N LEU E 114 11.47 38.87 -40.32
CA LEU E 114 12.35 37.81 -40.84
C LEU E 114 12.79 38.15 -42.27
N LEU E 115 11.91 38.70 -43.08
CA LEU E 115 12.25 39.10 -44.47
C LEU E 115 13.24 40.28 -44.46
N GLU E 116 13.12 41.19 -43.49
CA GLU E 116 14.09 42.31 -43.35
C GLU E 116 15.41 41.73 -42.88
N LEU E 117 15.36 40.69 -42.03
CA LEU E 117 16.59 40.04 -41.51
C LEU E 117 17.27 39.35 -42.70
N HIS E 118 16.49 38.66 -43.55
CA HIS E 118 17.05 38.00 -44.76
C HIS E 118 17.69 39.05 -45.69
N LYS E 119 17.01 40.17 -45.95
CA LYS E 119 17.57 41.21 -46.84
C LYS E 119 18.89 41.70 -46.26
N LEU E 120 18.98 41.87 -44.94
CA LEU E 120 20.24 42.31 -44.28
C LEU E 120 21.35 41.27 -44.50
N ALA E 121 21.04 39.98 -44.34
CA ALA E 121 22.01 38.88 -44.55
C ALA E 121 22.50 38.87 -45.99
N THR E 122 21.58 39.06 -46.96
CA THR E 122 21.89 39.16 -48.40
C THR E 122 22.80 40.37 -48.66
N ASP E 123 22.45 41.52 -48.09
CA ASP E 123 23.19 42.78 -48.33
C ASP E 123 24.60 42.67 -47.74
N LYS E 124 24.78 41.95 -46.62
CA LYS E 124 26.09 41.73 -45.98
C LYS E 124 26.80 40.49 -46.54
N ASN E 125 26.28 39.86 -47.58
CA ASN E 125 26.94 38.69 -48.20
C ASN E 125 27.21 37.63 -47.10
N ASP E 126 26.17 37.29 -46.33
CA ASP E 126 26.23 36.27 -45.25
C ASP E 126 25.34 35.11 -45.68
N PRO E 127 25.80 34.20 -46.56
CA PRO E 127 24.93 33.13 -47.05
C PRO E 127 24.57 32.08 -45.99
N HIS E 128 25.46 31.84 -45.03
CA HIS E 128 25.11 31.00 -43.86
C HIS E 128 23.85 31.54 -43.16
N LEU E 129 23.82 32.83 -42.83
CA LEU E 129 22.66 33.44 -42.12
C LEU E 129 21.40 33.39 -43.02
N ALA E 130 21.55 33.74 -44.30
CA ALA E 130 20.46 33.71 -45.28
C ALA E 130 19.82 32.32 -45.29
N ASP E 131 20.65 31.29 -45.37
CA ASP E 131 20.23 29.88 -45.44
C ASP E 131 19.53 29.51 -44.13
N PHE E 132 20.12 29.89 -43.00
CA PHE E 132 19.54 29.59 -41.67
C PHE E 132 18.11 30.15 -41.61
N ILE E 133 17.90 31.39 -42.05
CA ILE E 133 16.57 32.06 -41.97
C ILE E 133 15.60 31.34 -42.93
N GLU E 134 16.01 31.04 -44.16
CA GLU E 134 15.17 30.29 -45.15
C GLU E 134 14.82 28.91 -44.62
N THR E 135 15.78 28.20 -44.02
CA THR E 135 15.64 26.79 -43.64
C THR E 135 14.75 26.66 -42.41
N HIS E 136 14.94 27.50 -41.42
CA HIS E 136 14.34 27.31 -40.09
C HIS E 136 13.14 28.25 -39.90
N TYR E 137 13.00 29.35 -40.66
CA TYR E 137 11.99 30.40 -40.30
C TYR E 137 11.02 30.69 -41.43
N LEU E 138 11.51 30.92 -42.65
CA LEU E 138 10.63 31.48 -43.72
C LEU E 138 9.56 30.45 -44.12
N ASN E 139 9.84 29.16 -44.29
CA ASN E 139 8.73 28.23 -44.66
C ASN E 139 7.82 28.03 -43.44
N GLU E 140 8.36 27.99 -42.22
CA GLU E 140 7.48 27.84 -41.01
C GLU E 140 6.47 28.99 -41.00
N GLN E 141 6.91 30.23 -41.27
CA GLN E 141 5.99 31.39 -41.27
C GLN E 141 4.90 31.27 -42.34
N VAL E 142 5.28 30.88 -43.55
CA VAL E 142 4.28 30.71 -44.65
C VAL E 142 3.24 29.65 -44.25
N CYS E 143 3.67 28.55 -43.66
CA CYS E 143 2.76 27.49 -43.18
C CYS E 143 1.85 28.02 -42.06
N ALA E 144 2.43 28.72 -41.09
CA ALA E 144 1.68 29.27 -39.95
C ALA E 144 0.61 30.25 -40.46
N ILE E 145 0.98 31.15 -41.38
CA ILE E 145 0.06 32.19 -41.93
C ILE E 145 -1.08 31.52 -42.71
N LYS E 146 -0.78 30.50 -43.50
CA LYS E 146 -1.77 29.76 -44.30
C LYS E 146 -2.74 29.05 -43.34
N GLU E 147 -2.26 28.37 -42.30
CA GLU E 147 -3.15 27.70 -41.33
C GLU E 147 -4.06 28.74 -40.65
N LEU E 148 -3.51 29.86 -40.17
CA LEU E 148 -4.31 30.90 -39.47
C LEU E 148 -5.37 31.48 -40.42
N GLY E 149 -5.01 31.73 -41.70
CA GLY E 149 -5.98 32.17 -42.71
C GLY E 149 -7.11 31.15 -42.88
N ASP E 150 -6.78 29.88 -43.00
CA ASP E 150 -7.77 28.79 -43.10
C ASP E 150 -8.71 28.86 -41.89
N HIS E 151 -8.16 28.96 -40.68
CA HIS E 151 -8.97 28.99 -39.45
C HIS E 151 -9.90 30.21 -39.43
N VAL E 152 -9.41 31.40 -39.76
CA VAL E 152 -10.21 32.63 -39.81
C VAL E 152 -11.34 32.42 -40.82
N THR E 153 -11.04 31.85 -41.99
CA THR E 153 -12.05 31.67 -43.07
C THR E 153 -13.17 30.77 -42.55
N ASN E 154 -12.83 29.66 -41.93
CA ASN E 154 -13.86 28.71 -41.44
C ASN E 154 -14.69 29.36 -40.32
N LEU E 155 -14.06 30.03 -39.35
CA LEU E 155 -14.84 30.65 -38.25
C LEU E 155 -15.79 31.68 -38.85
N ARG E 156 -15.32 32.52 -39.77
CA ARG E 156 -16.22 33.51 -40.44
C ARG E 156 -17.39 32.80 -41.13
N LYS E 157 -17.12 31.79 -41.95
CA LYS E 157 -18.20 31.16 -42.75
C LYS E 157 -19.19 30.49 -41.81
N MET E 158 -18.69 29.94 -40.71
CA MET E 158 -19.56 29.24 -39.73
C MET E 158 -20.45 30.25 -38.99
N GLY E 159 -20.15 31.54 -38.98
CA GLY E 159 -21.01 32.53 -38.29
C GLY E 159 -20.36 33.15 -37.06
N ALA E 160 -19.09 32.86 -36.77
CA ALA E 160 -18.38 33.48 -35.63
C ALA E 160 -18.18 34.97 -35.91
N PRO E 161 -18.04 35.87 -34.90
CA PRO E 161 -18.05 35.49 -33.49
C PRO E 161 -19.44 35.50 -32.82
N GLU E 162 -20.47 35.98 -33.52
CA GLU E 162 -21.84 36.11 -32.97
C GLU E 162 -22.43 34.74 -32.64
N SER E 163 -22.20 33.72 -33.49
CA SER E 163 -22.58 32.31 -33.19
C SER E 163 -21.60 31.72 -32.17
N GLY E 164 -22.07 31.60 -30.93
CA GLY E 164 -21.36 30.81 -29.91
C GLY E 164 -21.29 29.33 -30.30
N LEU E 165 -22.36 28.79 -30.94
CA LEU E 165 -22.37 27.45 -31.59
C LEU E 165 -21.19 27.26 -32.55
N ALA E 166 -20.95 28.25 -33.43
CA ALA E 166 -19.85 28.16 -34.40
C ALA E 166 -18.52 27.94 -33.65
N GLU E 167 -18.22 28.75 -32.64
CA GLU E 167 -16.91 28.68 -31.96
C GLU E 167 -16.79 27.34 -31.22
N TYR E 168 -17.90 26.88 -30.62
CA TYR E 168 -17.95 25.59 -29.90
C TYR E 168 -17.62 24.46 -30.88
N LEU E 169 -18.28 24.46 -32.05
CA LEU E 169 -18.12 23.34 -33.02
C LEU E 169 -16.72 23.38 -33.66
N PHE E 170 -16.17 24.56 -33.84
CA PHE E 170 -14.83 24.74 -34.45
C PHE E 170 -13.79 24.17 -33.48
N ASP E 171 -13.94 24.55 -32.21
CA ASP E 171 -13.10 24.09 -31.09
C ASP E 171 -13.09 22.55 -31.12
N LYS E 172 -14.27 21.93 -31.29
CA LYS E 172 -14.33 20.45 -31.25
C LYS E 172 -13.80 19.81 -32.53
N HIS E 173 -14.27 20.24 -33.68
CA HIS E 173 -14.04 19.51 -34.96
C HIS E 173 -12.73 19.92 -35.63
N THR E 174 -12.26 21.15 -35.50
CA THR E 174 -10.99 21.58 -36.14
C THR E 174 -9.86 21.52 -35.14
N LEU E 175 -10.02 22.10 -33.94
CA LEU E 175 -8.87 22.16 -33.01
C LEU E 175 -8.84 20.94 -32.08
N GLY E 176 -9.83 20.07 -31.99
CA GLY E 176 -9.90 19.02 -30.95
C GLY E 176 -9.26 17.69 -31.35
N THR F 5 15.62 -20.74 34.64
CA THR F 5 16.53 -21.05 33.51
C THR F 5 15.65 -21.37 32.27
N SER F 6 15.93 -20.78 31.11
CA SER F 6 15.26 -21.13 29.83
C SER F 6 15.31 -22.65 29.57
N GLN F 7 14.21 -23.20 29.06
CA GLN F 7 14.12 -24.60 28.57
C GLN F 7 15.13 -24.87 27.43
N VAL F 8 15.64 -23.85 26.71
CA VAL F 8 16.57 -24.06 25.57
C VAL F 8 18.02 -23.97 26.08
N ARG F 9 18.26 -23.45 27.28
CA ARG F 9 19.64 -23.03 27.63
C ARG F 9 20.52 -24.25 27.80
N GLN F 10 21.69 -24.26 27.16
CA GLN F 10 22.66 -25.37 27.26
C GLN F 10 24.07 -24.85 26.99
N ASN F 11 24.98 -25.03 27.94
CA ASN F 11 26.41 -24.68 27.79
C ASN F 11 26.59 -23.16 27.51
N TYR F 12 25.74 -22.32 28.12
CA TYR F 12 25.71 -20.86 27.86
C TYR F 12 25.96 -20.12 29.19
N HIS F 13 27.19 -19.68 29.37
CA HIS F 13 27.65 -19.08 30.64
C HIS F 13 26.97 -17.73 30.85
N GLN F 14 26.66 -17.42 32.10
CA GLN F 14 26.12 -16.10 32.48
C GLN F 14 27.05 -14.98 31.98
N ASP F 15 28.36 -15.17 32.04
CA ASP F 15 29.31 -14.11 31.63
C ASP F 15 29.13 -13.86 30.10
N SER F 16 28.92 -14.93 29.34
CA SER F 16 28.73 -14.88 27.87
C SER F 16 27.45 -14.09 27.58
N GLU F 17 26.36 -14.46 28.23
CA GLU F 17 25.03 -13.76 28.13
C GLU F 17 25.23 -12.25 28.38
N GLU F 18 25.96 -11.91 29.45
CA GLU F 18 26.20 -10.50 29.79
C GLU F 18 27.04 -9.84 28.71
N ALA F 19 28.05 -10.52 28.18
CA ALA F 19 28.98 -9.97 27.16
C ALA F 19 28.20 -9.72 25.84
N ILE F 20 27.27 -10.60 25.50
CA ILE F 20 26.40 -10.42 24.32
C ILE F 20 25.55 -9.15 24.50
N ASN F 21 25.00 -8.90 25.69
CA ASN F 21 24.20 -7.67 25.93
C ASN F 21 25.10 -6.43 25.76
N ARG F 22 26.37 -6.52 26.16
CA ARG F 22 27.30 -5.36 25.97
C ARG F 22 27.59 -5.19 24.46
N GLN F 23 27.75 -6.29 23.75
CA GLN F 23 28.07 -6.20 22.30
C GLN F 23 26.87 -5.63 21.55
N ILE F 24 25.64 -6.04 21.90
CA ILE F 24 24.40 -5.48 21.29
C ILE F 24 24.46 -3.96 21.39
N ASN F 25 24.69 -3.44 22.59
CA ASN F 25 24.76 -1.97 22.81
C ASN F 25 25.84 -1.34 21.92
N LEU F 26 27.01 -1.99 21.75
CA LEU F 26 28.15 -1.42 20.99
C LEU F 26 27.80 -1.39 19.50
N GLU F 27 27.07 -2.38 18.97
CA GLU F 27 26.64 -2.40 17.55
C GLU F 27 25.63 -1.26 17.32
N LEU F 28 24.69 -1.05 18.24
CA LEU F 28 23.71 0.06 18.12
C LEU F 28 24.45 1.40 18.20
N TYR F 29 25.45 1.50 19.08
CA TYR F 29 26.28 2.71 19.22
C TYR F 29 26.99 2.99 17.87
N ALA F 30 27.62 1.97 17.27
CA ALA F 30 28.28 2.08 15.94
C ALA F 30 27.25 2.52 14.88
N SER F 31 26.04 2.00 14.89
CA SER F 31 24.97 2.41 13.95
C SER F 31 24.69 3.93 14.07
N TYR F 32 24.65 4.42 15.30
CA TYR F 32 24.35 5.85 15.62
C TYR F 32 25.51 6.74 15.16
N VAL F 33 26.75 6.31 15.38
CA VAL F 33 27.93 7.09 14.91
C VAL F 33 27.80 7.26 13.39
N TYR F 34 27.57 6.16 12.66
CA TYR F 34 27.47 6.20 11.18
C TYR F 34 26.27 7.06 10.73
N LEU F 35 25.17 7.02 11.47
CA LEU F 35 23.98 7.85 11.13
C LEU F 35 24.37 9.32 11.24
N SER F 36 25.08 9.70 12.30
CA SER F 36 25.58 11.07 12.50
C SER F 36 26.52 11.48 11.33
N MET F 37 27.52 10.67 11.04
CA MET F 37 28.44 10.98 9.92
C MET F 37 27.63 11.19 8.64
N SER F 38 26.66 10.31 8.35
CA SER F 38 25.87 10.39 7.10
C SER F 38 25.31 11.80 6.98
N TYR F 39 24.61 12.27 8.01
CA TYR F 39 23.84 13.54 7.88
C TYR F 39 24.81 14.72 7.98
N TYR F 40 26.00 14.54 8.47
CA TYR F 40 27.05 15.59 8.38
C TYR F 40 27.33 15.87 6.90
N PHE F 41 27.48 14.82 6.09
CA PHE F 41 27.85 14.99 4.65
C PHE F 41 26.67 15.48 3.82
N ASP F 42 25.46 15.38 4.34
CA ASP F 42 24.22 15.93 3.72
C ASP F 42 24.08 17.45 3.99
N ARG F 43 24.84 18.03 4.92
CA ARG F 43 24.73 19.50 5.21
C ARG F 43 25.00 20.30 3.91
N ASP F 44 24.39 21.47 3.80
CA ASP F 44 24.51 22.29 2.57
C ASP F 44 25.94 22.83 2.45
N ASP F 45 26.66 22.94 3.56
CA ASP F 45 28.05 23.47 3.63
C ASP F 45 29.07 22.33 3.63
N VAL F 46 28.65 21.10 3.35
CA VAL F 46 29.61 19.96 3.20
C VAL F 46 29.32 19.30 1.85
N ALA F 47 28.06 18.80 1.67
CA ALA F 47 27.45 18.45 0.39
C ALA F 47 28.31 17.42 -0.37
N LEU F 48 28.61 16.32 0.29
CA LEU F 48 29.23 15.14 -0.36
C LEU F 48 28.26 13.97 -0.26
N LYS F 49 27.43 13.81 -1.28
CA LYS F 49 26.27 12.90 -1.31
C LYS F 49 26.72 11.44 -1.21
N ASN F 50 27.86 11.10 -1.82
CA ASN F 50 28.28 9.67 -1.82
C ASN F 50 28.92 9.31 -0.47
N PHE F 51 29.61 10.24 0.17
CA PHE F 51 30.00 10.09 1.61
C PHE F 51 28.75 9.83 2.45
N ALA F 52 27.71 10.67 2.28
CA ALA F 52 26.44 10.53 3.03
C ALA F 52 25.84 9.14 2.81
N CYS F 53 25.75 8.70 1.54
CA CYS F 53 25.16 7.38 1.20
C CYS F 53 26.02 6.28 1.82
N TYR F 54 27.34 6.39 1.71
CA TYR F 54 28.24 5.33 2.21
C TYR F 54 28.00 5.15 3.71
N PHE F 55 28.02 6.22 4.49
CA PHE F 55 27.87 6.13 5.97
C PHE F 55 26.45 5.71 6.35
N LEU F 56 25.42 6.10 5.59
CA LEU F 56 24.04 5.63 5.89
C LEU F 56 23.96 4.10 5.72
N HIS F 57 24.51 3.57 4.63
CA HIS F 57 24.62 2.09 4.41
C HIS F 57 25.34 1.44 5.60
N GLN F 58 26.45 1.99 6.05
CA GLN F 58 27.19 1.42 7.19
C GLN F 58 26.26 1.42 8.42
N SER F 59 25.51 2.51 8.62
CA SER F 59 24.58 2.67 9.76
C SER F 59 23.55 1.51 9.75
N HIS F 60 22.94 1.23 8.60
CA HIS F 60 21.94 0.14 8.44
C HIS F 60 22.62 -1.22 8.68
N GLU F 61 23.87 -1.42 8.25
CA GLU F 61 24.55 -2.72 8.49
C GLU F 61 24.79 -2.91 10.00
N GLU F 62 25.22 -1.89 10.73
CA GLU F 62 25.43 -2.01 12.18
C GLU F 62 24.13 -2.39 12.88
N ARG F 63 22.99 -1.82 12.46
CA ARG F 63 21.70 -2.22 13.05
C ARG F 63 21.46 -3.73 12.81
N CYS F 64 21.75 -4.27 11.63
CA CYS F 64 21.68 -5.74 11.34
C CYS F 64 22.63 -6.50 12.27
N HIS F 65 23.85 -6.04 12.48
CA HIS F 65 24.80 -6.67 13.43
C HIS F 65 24.16 -6.78 14.83
N ALA F 66 23.48 -5.72 15.30
CA ALA F 66 22.83 -5.71 16.63
C ALA F 66 21.67 -6.71 16.64
N GLU F 67 20.81 -6.69 15.61
CA GLU F 67 19.61 -7.55 15.56
C GLU F 67 20.03 -9.01 15.54
N LYS F 68 21.13 -9.34 14.87
CA LYS F 68 21.60 -10.75 14.78
C LYS F 68 22.08 -11.22 16.16
N LEU F 69 22.70 -10.35 16.95
CA LEU F 69 23.11 -10.68 18.32
C LEU F 69 21.90 -10.82 19.24
N MET F 70 20.86 -10.00 19.04
CA MET F 70 19.63 -10.15 19.83
C MET F 70 19.00 -11.52 19.52
N LYS F 71 18.97 -11.91 18.26
CA LYS F 71 18.47 -13.24 17.83
C LYS F 71 19.32 -14.33 18.52
N LEU F 72 20.65 -14.19 18.55
CA LEU F 72 21.55 -15.18 19.18
C LEU F 72 21.23 -15.28 20.68
N GLN F 73 21.08 -14.15 21.37
CA GLN F 73 20.80 -14.15 22.82
C GLN F 73 19.57 -15.05 23.05
N ASN F 74 18.49 -14.81 22.31
CA ASN F 74 17.25 -15.60 22.45
C ASN F 74 17.47 -17.07 22.02
N GLN F 75 18.21 -17.34 20.94
CA GLN F 75 18.45 -18.74 20.46
C GLN F 75 19.11 -19.55 21.58
N ARG F 76 20.00 -18.92 22.35
CA ARG F 76 20.78 -19.61 23.41
C ARG F 76 20.04 -19.61 24.77
N GLY F 77 18.90 -18.94 24.85
CA GLY F 77 18.07 -18.83 26.07
C GLY F 77 18.59 -17.78 27.02
N GLY F 78 19.43 -16.86 26.55
CA GLY F 78 19.81 -15.65 27.32
C GLY F 78 18.69 -14.62 27.31
N ARG F 79 18.80 -13.56 28.11
CA ARG F 79 17.72 -12.54 28.17
C ARG F 79 18.35 -11.21 27.77
N ILE F 80 17.74 -10.58 26.80
CA ILE F 80 18.18 -9.25 26.31
C ILE F 80 17.85 -8.17 27.35
N PHE F 81 18.86 -7.42 27.72
CA PHE F 81 18.76 -6.18 28.53
C PHE F 81 19.41 -5.08 27.68
N LEU F 82 18.56 -4.22 27.15
CA LEU F 82 19.04 -3.06 26.36
C LEU F 82 19.51 -1.96 27.32
N GLN F 83 20.45 -1.16 26.84
CA GLN F 83 20.94 0.03 27.59
C GLN F 83 20.78 1.25 26.68
N ASP F 84 20.96 2.45 27.24
CA ASP F 84 20.90 3.70 26.48
C ASP F 84 21.91 3.58 25.35
N ILE F 85 21.61 4.16 24.21
CA ILE F 85 22.59 4.30 23.10
C ILE F 85 23.22 5.67 23.22
N GLN F 86 24.49 5.72 23.58
CA GLN F 86 25.19 7.00 23.84
C GLN F 86 25.37 7.74 22.51
N LYS F 87 25.24 9.05 22.54
CA LYS F 87 25.45 9.85 21.32
C LYS F 87 26.93 9.81 20.92
N PRO F 88 27.24 10.03 19.62
CA PRO F 88 28.63 10.01 19.17
C PRO F 88 29.47 11.13 19.82
N ASP F 89 30.78 10.94 19.78
CA ASP F 89 31.77 11.89 20.38
C ASP F 89 31.78 13.22 19.62
N GLU F 90 31.31 13.29 18.39
CA GLU F 90 31.38 14.56 17.63
C GLU F 90 30.01 14.85 17.07
N ASP F 91 29.68 16.13 16.90
CA ASP F 91 28.50 16.59 16.13
C ASP F 91 28.90 16.96 14.70
N ASP F 92 30.10 17.52 14.57
CA ASP F 92 30.76 18.01 13.34
C ASP F 92 31.93 17.07 13.04
N TRP F 93 31.90 16.36 11.93
CA TRP F 93 32.98 15.36 11.61
C TRP F 93 34.11 15.95 10.76
N GLU F 94 34.10 17.26 10.46
CA GLU F 94 35.26 18.07 9.96
C GLU F 94 35.53 17.86 8.48
N SER F 95 35.62 16.62 8.02
CA SER F 95 36.01 16.32 6.61
C SER F 95 35.72 14.86 6.29
N GLY F 96 35.73 14.55 5.00
CA GLY F 96 35.70 13.16 4.50
C GLY F 96 36.83 12.36 5.09
N LEU F 97 38.06 12.90 5.08
CA LEU F 97 39.19 12.11 5.61
C LEU F 97 38.99 11.89 7.12
N ASN F 98 38.62 12.92 7.89
CA ASN F 98 38.48 12.76 9.35
C ASN F 98 37.36 11.76 9.69
N ALA F 99 36.24 11.77 8.96
CA ALA F 99 35.14 10.79 9.17
C ALA F 99 35.72 9.39 8.89
N MET F 100 36.48 9.22 7.81
CA MET F 100 37.01 7.86 7.49
C MET F 100 38.00 7.44 8.59
N GLU F 101 38.85 8.34 9.10
CA GLU F 101 39.78 7.99 10.21
C GLU F 101 38.99 7.60 11.49
N GLU F 102 37.94 8.36 11.83
CA GLU F 102 37.10 8.07 13.01
C GLU F 102 36.39 6.73 12.83
N ALA F 103 35.89 6.40 11.64
CA ALA F 103 35.23 5.10 11.33
C ALA F 103 36.25 3.96 11.51
N LEU F 104 37.46 4.14 11.00
CA LEU F 104 38.54 3.13 11.15
C LEU F 104 38.77 2.88 12.63
N GLU F 105 38.87 3.91 13.44
CA GLU F 105 39.15 3.74 14.89
C GLU F 105 37.93 3.04 15.53
N LEU F 106 36.71 3.43 15.15
CA LEU F 106 35.48 2.81 15.67
C LEU F 106 35.53 1.31 15.36
N GLU F 107 35.78 0.92 14.10
CA GLU F 107 35.72 -0.50 13.67
C GLU F 107 36.79 -1.31 14.40
N LYS F 108 37.97 -0.77 14.64
CA LYS F 108 39.03 -1.47 15.42
C LYS F 108 38.58 -1.61 16.88
N ASN F 109 37.93 -0.61 17.47
CA ASN F 109 37.37 -0.72 18.84
C ASN F 109 36.30 -1.82 18.87
N VAL F 110 35.41 -1.90 17.89
CA VAL F 110 34.34 -2.93 17.84
C VAL F 110 35.03 -4.31 17.71
N ASN F 111 36.08 -4.37 16.87
CA ASN F 111 36.84 -5.63 16.63
C ASN F 111 37.48 -6.10 17.95
N GLN F 112 38.10 -5.17 18.72
CA GLN F 112 38.72 -5.50 20.02
C GLN F 112 37.65 -6.08 20.96
N SER F 113 36.48 -5.50 20.97
CA SER F 113 35.38 -6.04 21.83
C SER F 113 34.99 -7.45 21.35
N LEU F 114 34.88 -7.67 20.04
CA LEU F 114 34.51 -8.99 19.51
C LEU F 114 35.61 -10.00 19.85
N LEU F 115 36.88 -9.60 19.76
CA LEU F 115 38.00 -10.51 20.09
C LEU F 115 37.94 -10.87 21.60
N GLU F 116 37.62 -9.92 22.49
CA GLU F 116 37.46 -10.21 23.94
C GLU F 116 36.27 -11.19 24.10
N LEU F 117 35.18 -10.97 23.37
CA LEU F 117 34.01 -11.87 23.44
C LEU F 117 34.43 -13.29 22.99
N HIS F 118 35.23 -13.43 21.93
CA HIS F 118 35.68 -14.71 21.42
C HIS F 118 36.55 -15.39 22.49
N LYS F 119 37.41 -14.63 23.14
CA LYS F 119 38.29 -15.18 24.21
C LYS F 119 37.40 -15.71 25.33
N LEU F 120 36.35 -14.98 25.67
CA LEU F 120 35.45 -15.41 26.74
C LEU F 120 34.75 -16.72 26.32
N ALA F 121 34.23 -16.78 25.09
CA ALA F 121 33.57 -17.99 24.58
C ALA F 121 34.55 -19.17 24.62
N THR F 122 35.82 -18.93 24.27
CA THR F 122 36.86 -19.97 24.30
C THR F 122 37.08 -20.41 25.76
N ASP F 123 37.26 -19.46 26.67
CA ASP F 123 37.53 -19.70 28.11
C ASP F 123 36.36 -20.46 28.72
N LYS F 124 35.10 -20.26 28.25
CA LYS F 124 33.92 -20.99 28.82
C LYS F 124 33.58 -22.21 28.00
N ASN F 125 34.48 -22.62 27.10
CA ASN F 125 34.29 -23.82 26.28
C ASN F 125 32.89 -23.77 25.66
N ASP F 126 32.59 -22.67 24.94
CA ASP F 126 31.31 -22.46 24.21
C ASP F 126 31.63 -22.46 22.72
N PRO F 127 31.77 -23.63 22.05
CA PRO F 127 32.18 -23.63 20.64
C PRO F 127 31.12 -23.06 19.70
N HIS F 128 29.83 -23.21 20.06
CA HIS F 128 28.74 -22.60 19.23
C HIS F 128 28.95 -21.08 19.19
N LEU F 129 29.17 -20.46 20.35
CA LEU F 129 29.29 -18.98 20.43
C LEU F 129 30.58 -18.55 19.72
N ALA F 130 31.70 -19.26 19.93
CA ALA F 130 32.99 -19.00 19.25
C ALA F 130 32.78 -19.01 17.74
N ASP F 131 32.11 -20.03 17.23
CA ASP F 131 31.87 -20.17 15.77
C ASP F 131 30.96 -19.03 15.28
N PHE F 132 29.93 -18.69 16.04
CA PHE F 132 29.00 -17.60 15.67
C PHE F 132 29.80 -16.31 15.50
N ILE F 133 30.70 -16.04 16.43
CA ILE F 133 31.51 -14.78 16.38
C ILE F 133 32.44 -14.83 15.16
N GLU F 134 33.15 -15.94 14.91
CA GLU F 134 34.09 -16.08 13.75
C GLU F 134 33.30 -15.94 12.45
N THR F 135 32.15 -16.59 12.36
CA THR F 135 31.39 -16.74 11.11
C THR F 135 30.75 -15.43 10.72
N HIS F 136 30.15 -14.74 11.67
CA HIS F 136 29.29 -13.59 11.35
C HIS F 136 29.96 -12.25 11.64
N TYR F 137 31.00 -12.19 12.48
CA TYR F 137 31.54 -10.88 12.95
C TYR F 137 33.01 -10.72 12.58
N LEU F 138 33.88 -11.69 12.86
CA LEU F 138 35.35 -11.39 12.79
C LEU F 138 35.81 -11.16 11.34
N ASN F 139 35.37 -11.93 10.33
CA ASN F 139 35.85 -11.64 8.95
C ASN F 139 35.24 -10.32 8.46
N GLU F 140 33.99 -10.06 8.81
CA GLU F 140 33.30 -8.80 8.41
C GLU F 140 34.11 -7.64 8.99
N GLN F 141 34.60 -7.75 10.22
CA GLN F 141 35.39 -6.68 10.85
C GLN F 141 36.72 -6.50 10.07
N VAL F 142 37.43 -7.58 9.75
CA VAL F 142 38.72 -7.46 9.03
C VAL F 142 38.48 -6.80 7.67
N CYS F 143 37.44 -7.20 6.95
CA CYS F 143 37.05 -6.58 5.64
C CYS F 143 36.69 -5.09 5.77
N ALA F 144 35.99 -4.70 6.83
CA ALA F 144 35.56 -3.28 7.05
C ALA F 144 36.78 -2.44 7.33
N ILE F 145 37.69 -2.95 8.17
CA ILE F 145 38.91 -2.25 8.61
C ILE F 145 39.85 -2.11 7.40
N LYS F 146 39.99 -3.12 6.56
CA LYS F 146 40.82 -3.03 5.33
C LYS F 146 40.24 -1.98 4.37
N GLU F 147 38.92 -1.95 4.16
CA GLU F 147 38.27 -0.99 3.24
C GLU F 147 38.47 0.45 3.77
N LEU F 148 38.25 0.71 5.06
CA LEU F 148 38.47 2.04 5.67
C LEU F 148 39.93 2.46 5.58
N GLY F 149 40.89 1.55 5.83
CA GLY F 149 42.29 1.86 5.61
C GLY F 149 42.57 2.28 4.17
N ASP F 150 42.07 1.54 3.20
CA ASP F 150 42.25 1.84 1.77
C ASP F 150 41.72 3.27 1.48
N HIS F 151 40.52 3.61 1.99
CA HIS F 151 39.89 4.94 1.78
C HIS F 151 40.75 6.04 2.40
N VAL F 152 41.21 5.82 3.61
CA VAL F 152 42.08 6.79 4.31
C VAL F 152 43.35 7.04 3.47
N THR F 153 44.00 5.96 3.00
CA THR F 153 45.24 6.05 2.21
C THR F 153 44.98 6.88 0.96
N ASN F 154 43.94 6.58 0.21
CA ASN F 154 43.62 7.31 -1.04
C ASN F 154 43.35 8.80 -0.75
N LEU F 155 42.54 9.09 0.26
CA LEU F 155 42.21 10.49 0.58
C LEU F 155 43.49 11.23 0.96
N ARG F 156 44.36 10.61 1.77
CA ARG F 156 45.63 11.27 2.17
C ARG F 156 46.46 11.54 0.89
N LYS F 157 46.63 10.54 0.02
CA LYS F 157 47.54 10.62 -1.13
C LYS F 157 46.97 11.68 -2.10
N MET F 158 45.66 11.81 -2.19
CA MET F 158 45.00 12.82 -3.06
C MET F 158 45.23 14.25 -2.54
N GLY F 159 45.56 14.45 -1.26
CA GLY F 159 45.74 15.79 -0.65
C GLY F 159 44.62 16.19 0.28
N ALA F 160 43.75 15.27 0.69
CA ALA F 160 42.71 15.59 1.68
C ALA F 160 43.39 15.79 3.03
N PRO F 161 42.77 16.58 3.95
CA PRO F 161 41.50 17.27 3.71
C PRO F 161 41.63 18.71 3.19
N GLU F 162 42.86 19.19 3.05
CA GLU F 162 43.12 20.58 2.60
C GLU F 162 42.59 20.78 1.17
N SER F 163 42.81 19.82 0.26
CA SER F 163 42.22 19.80 -1.11
C SER F 163 40.74 19.41 -1.03
N GLY F 164 39.86 20.39 -1.16
CA GLY F 164 38.42 20.16 -1.35
C GLY F 164 38.17 19.44 -2.67
N LEU F 165 39.01 19.72 -3.71
CA LEU F 165 39.02 18.95 -5.00
C LEU F 165 39.25 17.44 -4.72
N ALA F 166 40.15 17.12 -3.81
CA ALA F 166 40.45 15.70 -3.49
C ALA F 166 39.18 15.03 -2.98
N GLU F 167 38.50 15.63 -2.01
CA GLU F 167 37.33 15.00 -1.36
C GLU F 167 36.19 14.92 -2.37
N TYR F 168 36.02 15.93 -3.18
CA TYR F 168 34.99 15.93 -4.24
C TYR F 168 35.23 14.76 -5.21
N LEU F 169 36.47 14.60 -5.69
CA LEU F 169 36.76 13.54 -6.71
C LEU F 169 36.62 12.15 -6.06
N PHE F 170 37.05 11.98 -4.80
CA PHE F 170 36.97 10.69 -4.06
C PHE F 170 35.49 10.31 -3.94
N ASP F 171 34.68 11.30 -3.56
CA ASP F 171 33.21 11.15 -3.43
C ASP F 171 32.65 10.61 -4.74
N LYS F 172 33.09 11.17 -5.87
CA LYS F 172 32.56 10.79 -7.19
C LYS F 172 33.12 9.42 -7.63
N HIS F 173 34.43 9.22 -7.59
CA HIS F 173 35.05 8.09 -8.33
C HIS F 173 35.20 6.84 -7.48
N THR F 174 35.34 6.97 -6.16
CA THR F 174 35.45 5.81 -5.27
C THR F 174 34.08 5.54 -4.64
N LEU F 175 33.41 6.53 -4.04
CA LEU F 175 32.18 6.21 -3.29
C LEU F 175 30.95 6.26 -4.21
N GLY F 176 31.03 6.82 -5.41
CA GLY F 176 29.86 7.05 -6.30
C GLY F 176 29.55 5.87 -7.21
N THR G 5 -49.41 11.95 -20.70
CA THR G 5 -49.14 10.47 -20.88
C THR G 5 -47.85 10.29 -21.70
N SER G 6 -46.86 9.56 -21.20
CA SER G 6 -45.61 9.27 -21.95
C SER G 6 -45.96 8.57 -23.27
N GLN G 7 -45.26 8.91 -24.34
CA GLN G 7 -45.37 8.23 -25.65
C GLN G 7 -45.01 6.75 -25.52
N VAL G 8 -44.17 6.35 -24.53
CA VAL G 8 -43.79 4.91 -24.42
C VAL G 8 -44.81 4.10 -23.59
N ARG G 9 -45.66 4.76 -22.83
CA ARG G 9 -46.46 4.08 -21.79
C ARG G 9 -47.46 3.09 -22.43
N GLN G 10 -47.49 1.85 -21.94
CA GLN G 10 -48.46 0.83 -22.41
C GLN G 10 -48.64 -0.21 -21.31
N ASN G 11 -49.88 -0.39 -20.89
CA ASN G 11 -50.29 -1.45 -19.95
C ASN G 11 -49.60 -1.22 -18.60
N TYR G 12 -49.37 0.03 -18.22
CA TYR G 12 -48.64 0.41 -16.99
C TYR G 12 -49.61 1.20 -16.10
N HIS G 13 -50.13 0.53 -15.08
CA HIS G 13 -51.15 1.11 -14.19
C HIS G 13 -50.51 2.20 -13.31
N GLN G 14 -51.23 3.28 -13.09
CA GLN G 14 -50.83 4.33 -12.10
C GLN G 14 -50.47 3.71 -10.74
N ASP G 15 -51.19 2.69 -10.28
CA ASP G 15 -50.90 2.08 -8.97
C ASP G 15 -49.52 1.40 -8.98
N SER G 16 -49.17 0.76 -10.10
CA SER G 16 -47.87 0.08 -10.30
C SER G 16 -46.77 1.15 -10.29
N GLU G 17 -46.97 2.24 -11.00
CA GLU G 17 -46.01 3.39 -11.05
C GLU G 17 -45.72 3.86 -9.62
N GLU G 18 -46.78 4.06 -8.86
CA GLU G 18 -46.66 4.59 -7.48
C GLU G 18 -45.94 3.55 -6.63
N ALA G 19 -46.28 2.25 -6.77
CA ALA G 19 -45.63 1.17 -5.98
C ALA G 19 -44.11 1.13 -6.31
N ILE G 20 -43.73 1.37 -7.55
CA ILE G 20 -42.31 1.37 -7.97
C ILE G 20 -41.57 2.51 -7.27
N ASN G 21 -42.16 3.70 -7.18
CA ASN G 21 -41.54 4.84 -6.44
C ASN G 21 -41.34 4.45 -4.97
N ARG G 22 -42.31 3.77 -4.36
CA ARG G 22 -42.20 3.33 -2.94
C ARG G 22 -41.08 2.28 -2.82
N GLN G 23 -40.97 1.37 -3.77
CA GLN G 23 -39.88 0.36 -3.72
C GLN G 23 -38.50 1.04 -3.90
N ILE G 24 -38.37 2.03 -4.79
CA ILE G 24 -37.09 2.76 -4.95
C ILE G 24 -36.65 3.30 -3.60
N ASN G 25 -37.56 3.96 -2.88
CA ASN G 25 -37.30 4.50 -1.53
C ASN G 25 -36.79 3.37 -0.63
N LEU G 26 -37.45 2.22 -0.63
CA LEU G 26 -37.13 1.12 0.33
C LEU G 26 -35.73 0.57 0.02
N GLU G 27 -35.37 0.44 -1.25
CA GLU G 27 -34.02 -0.03 -1.65
C GLU G 27 -32.98 0.97 -1.18
N LEU G 28 -33.21 2.27 -1.38
CA LEU G 28 -32.27 3.33 -0.87
C LEU G 28 -32.18 3.28 0.66
N TYR G 29 -33.31 3.05 1.32
CA TYR G 29 -33.36 2.87 2.78
C TYR G 29 -32.45 1.71 3.18
N ALA G 30 -32.61 0.55 2.54
CA ALA G 30 -31.78 -0.65 2.83
C ALA G 30 -30.29 -0.32 2.60
N SER G 31 -29.94 0.38 1.55
CA SER G 31 -28.52 0.79 1.29
C SER G 31 -27.98 1.57 2.50
N TYR G 32 -28.80 2.47 3.02
CA TYR G 32 -28.39 3.34 4.14
C TYR G 32 -28.21 2.53 5.45
N VAL G 33 -29.10 1.56 5.71
CA VAL G 33 -28.98 0.66 6.89
C VAL G 33 -27.62 -0.05 6.80
N TYR G 34 -27.28 -0.62 5.65
CA TYR G 34 -26.04 -1.40 5.48
C TYR G 34 -24.84 -0.46 5.59
N LEU G 35 -24.93 0.78 5.08
CA LEU G 35 -23.82 1.74 5.23
C LEU G 35 -23.57 1.93 6.74
N SER G 36 -24.62 2.17 7.50
CA SER G 36 -24.56 2.40 8.95
C SER G 36 -23.90 1.19 9.63
N MET G 37 -24.35 0.00 9.30
CA MET G 37 -23.77 -1.24 9.89
C MET G 37 -22.29 -1.32 9.55
N SER G 38 -21.94 -1.04 8.31
CA SER G 38 -20.55 -1.11 7.83
C SER G 38 -19.66 -0.30 8.78
N TYR G 39 -20.01 0.97 9.02
CA TYR G 39 -19.09 1.90 9.74
C TYR G 39 -19.17 1.68 11.24
N TYR G 40 -20.22 1.03 11.74
CA TYR G 40 -20.22 0.51 13.12
C TYR G 40 -19.04 -0.48 13.29
N PHE G 41 -18.86 -1.41 12.35
CA PHE G 41 -17.80 -2.46 12.46
C PHE G 41 -16.37 -1.87 12.28
N ASP G 42 -16.26 -0.66 11.74
CA ASP G 42 -14.98 0.07 11.51
C ASP G 42 -14.61 0.88 12.77
N ARG G 43 -15.50 1.02 13.75
CA ARG G 43 -15.18 1.76 15.01
C ARG G 43 -14.00 1.08 15.68
N ASP G 44 -13.15 1.85 16.37
CA ASP G 44 -11.92 1.32 17.01
C ASP G 44 -12.29 0.35 18.15
N ASP G 45 -13.51 0.47 18.73
CA ASP G 45 -13.99 -0.33 19.88
C ASP G 45 -14.89 -1.49 19.39
N VAL G 46 -14.91 -1.74 18.08
CA VAL G 46 -15.62 -2.92 17.47
C VAL G 46 -14.64 -3.67 16.60
N ALA G 47 -14.16 -3.02 15.55
CA ALA G 47 -12.93 -3.39 14.81
C ALA G 47 -13.05 -4.81 14.21
N LEU G 48 -14.14 -5.07 13.50
CA LEU G 48 -14.31 -6.31 12.70
C LEU G 48 -14.36 -5.90 11.23
N LYS G 49 -13.20 -5.90 10.58
CA LYS G 49 -12.99 -5.31 9.23
C LYS G 49 -13.78 -6.09 8.18
N ASN G 50 -13.95 -7.40 8.37
CA ASN G 50 -14.65 -8.22 7.33
C ASN G 50 -16.16 -8.04 7.49
N PHE G 51 -16.66 -7.89 8.71
CA PHE G 51 -18.07 -7.43 8.91
C PHE G 51 -18.27 -6.10 8.18
N ALA G 52 -17.35 -5.15 8.35
CA ALA G 52 -17.44 -3.80 7.75
C ALA G 52 -17.52 -3.97 6.24
N CYS G 53 -16.59 -4.75 5.67
CA CYS G 53 -16.49 -4.95 4.20
C CYS G 53 -17.77 -5.62 3.70
N TYR G 54 -18.21 -6.67 4.37
CA TYR G 54 -19.44 -7.39 4.00
C TYR G 54 -20.60 -6.39 3.89
N PHE G 55 -20.88 -5.61 4.94
CA PHE G 55 -22.04 -4.68 4.97
C PHE G 55 -21.89 -3.56 3.93
N LEU G 56 -20.69 -3.07 3.70
CA LEU G 56 -20.49 -2.01 2.68
C LEU G 56 -20.83 -2.56 1.29
N HIS G 57 -20.37 -3.79 0.95
CA HIS G 57 -20.75 -4.46 -0.32
C HIS G 57 -22.28 -4.59 -0.38
N GLN G 58 -22.95 -5.00 0.70
CA GLN G 58 -24.42 -5.03 0.69
C GLN G 58 -25.01 -3.63 0.41
N SER G 59 -24.46 -2.59 1.03
CA SER G 59 -24.93 -1.19 0.85
C SER G 59 -24.85 -0.83 -0.64
N HIS G 60 -23.74 -1.14 -1.29
CA HIS G 60 -23.55 -0.81 -2.74
C HIS G 60 -24.51 -1.65 -3.60
N GLU G 61 -24.77 -2.89 -3.23
CA GLU G 61 -25.75 -3.71 -3.99
C GLU G 61 -27.17 -3.11 -3.86
N GLU G 62 -27.57 -2.64 -2.69
CA GLU G 62 -28.93 -2.06 -2.53
C GLU G 62 -29.04 -0.80 -3.40
N ARG G 63 -27.97 -0.02 -3.49
CA ARG G 63 -27.98 1.15 -4.39
C ARG G 63 -28.28 0.70 -5.84
N CYS G 64 -27.63 -0.37 -6.30
CA CYS G 64 -27.88 -0.96 -7.65
C CYS G 64 -29.34 -1.41 -7.75
N HIS G 65 -29.93 -1.99 -6.71
CA HIS G 65 -31.38 -2.39 -6.75
C HIS G 65 -32.26 -1.15 -7.00
N ALA G 66 -31.95 -0.03 -6.35
CA ALA G 66 -32.73 1.23 -6.48
C ALA G 66 -32.56 1.79 -7.88
N GLU G 67 -31.33 1.84 -8.38
CA GLU G 67 -31.05 2.38 -9.73
C GLU G 67 -31.76 1.55 -10.80
N LYS G 68 -31.79 0.23 -10.69
CA LYS G 68 -32.45 -0.60 -11.72
C LYS G 68 -33.97 -0.35 -11.71
N LEU G 69 -34.56 -0.11 -10.55
CA LEU G 69 -35.99 0.26 -10.50
C LEU G 69 -36.24 1.64 -11.10
N MET G 70 -35.35 2.60 -10.89
CA MET G 70 -35.47 3.92 -11.51
C MET G 70 -35.43 3.74 -13.04
N LYS G 71 -34.53 2.90 -13.54
CA LYS G 71 -34.40 2.60 -14.99
C LYS G 71 -35.76 2.06 -15.48
N LEU G 72 -36.36 1.11 -14.74
CA LEU G 72 -37.64 0.43 -15.08
C LEU G 72 -38.75 1.48 -15.17
N GLN G 73 -38.84 2.37 -14.19
CA GLN G 73 -39.88 3.42 -14.14
C GLN G 73 -39.80 4.19 -15.45
N ASN G 74 -38.60 4.63 -15.81
CA ASN G 74 -38.44 5.38 -17.08
C ASN G 74 -38.73 4.49 -18.31
N GLN G 75 -38.32 3.23 -18.32
CA GLN G 75 -38.55 2.31 -19.49
C GLN G 75 -40.06 2.22 -19.72
N ARG G 76 -40.84 2.18 -18.64
CA ARG G 76 -42.32 1.98 -18.72
C ARG G 76 -43.05 3.30 -18.90
N GLY G 77 -42.36 4.43 -18.89
CA GLY G 77 -42.97 5.75 -19.09
C GLY G 77 -43.60 6.26 -17.80
N GLY G 78 -43.25 5.67 -16.66
CA GLY G 78 -43.65 6.27 -15.37
C GLY G 78 -42.69 7.39 -15.01
N ARG G 79 -42.98 8.10 -13.91
CA ARG G 79 -42.20 9.30 -13.52
C ARG G 79 -41.71 9.08 -12.09
N ILE G 80 -40.39 9.19 -11.92
CA ILE G 80 -39.73 8.99 -10.62
C ILE G 80 -40.08 10.18 -9.71
N PHE G 81 -40.57 9.88 -8.52
CA PHE G 81 -40.74 10.84 -7.40
C PHE G 81 -39.99 10.25 -6.19
N LEU G 82 -38.83 10.86 -5.91
CA LEU G 82 -37.92 10.45 -4.83
C LEU G 82 -38.49 10.99 -3.52
N GLN G 83 -38.24 10.28 -2.42
CA GLN G 83 -38.65 10.73 -1.07
C GLN G 83 -37.39 10.75 -0.18
N ASP G 84 -37.46 11.42 0.96
CA ASP G 84 -36.39 11.41 1.97
C ASP G 84 -35.98 9.95 2.21
N ILE G 85 -34.72 9.74 2.46
CA ILE G 85 -34.22 8.41 2.90
C ILE G 85 -34.10 8.45 4.41
N GLN G 86 -35.00 7.76 5.10
CA GLN G 86 -35.07 7.80 6.58
C GLN G 86 -33.80 7.18 7.17
N LYS G 87 -33.27 7.76 8.25
CA LYS G 87 -32.10 7.15 8.93
C LYS G 87 -32.46 5.79 9.52
N PRO G 88 -31.48 4.90 9.69
CA PRO G 88 -31.74 3.58 10.26
C PRO G 88 -32.23 3.67 11.72
N ASP G 89 -32.84 2.59 12.20
CA ASP G 89 -33.47 2.47 13.55
C ASP G 89 -32.40 2.47 14.63
N GLU G 90 -31.15 2.15 14.31
CA GLU G 90 -30.09 2.13 15.35
C GLU G 90 -28.91 2.98 14.84
N ASP G 91 -28.16 3.54 15.79
CA ASP G 91 -26.81 4.13 15.60
C ASP G 91 -25.72 3.11 15.97
N ASP G 92 -26.02 2.25 16.95
CA ASP G 92 -25.13 1.27 17.57
C ASP G 92 -25.75 -0.11 17.30
N TRP G 93 -25.09 -0.98 16.55
CA TRP G 93 -25.68 -2.28 16.12
C TRP G 93 -25.31 -3.42 17.08
N GLU G 94 -24.57 -3.10 18.14
CA GLU G 94 -24.35 -3.95 19.36
C GLU G 94 -23.33 -5.06 19.14
N SER G 95 -23.43 -5.86 18.06
CA SER G 95 -22.56 -7.03 17.83
C SER G 95 -22.75 -7.51 16.39
N GLY G 96 -21.83 -8.34 15.93
CA GLY G 96 -21.92 -8.98 14.62
C GLY G 96 -23.20 -9.79 14.52
N LEU G 97 -23.52 -10.61 15.53
CA LEU G 97 -24.76 -11.41 15.50
C LEU G 97 -25.97 -10.46 15.41
N ASN G 98 -26.06 -9.43 16.26
CA ASN G 98 -27.23 -8.50 16.22
C ASN G 98 -27.35 -7.83 14.85
N ALA G 99 -26.24 -7.42 14.25
CA ALA G 99 -26.27 -6.82 12.91
C ALA G 99 -26.83 -7.84 11.92
N MET G 100 -26.37 -9.09 11.97
CA MET G 100 -26.83 -10.12 10.99
C MET G 100 -28.34 -10.36 11.19
N GLU G 101 -28.81 -10.37 12.44
CA GLU G 101 -30.27 -10.61 12.74
C GLU G 101 -31.08 -9.42 12.22
N GLU G 102 -30.58 -8.21 12.40
CA GLU G 102 -31.25 -7.00 11.89
C GLU G 102 -31.27 -7.04 10.37
N ALA G 103 -30.20 -7.45 9.72
CA ALA G 103 -30.13 -7.54 8.23
C ALA G 103 -31.15 -8.57 7.73
N LEU G 104 -31.25 -9.70 8.44
CA LEU G 104 -32.21 -10.77 8.08
C LEU G 104 -33.63 -10.20 8.15
N GLU G 105 -33.97 -9.47 9.21
CA GLU G 105 -35.29 -8.85 9.37
C GLU G 105 -35.51 -7.85 8.23
N LEU G 106 -34.51 -6.99 7.96
CA LEU G 106 -34.59 -6.02 6.85
C LEU G 106 -34.91 -6.76 5.52
N GLU G 107 -34.17 -7.80 5.20
CA GLU G 107 -34.29 -8.46 3.87
C GLU G 107 -35.67 -9.12 3.75
N LYS G 108 -36.23 -9.65 4.83
CA LYS G 108 -37.59 -10.25 4.84
C LYS G 108 -38.64 -9.14 4.63
N ASN G 109 -38.44 -7.95 5.22
CA ASN G 109 -39.34 -6.79 5.05
C ASN G 109 -39.27 -6.31 3.59
N VAL G 110 -38.09 -6.24 3.00
CA VAL G 110 -37.96 -5.82 1.57
C VAL G 110 -38.64 -6.89 0.70
N ASN G 111 -38.46 -8.17 1.04
CA ASN G 111 -39.07 -9.28 0.28
C ASN G 111 -40.59 -9.15 0.34
N GLN G 112 -41.16 -8.89 1.52
CA GLN G 112 -42.63 -8.73 1.69
C GLN G 112 -43.09 -7.61 0.76
N SER G 113 -42.38 -6.50 0.74
CA SER G 113 -42.76 -5.35 -0.12
C SER G 113 -42.71 -5.79 -1.60
N LEU G 114 -41.69 -6.52 -2.02
CA LEU G 114 -41.56 -7.02 -3.40
C LEU G 114 -42.70 -8.02 -3.73
N LEU G 115 -43.03 -8.95 -2.83
CA LEU G 115 -44.20 -9.86 -3.00
C LEU G 115 -45.52 -9.07 -3.14
N GLU G 116 -45.72 -8.01 -2.39
CA GLU G 116 -46.93 -7.16 -2.55
C GLU G 116 -46.87 -6.46 -3.90
N LEU G 117 -45.67 -6.05 -4.37
CA LEU G 117 -45.55 -5.37 -5.68
C LEU G 117 -45.88 -6.38 -6.79
N HIS G 118 -45.42 -7.63 -6.67
CA HIS G 118 -45.70 -8.71 -7.63
C HIS G 118 -47.21 -8.99 -7.66
N LYS G 119 -47.89 -9.02 -6.52
CA LYS G 119 -49.37 -9.23 -6.46
C LYS G 119 -50.05 -8.09 -7.22
N LEU G 120 -49.59 -6.87 -7.03
CA LEU G 120 -50.13 -5.69 -7.77
C LEU G 120 -49.97 -5.87 -9.28
N ALA G 121 -48.77 -6.20 -9.74
CA ALA G 121 -48.46 -6.46 -11.15
C ALA G 121 -49.39 -7.56 -11.68
N THR G 122 -49.59 -8.62 -10.93
CA THR G 122 -50.52 -9.75 -11.28
C THR G 122 -51.97 -9.25 -11.34
N ASP G 123 -52.41 -8.49 -10.33
CA ASP G 123 -53.80 -7.97 -10.26
C ASP G 123 -54.09 -6.98 -11.42
N LYS G 124 -53.10 -6.22 -11.88
CA LYS G 124 -53.27 -5.26 -13.01
C LYS G 124 -52.87 -5.90 -14.35
N ASN G 125 -52.61 -7.20 -14.38
CA ASN G 125 -52.31 -7.95 -15.64
C ASN G 125 -51.12 -7.26 -16.32
N ASP G 126 -50.02 -7.08 -15.61
CA ASP G 126 -48.80 -6.44 -16.16
C ASP G 126 -47.73 -7.53 -16.16
N PRO G 127 -47.69 -8.41 -17.17
CA PRO G 127 -46.73 -9.52 -17.13
C PRO G 127 -45.28 -9.03 -17.24
N HIS G 128 -45.06 -7.94 -17.95
CA HIS G 128 -43.68 -7.40 -18.03
C HIS G 128 -43.18 -7.06 -16.61
N LEU G 129 -43.97 -6.34 -15.84
CA LEU G 129 -43.55 -5.92 -14.48
C LEU G 129 -43.42 -7.16 -13.58
N ALA G 130 -44.35 -8.10 -13.68
CA ALA G 130 -44.30 -9.40 -12.96
C ALA G 130 -42.97 -10.11 -13.23
N ASP G 131 -42.58 -10.24 -14.49
CA ASP G 131 -41.35 -10.93 -14.91
C ASP G 131 -40.14 -10.12 -14.39
N PHE G 132 -40.17 -8.80 -14.49
CA PHE G 132 -39.06 -7.93 -14.03
C PHE G 132 -38.78 -8.22 -12.55
N ILE G 133 -39.81 -8.26 -11.72
CA ILE G 133 -39.68 -8.45 -10.26
C ILE G 133 -39.15 -9.88 -9.97
N GLU G 134 -39.68 -10.88 -10.64
CA GLU G 134 -39.24 -12.29 -10.50
C GLU G 134 -37.80 -12.44 -10.92
N THR G 135 -37.42 -11.87 -12.06
CA THR G 135 -36.10 -12.06 -12.70
C THR G 135 -35.01 -11.36 -11.90
N HIS G 136 -35.25 -10.13 -11.46
CA HIS G 136 -34.20 -9.27 -10.89
C HIS G 136 -34.26 -9.22 -9.36
N TYR G 137 -35.39 -9.56 -8.69
CA TYR G 137 -35.55 -9.19 -7.27
C TYR G 137 -35.88 -10.43 -6.44
N LEU G 138 -36.83 -11.29 -6.84
CA LEU G 138 -37.36 -12.31 -5.89
C LEU G 138 -36.30 -13.39 -5.65
N ASN G 139 -35.55 -13.84 -6.64
CA ASN G 139 -34.58 -14.93 -6.36
C ASN G 139 -33.39 -14.32 -5.63
N GLU G 140 -33.01 -13.07 -5.93
CA GLU G 140 -31.94 -12.36 -5.17
C GLU G 140 -32.33 -12.29 -3.68
N GLN G 141 -33.58 -11.94 -3.35
CA GLN G 141 -34.06 -11.86 -1.95
C GLN G 141 -33.96 -13.23 -1.27
N VAL G 142 -34.45 -14.27 -1.93
CA VAL G 142 -34.38 -15.65 -1.36
C VAL G 142 -32.93 -16.02 -1.04
N CYS G 143 -32.00 -15.76 -1.96
CA CYS G 143 -30.55 -15.98 -1.76
C CYS G 143 -30.00 -15.13 -0.62
N ALA G 144 -30.32 -13.85 -0.54
CA ALA G 144 -29.82 -12.97 0.56
C ALA G 144 -30.34 -13.44 1.94
N ILE G 145 -31.61 -13.83 2.02
CA ILE G 145 -32.25 -14.28 3.26
C ILE G 145 -31.64 -15.61 3.72
N LYS G 146 -31.38 -16.54 2.80
CA LYS G 146 -30.74 -17.84 3.14
C LYS G 146 -29.31 -17.60 3.67
N GLU G 147 -28.56 -16.74 2.99
CA GLU G 147 -27.16 -16.42 3.37
C GLU G 147 -27.17 -15.84 4.78
N LEU G 148 -28.05 -14.87 5.06
CA LEU G 148 -28.13 -14.20 6.38
C LEU G 148 -28.54 -15.20 7.48
N GLY G 149 -29.49 -16.09 7.20
CA GLY G 149 -29.88 -17.17 8.11
C GLY G 149 -28.68 -18.06 8.45
N ASP G 150 -27.93 -18.48 7.45
CA ASP G 150 -26.73 -19.35 7.62
C ASP G 150 -25.72 -18.63 8.55
N HIS G 151 -25.49 -17.34 8.33
CA HIS G 151 -24.54 -16.52 9.15
C HIS G 151 -25.07 -16.43 10.58
N VAL G 152 -26.35 -16.13 10.77
CA VAL G 152 -26.95 -16.06 12.14
C VAL G 152 -26.73 -17.40 12.82
N THR G 153 -27.09 -18.51 12.17
CA THR G 153 -26.94 -19.87 12.75
C THR G 153 -25.50 -20.11 13.23
N ASN G 154 -24.52 -19.85 12.37
CA ASN G 154 -23.09 -20.09 12.67
C ASN G 154 -22.65 -19.22 13.85
N LEU G 155 -23.02 -17.94 13.86
CA LEU G 155 -22.63 -17.05 14.99
C LEU G 155 -23.23 -17.57 16.31
N ARG G 156 -24.49 -17.95 16.29
CA ARG G 156 -25.16 -18.47 17.51
C ARG G 156 -24.43 -19.73 17.97
N LYS G 157 -24.22 -20.67 17.07
CA LYS G 157 -23.59 -21.97 17.41
C LYS G 157 -22.16 -21.73 17.91
N MET G 158 -21.44 -20.75 17.37
CA MET G 158 -20.06 -20.46 17.85
C MET G 158 -20.06 -19.83 19.24
N GLY G 159 -21.20 -19.35 19.75
CA GLY G 159 -21.29 -18.69 21.06
C GLY G 159 -21.39 -17.18 21.00
N ALA G 160 -21.65 -16.59 19.83
CA ALA G 160 -21.86 -15.12 19.77
C ALA G 160 -23.20 -14.81 20.46
N PRO G 161 -23.42 -13.57 20.95
CA PRO G 161 -22.43 -12.50 20.91
C PRO G 161 -21.51 -12.44 22.15
N GLU G 162 -21.80 -13.24 23.17
CA GLU G 162 -21.03 -13.21 24.43
C GLU G 162 -19.57 -13.56 24.16
N SER G 163 -19.30 -14.56 23.30
CA SER G 163 -17.90 -14.91 22.91
C SER G 163 -17.39 -13.90 21.87
N GLY G 164 -16.52 -12.99 22.31
CA GLY G 164 -15.80 -12.08 21.41
C GLY G 164 -14.86 -12.86 20.47
N LEU G 165 -14.31 -13.98 20.98
CA LEU G 165 -13.60 -15.01 20.15
C LEU G 165 -14.47 -15.50 18.96
N ALA G 166 -15.73 -15.83 19.20
CA ALA G 166 -16.62 -16.30 18.11
C ALA G 166 -16.70 -15.27 16.98
N GLU G 167 -16.99 -14.03 17.30
CA GLU G 167 -17.20 -12.97 16.29
C GLU G 167 -15.89 -12.72 15.59
N TYR G 168 -14.75 -12.73 16.30
CA TYR G 168 -13.39 -12.58 15.68
C TYR G 168 -13.15 -13.67 14.61
N LEU G 169 -13.38 -14.94 14.94
CA LEU G 169 -13.04 -16.08 14.06
C LEU G 169 -14.04 -16.10 12.89
N PHE G 170 -15.31 -15.77 13.12
CA PHE G 170 -16.33 -15.71 12.04
C PHE G 170 -15.94 -14.64 11.04
N ASP G 171 -15.53 -13.47 11.54
CA ASP G 171 -15.00 -12.36 10.71
C ASP G 171 -13.85 -12.88 9.82
N LYS G 172 -12.90 -13.64 10.39
CA LYS G 172 -11.73 -14.11 9.62
C LYS G 172 -12.18 -15.22 8.66
N HIS G 173 -12.85 -16.26 9.16
CA HIS G 173 -12.97 -17.51 8.38
C HIS G 173 -14.21 -17.53 7.47
N THR G 174 -15.31 -16.90 7.84
CA THR G 174 -16.51 -16.84 6.97
C THR G 174 -16.49 -15.55 6.14
N LEU G 175 -16.30 -14.37 6.74
CA LEU G 175 -16.46 -13.12 5.96
C LEU G 175 -15.15 -12.72 5.28
N GLY G 176 -14.00 -13.26 5.66
CA GLY G 176 -12.67 -12.76 5.22
C GLY G 176 -12.11 -13.43 3.98
N THR H 5 47.28 -48.63 8.72
CA THR H 5 46.78 -47.22 8.79
C THR H 5 46.28 -46.84 7.39
N SER H 6 45.17 -46.16 7.26
CA SER H 6 44.70 -45.64 5.96
C SER H 6 45.77 -44.72 5.34
N GLN H 7 45.93 -44.78 4.03
CA GLN H 7 46.83 -43.86 3.27
C GLN H 7 46.34 -42.39 3.36
N VAL H 8 45.06 -42.13 3.66
CA VAL H 8 44.58 -40.73 3.82
C VAL H 8 44.69 -40.22 5.26
N ARG H 9 44.94 -41.07 6.25
CA ARG H 9 44.84 -40.68 7.67
C ARG H 9 45.94 -39.67 8.07
N GLN H 10 45.54 -38.56 8.68
CA GLN H 10 46.46 -37.50 9.13
C GLN H 10 45.79 -36.73 10.26
N ASN H 11 46.47 -36.71 11.41
CA ASN H 11 46.08 -35.93 12.60
C ASN H 11 44.71 -36.40 13.12
N TYR H 12 44.36 -37.69 12.96
CA TYR H 12 43.02 -38.23 13.33
C TYR H 12 43.20 -39.26 14.47
N HIS H 13 42.86 -38.87 15.68
CA HIS H 13 43.12 -39.69 16.89
C HIS H 13 42.17 -40.89 16.89
N GLN H 14 42.65 -42.05 17.30
CA GLN H 14 41.78 -43.24 17.56
C GLN H 14 40.55 -42.88 18.42
N ASP H 15 40.68 -42.05 19.46
CA ASP H 15 39.53 -41.67 20.33
C ASP H 15 38.49 -40.90 19.48
N SER H 16 38.93 -40.04 18.58
CA SER H 16 38.06 -39.23 17.71
C SER H 16 37.27 -40.20 16.80
N GLU H 17 37.97 -41.13 16.18
CA GLU H 17 37.36 -42.15 15.29
C GLU H 17 36.27 -42.90 16.04
N GLU H 18 36.57 -43.33 17.28
CA GLU H 18 35.59 -44.07 18.11
C GLU H 18 34.42 -43.17 18.49
N ALA H 19 34.67 -41.90 18.85
CA ALA H 19 33.59 -40.95 19.21
C ALA H 19 32.70 -40.72 17.97
N ILE H 20 33.27 -40.69 16.77
CA ILE H 20 32.43 -40.52 15.52
C ILE H 20 31.52 -41.73 15.31
N ASN H 21 32.01 -42.93 15.55
CA ASN H 21 31.14 -44.14 15.45
C ASN H 21 30.01 -44.05 16.48
N ARG H 22 30.27 -43.55 17.70
CA ARG H 22 29.21 -43.39 18.73
C ARG H 22 28.18 -42.35 18.23
N GLN H 23 28.65 -41.25 17.67
CA GLN H 23 27.73 -40.20 17.19
C GLN H 23 26.88 -40.73 16.03
N ILE H 24 27.44 -41.51 15.12
CA ILE H 24 26.67 -42.10 14.00
C ILE H 24 25.50 -42.91 14.57
N ASN H 25 25.76 -43.74 15.59
CA ASN H 25 24.69 -44.55 16.24
C ASN H 25 23.64 -43.60 16.82
N LEU H 26 24.05 -42.55 17.53
CA LEU H 26 23.06 -41.61 18.17
C LEU H 26 22.22 -40.88 17.11
N GLU H 27 22.78 -40.48 15.97
CA GLU H 27 21.99 -39.81 14.90
C GLU H 27 20.95 -40.79 14.36
N LEU H 28 21.34 -42.05 14.13
CA LEU H 28 20.43 -43.10 13.64
C LEU H 28 19.33 -43.36 14.69
N TYR H 29 19.66 -43.36 15.95
CA TYR H 29 18.72 -43.45 17.09
C TYR H 29 17.70 -42.30 17.04
N ALA H 30 18.17 -41.05 16.92
CA ALA H 30 17.29 -39.86 16.80
C ALA H 30 16.34 -40.02 15.60
N SER H 31 16.84 -40.46 14.45
CA SER H 31 16.00 -40.70 13.24
C SER H 31 14.85 -41.64 13.63
N TYR H 32 15.19 -42.69 14.39
CA TYR H 32 14.25 -43.77 14.71
C TYR H 32 13.17 -43.24 15.69
N VAL H 33 13.57 -42.47 16.70
CA VAL H 33 12.64 -41.79 17.63
C VAL H 33 11.63 -40.95 16.83
N TYR H 34 12.11 -40.15 15.88
CA TYR H 34 11.22 -39.26 15.11
C TYR H 34 10.32 -40.08 14.19
N LEU H 35 10.81 -41.21 13.63
CA LEU H 35 9.93 -42.09 12.80
C LEU H 35 8.77 -42.58 13.68
N SER H 36 9.08 -43.06 14.89
CA SER H 36 8.09 -43.57 15.88
C SER H 36 7.06 -42.47 16.18
N MET H 37 7.55 -41.27 16.48
CA MET H 37 6.64 -40.15 16.78
C MET H 37 5.72 -39.91 15.59
N SER H 38 6.29 -39.89 14.37
CA SER H 38 5.52 -39.53 13.17
C SER H 38 4.30 -40.46 13.07
N TYR H 39 4.51 -41.78 13.19
CA TYR H 39 3.41 -42.75 12.94
C TYR H 39 2.46 -42.85 14.13
N TYR H 40 2.86 -42.41 15.32
CA TYR H 40 1.93 -42.22 16.43
C TYR H 40 0.85 -41.22 16.00
N PHE H 41 1.25 -40.10 15.41
CA PHE H 41 0.30 -39.02 15.00
C PHE H 41 -0.56 -39.49 13.82
N ASP H 42 -0.18 -40.53 13.10
CA ASP H 42 -0.93 -41.11 11.96
C ASP H 42 -2.01 -42.09 12.48
N ARG H 43 -1.99 -42.47 13.77
CA ARG H 43 -3.01 -43.38 14.34
C ARG H 43 -4.40 -42.77 14.16
N ASP H 44 -5.39 -43.63 13.91
CA ASP H 44 -6.80 -43.16 13.70
C ASP H 44 -7.34 -42.50 14.98
N ASP H 45 -6.78 -42.84 16.14
CA ASP H 45 -7.22 -42.34 17.47
C ASP H 45 -6.32 -41.16 17.92
N VAL H 46 -5.47 -40.64 17.05
CA VAL H 46 -4.65 -39.43 17.33
C VAL H 46 -4.89 -38.43 16.19
N ALA H 47 -4.56 -38.82 14.96
CA ALA H 47 -5.02 -38.18 13.70
C ALA H 47 -4.59 -36.70 13.64
N LEU H 48 -3.30 -36.43 13.81
CA LEU H 48 -2.76 -35.06 13.66
C LEU H 48 -1.72 -35.13 12.54
N LYS H 49 -2.15 -34.89 11.30
CA LYS H 49 -1.38 -35.21 10.07
C LYS H 49 -0.17 -34.28 9.95
N ASN H 50 -0.25 -33.05 10.46
CA ASN H 50 0.88 -32.07 10.37
C ASN H 50 1.91 -32.41 11.45
N PHE H 51 1.50 -32.85 12.64
CA PHE H 51 2.48 -33.44 13.60
C PHE H 51 3.15 -34.66 12.96
N ALA H 52 2.41 -35.49 12.23
CA ALA H 52 3.01 -36.68 11.58
C ALA H 52 4.06 -36.24 10.55
N CYS H 53 3.74 -35.26 9.68
CA CYS H 53 4.64 -34.76 8.62
C CYS H 53 5.85 -34.11 9.29
N TYR H 54 5.62 -33.32 10.33
CA TYR H 54 6.73 -32.60 10.99
C TYR H 54 7.75 -33.64 11.50
N PHE H 55 7.29 -34.65 12.23
CA PHE H 55 8.26 -35.65 12.77
C PHE H 55 8.85 -36.54 11.68
N LEU H 56 8.15 -36.85 10.59
CA LEU H 56 8.76 -37.64 9.51
C LEU H 56 9.91 -36.83 8.87
N HIS H 57 9.72 -35.54 8.63
CA HIS H 57 10.77 -34.62 8.14
C HIS H 57 11.98 -34.67 9.09
N GLN H 58 11.77 -34.53 10.40
CA GLN H 58 12.87 -34.59 11.38
C GLN H 58 13.60 -35.95 11.25
N SER H 59 12.86 -37.05 11.11
CA SER H 59 13.44 -38.41 10.96
C SER H 59 14.39 -38.44 9.76
N HIS H 60 13.94 -37.94 8.61
CA HIS H 60 14.74 -37.94 7.36
C HIS H 60 15.99 -37.04 7.59
N GLU H 61 15.86 -35.90 8.27
CA GLU H 61 17.02 -35.01 8.53
C GLU H 61 18.04 -35.76 9.42
N GLU H 62 17.62 -36.52 10.43
CA GLU H 62 18.55 -37.25 11.32
C GLU H 62 19.31 -38.32 10.53
N ARG H 63 18.66 -38.96 9.54
CA ARG H 63 19.35 -39.95 8.69
C ARG H 63 20.48 -39.23 7.94
N CYS H 64 20.21 -38.08 7.34
CA CYS H 64 21.24 -37.22 6.67
C CYS H 64 22.35 -36.88 7.66
N HIS H 65 22.06 -36.51 8.90
CA HIS H 65 23.11 -36.23 9.92
C HIS H 65 24.02 -37.45 10.06
N ALA H 66 23.45 -38.64 10.10
CA ALA H 66 24.20 -39.91 10.28
C ALA H 66 25.06 -40.17 9.05
N GLU H 67 24.50 -40.02 7.86
CA GLU H 67 25.20 -40.31 6.59
C GLU H 67 26.40 -39.34 6.45
N LYS H 68 26.24 -38.07 6.85
CA LYS H 68 27.35 -37.10 6.74
C LYS H 68 28.49 -37.46 7.70
N LEU H 69 28.20 -38.03 8.88
CA LEU H 69 29.27 -38.47 9.80
C LEU H 69 29.96 -39.72 9.24
N MET H 70 29.22 -40.60 8.57
CA MET H 70 29.81 -41.78 7.91
C MET H 70 30.76 -41.31 6.80
N LYS H 71 30.34 -40.31 6.04
CA LYS H 71 31.19 -39.75 4.99
C LYS H 71 32.45 -39.20 5.66
N LEU H 72 32.32 -38.39 6.72
CA LEU H 72 33.47 -37.80 7.45
C LEU H 72 34.43 -38.92 7.91
N GLN H 73 33.91 -39.97 8.54
CA GLN H 73 34.73 -41.12 9.01
C GLN H 73 35.64 -41.59 7.85
N ASN H 74 35.09 -41.87 6.68
CA ASN H 74 35.88 -42.35 5.53
C ASN H 74 36.78 -41.23 4.99
N GLN H 75 36.35 -39.96 4.99
CA GLN H 75 37.20 -38.85 4.48
C GLN H 75 38.50 -38.79 5.30
N ARG H 76 38.42 -39.02 6.62
CA ARG H 76 39.59 -38.91 7.54
C ARG H 76 40.37 -40.23 7.63
N GLY H 77 39.89 -41.29 6.99
CA GLY H 77 40.54 -42.60 6.99
C GLY H 77 40.22 -43.40 8.25
N GLY H 78 39.16 -43.05 8.97
CA GLY H 78 38.69 -43.95 10.04
C GLY H 78 37.80 -45.05 9.49
N ARG H 79 37.40 -46.00 10.34
CA ARG H 79 36.64 -47.18 9.87
C ARG H 79 35.28 -47.18 10.60
N ILE H 80 34.22 -47.23 9.79
CA ILE H 80 32.84 -47.27 10.29
C ILE H 80 32.59 -48.63 10.95
N PHE H 81 32.13 -48.61 12.19
CA PHE H 81 31.60 -49.80 12.91
C PHE H 81 30.23 -49.41 13.41
N LEU H 82 29.23 -50.01 12.78
CA LEU H 82 27.81 -49.77 13.10
C LEU H 82 27.42 -50.62 14.30
N GLN H 83 26.49 -50.12 15.08
CA GLN H 83 25.93 -50.86 16.23
C GLN H 83 24.41 -50.96 16.04
N ASP H 84 23.79 -51.82 16.83
CA ASP H 84 22.31 -51.91 16.83
C ASP H 84 21.72 -50.50 17.06
N ILE H 85 20.61 -50.21 16.39
CA ILE H 85 19.82 -48.98 16.63
C ILE H 85 18.72 -49.34 17.62
N GLN H 86 18.85 -48.84 18.84
CA GLN H 86 17.89 -49.15 19.93
C GLN H 86 16.55 -48.52 19.61
N LYS H 87 15.48 -49.24 19.88
CA LYS H 87 14.12 -48.70 19.73
C LYS H 87 13.89 -47.59 20.77
N PRO H 88 12.98 -46.66 20.45
CA PRO H 88 12.70 -45.53 21.34
C PRO H 88 12.14 -45.97 22.70
N ASP H 89 12.18 -45.05 23.66
CA ASP H 89 11.77 -45.28 25.07
C ASP H 89 10.25 -45.49 25.15
N GLU H 90 9.46 -45.02 24.18
CA GLU H 90 7.99 -45.10 24.24
C GLU H 90 7.51 -45.72 22.95
N ASP H 91 6.37 -46.41 23.02
CA ASP H 91 5.56 -46.80 21.83
C ASP H 91 4.45 -45.76 21.59
N ASP H 92 3.89 -45.22 22.68
CA ASP H 92 2.72 -44.28 22.70
C ASP H 92 3.26 -42.94 23.22
N TRP H 93 3.23 -41.89 22.43
CA TRP H 93 3.87 -40.61 22.80
C TRP H 93 2.86 -39.68 23.49
N GLU H 94 1.61 -40.13 23.70
CA GLU H 94 0.60 -39.52 24.62
C GLU H 94 -0.08 -38.28 24.00
N SER H 95 0.67 -37.34 23.45
CA SER H 95 0.07 -36.06 23.00
C SER H 95 1.08 -35.30 22.15
N GLY H 96 0.56 -34.34 21.39
CA GLY H 96 1.40 -33.40 20.65
C GLY H 96 2.38 -32.69 21.55
N LEU H 97 1.92 -32.19 22.70
CA LEU H 97 2.81 -31.51 23.67
C LEU H 97 3.87 -32.48 24.18
N ASN H 98 3.47 -33.68 24.62
CA ASN H 98 4.45 -34.66 25.16
C ASN H 98 5.51 -35.00 24.10
N ALA H 99 5.11 -35.18 22.84
CA ALA H 99 6.09 -35.52 21.78
C ALA H 99 7.07 -34.35 21.58
N MET H 100 6.58 -33.11 21.59
CA MET H 100 7.46 -31.94 21.45
C MET H 100 8.44 -31.85 22.64
N GLU H 101 7.99 -32.15 23.86
CA GLU H 101 8.84 -32.16 25.07
C GLU H 101 9.91 -33.25 24.96
N GLU H 102 9.54 -34.46 24.57
CA GLU H 102 10.48 -35.59 24.37
C GLU H 102 11.49 -35.21 23.28
N ALA H 103 11.05 -34.58 22.18
CA ALA H 103 11.96 -34.19 21.08
C ALA H 103 12.95 -33.14 21.60
N LEU H 104 12.48 -32.17 22.41
CA LEU H 104 13.36 -31.14 22.97
C LEU H 104 14.44 -31.84 23.84
N GLU H 105 14.06 -32.78 24.70
CA GLU H 105 15.02 -33.50 25.58
C GLU H 105 15.99 -34.27 24.68
N LEU H 106 15.48 -34.95 23.64
CA LEU H 106 16.36 -35.72 22.70
C LEU H 106 17.38 -34.79 22.05
N GLU H 107 16.95 -33.63 21.54
CA GLU H 107 17.87 -32.72 20.82
C GLU H 107 18.90 -32.16 21.82
N LYS H 108 18.51 -31.88 23.05
CA LYS H 108 19.50 -31.42 24.07
C LYS H 108 20.51 -32.54 24.39
N ASN H 109 20.08 -33.81 24.47
CA ASN H 109 21.01 -34.96 24.67
C ASN H 109 21.97 -35.06 23.48
N VAL H 110 21.49 -34.94 22.26
CA VAL H 110 22.36 -35.09 21.06
C VAL H 110 23.37 -33.92 21.07
N ASN H 111 22.89 -32.74 21.46
CA ASN H 111 23.73 -31.51 21.53
C ASN H 111 24.85 -31.73 22.58
N GLN H 112 24.51 -32.26 23.75
CA GLN H 112 25.52 -32.58 24.79
C GLN H 112 26.58 -33.52 24.20
N SER H 113 26.15 -34.56 23.48
CA SER H 113 27.08 -35.53 22.87
C SER H 113 28.00 -34.83 21.83
N LEU H 114 27.46 -33.91 21.02
CA LEU H 114 28.26 -33.18 20.01
C LEU H 114 29.22 -32.26 20.72
N LEU H 115 28.78 -31.63 21.82
CA LEU H 115 29.68 -30.74 22.61
C LEU H 115 30.83 -31.55 23.22
N GLU H 116 30.56 -32.76 23.68
CA GLU H 116 31.62 -33.69 24.18
C GLU H 116 32.58 -34.06 23.03
N LEU H 117 32.04 -34.31 21.84
CA LEU H 117 32.83 -34.63 20.65
C LEU H 117 33.73 -33.44 20.31
N HIS H 118 33.19 -32.24 20.32
CA HIS H 118 33.94 -31.01 20.06
C HIS H 118 35.09 -30.84 21.07
N LYS H 119 34.83 -31.13 22.33
CA LYS H 119 35.84 -31.04 23.40
C LYS H 119 36.96 -32.05 23.09
N LEU H 120 36.60 -33.25 22.66
CA LEU H 120 37.62 -34.27 22.30
C LEU H 120 38.44 -33.78 21.09
N ALA H 121 37.79 -33.23 20.05
CA ALA H 121 38.50 -32.68 18.87
C ALA H 121 39.53 -31.60 19.33
N THR H 122 39.10 -30.67 20.18
CA THR H 122 39.94 -29.60 20.74
C THR H 122 41.12 -30.23 21.51
N ASP H 123 40.86 -31.14 22.42
CA ASP H 123 41.91 -31.76 23.29
C ASP H 123 42.94 -32.50 22.42
N LYS H 124 42.51 -33.09 21.30
CA LYS H 124 43.41 -33.82 20.40
C LYS H 124 43.96 -32.90 19.30
N ASN H 125 43.67 -31.61 19.33
CA ASN H 125 44.26 -30.62 18.38
C ASN H 125 43.90 -31.06 16.96
N ASP H 126 42.59 -31.28 16.70
CA ASP H 126 42.05 -31.72 15.40
C ASP H 126 41.16 -30.58 14.95
N PRO H 127 41.71 -29.51 14.32
CA PRO H 127 40.88 -28.35 13.98
C PRO H 127 39.92 -28.65 12.82
N HIS H 128 40.30 -29.59 11.95
CA HIS H 128 39.37 -30.01 10.87
C HIS H 128 38.12 -30.60 11.50
N LEU H 129 38.29 -31.48 12.47
CA LEU H 129 37.11 -32.13 13.11
C LEU H 129 36.32 -31.11 13.91
N ALA H 130 36.99 -30.25 14.68
CA ALA H 130 36.33 -29.14 15.42
C ALA H 130 35.45 -28.33 14.46
N ASP H 131 36.03 -27.86 13.35
CA ASP H 131 35.34 -27.04 12.33
C ASP H 131 34.12 -27.80 11.74
N PHE H 132 34.28 -29.09 11.49
CA PHE H 132 33.21 -29.92 10.88
C PHE H 132 31.98 -29.97 11.82
N ILE H 133 32.23 -30.17 13.11
CA ILE H 133 31.16 -30.25 14.14
C ILE H 133 30.48 -28.90 14.27
N GLU H 134 31.26 -27.82 14.38
CA GLU H 134 30.71 -26.44 14.47
C GLU H 134 29.90 -26.13 13.20
N THR H 135 30.43 -26.46 12.04
CA THR H 135 29.86 -25.98 10.76
C THR H 135 28.56 -26.73 10.48
N HIS H 136 28.56 -28.04 10.73
CA HIS H 136 27.46 -28.89 10.24
C HIS H 136 26.53 -29.30 11.37
N TYR H 137 26.90 -29.21 12.65
CA TYR H 137 26.08 -29.83 13.70
C TYR H 137 25.66 -28.79 14.75
N LEU H 138 26.58 -27.99 15.30
CA LEU H 138 26.29 -27.22 16.53
C LEU H 138 25.26 -26.14 16.25
N ASN H 139 25.33 -25.41 15.11
CA ASN H 139 24.29 -24.37 14.88
C ASN H 139 22.96 -25.02 14.50
N GLU H 140 22.97 -26.13 13.76
CA GLU H 140 21.71 -26.90 13.51
C GLU H 140 21.08 -27.28 14.86
N GLN H 141 21.85 -27.75 15.86
CA GLN H 141 21.26 -28.18 17.13
C GLN H 141 20.64 -26.99 17.87
N VAL H 142 21.33 -25.84 17.92
CA VAL H 142 20.81 -24.64 18.61
C VAL H 142 19.48 -24.23 17.93
N CYS H 143 19.40 -24.24 16.59
CA CYS H 143 18.16 -23.91 15.83
C CYS H 143 17.05 -24.92 16.16
N ALA H 144 17.35 -26.22 16.19
CA ALA H 144 16.32 -27.25 16.47
C ALA H 144 15.77 -27.08 17.88
N ILE H 145 16.66 -26.85 18.86
CA ILE H 145 16.28 -26.73 20.30
C ILE H 145 15.41 -25.48 20.48
N LYS H 146 15.76 -24.39 19.81
CA LYS H 146 14.96 -23.13 19.90
C LYS H 146 13.58 -23.35 19.29
N GLU H 147 13.48 -23.98 18.12
CA GLU H 147 12.18 -24.25 17.45
C GLU H 147 11.33 -25.14 18.35
N LEU H 148 11.91 -26.21 18.90
CA LEU H 148 11.14 -27.14 19.77
C LEU H 148 10.69 -26.40 21.04
N GLY H 149 11.56 -25.54 21.61
CA GLY H 149 11.17 -24.70 22.74
C GLY H 149 9.96 -23.81 22.40
N ASP H 150 9.99 -23.14 21.25
CA ASP H 150 8.90 -22.24 20.79
C ASP H 150 7.60 -23.07 20.68
N HIS H 151 7.68 -24.28 20.11
CA HIS H 151 6.50 -25.16 19.92
C HIS H 151 5.91 -25.59 21.25
N VAL H 152 6.76 -26.00 22.20
CA VAL H 152 6.34 -26.42 23.55
C VAL H 152 5.64 -25.22 24.22
N THR H 153 6.20 -24.01 24.08
CA THR H 153 5.66 -22.80 24.75
C THR H 153 4.23 -22.55 24.22
N ASN H 154 4.06 -22.60 22.90
CA ASN H 154 2.78 -22.27 22.27
C ASN H 154 1.74 -23.32 22.65
N LEU H 155 2.10 -24.59 22.58
CA LEU H 155 1.13 -25.65 22.96
C LEU H 155 0.70 -25.45 24.41
N ARG H 156 1.62 -25.18 25.31
CA ARG H 156 1.32 -25.00 26.74
C ARG H 156 0.41 -23.77 26.90
N LYS H 157 0.72 -22.66 26.26
CA LYS H 157 -0.08 -21.41 26.39
C LYS H 157 -1.48 -21.63 25.80
N MET H 158 -1.62 -22.43 24.76
CA MET H 158 -2.93 -22.72 24.15
C MET H 158 -3.80 -23.64 25.03
N GLY H 159 -3.25 -24.37 26.00
CA GLY H 159 -4.00 -25.27 26.91
C GLY H 159 -3.74 -26.72 26.61
N ALA H 160 -2.72 -27.08 25.82
CA ALA H 160 -2.40 -28.50 25.59
C ALA H 160 -1.79 -29.05 26.88
N PRO H 161 -1.89 -30.37 27.15
CA PRO H 161 -2.50 -31.34 26.23
C PRO H 161 -3.99 -31.61 26.50
N GLU H 162 -4.51 -31.04 27.60
CA GLU H 162 -5.91 -31.23 28.02
C GLU H 162 -6.87 -30.74 26.95
N SER H 163 -6.56 -29.60 26.29
CA SER H 163 -7.36 -29.02 25.18
C SER H 163 -6.99 -29.73 23.86
N GLY H 164 -7.84 -30.67 23.45
CA GLY H 164 -7.69 -31.31 22.13
C GLY H 164 -7.90 -30.28 20.99
N LEU H 165 -8.74 -29.26 21.24
CA LEU H 165 -8.86 -28.03 20.38
C LEU H 165 -7.48 -27.36 20.20
N ALA H 166 -6.69 -27.21 21.27
CA ALA H 166 -5.36 -26.59 21.18
C ALA H 166 -4.43 -27.39 20.23
N GLU H 167 -4.33 -28.72 20.38
CA GLU H 167 -3.42 -29.53 19.53
C GLU H 167 -3.91 -29.46 18.09
N TYR H 168 -5.22 -29.45 17.89
CA TYR H 168 -5.84 -29.45 16.55
C TYR H 168 -5.44 -28.15 15.86
N LEU H 169 -5.59 -27.03 16.58
CA LEU H 169 -5.34 -25.71 15.93
C LEU H 169 -3.84 -25.49 15.76
N PHE H 170 -3.00 -25.98 16.66
CA PHE H 170 -1.52 -25.91 16.52
C PHE H 170 -1.07 -26.72 15.30
N ASP H 171 -1.63 -27.93 15.15
CA ASP H 171 -1.41 -28.79 13.97
C ASP H 171 -1.72 -27.99 12.69
N LYS H 172 -2.85 -27.30 12.65
CA LYS H 172 -3.22 -26.58 11.40
C LYS H 172 -2.38 -25.33 11.18
N HIS H 173 -2.22 -24.49 12.20
CA HIS H 173 -1.76 -23.09 11.99
C HIS H 173 -0.23 -22.98 12.14
N THR H 174 0.40 -23.82 12.94
CA THR H 174 1.86 -23.77 13.10
C THR H 174 2.48 -24.86 12.22
N LEU H 175 2.05 -26.11 12.30
CA LEU H 175 2.80 -27.17 11.58
C LEU H 175 2.25 -27.34 10.17
N GLY H 176 1.12 -26.79 9.78
CA GLY H 176 0.52 -27.04 8.45
C GLY H 176 1.02 -26.06 7.39
#